data_2XMN
#
_entry.id   2XMN
#
_cell.length_a   134.124
_cell.length_b   135.524
_cell.length_c   136.343
_cell.angle_alpha   90.00
_cell.angle_beta   90.00
_cell.angle_gamma   90.00
#
_symmetry.space_group_name_H-M   'P 21 21 21'
#
loop_
_entity.id
_entity.type
_entity.pdbx_description
1 polymer 'Outer membrane protein TolC'
2 non-polymer 'CHLORIDE ION'
3 non-polymer DODECYL-BETA-D-MALTOSIDE
4 water water
#
_entity_poly.entity_id   1
_entity_poly.type   'polypeptide(L)'
_entity_poly.pdbx_seq_one_letter_code
;ENLMQVYQQARLSNPELRKSAADRDAAFEKINEARSPLLPQLGLGADYTYSNGYRDANGINSNATSASLQLTQSIFDMSK
WRALTLQEKAAGIQDVTYQTDQQTLILNTATAYFNVLNAIDVLSYTQAQKEAIYRQLDQTTQRFNVGLVAITDVQNARAQ
YDTVLANELTARNNLDNAVEQLRQITGNYYPELAALNVENFKTDKPQPVNALLKEAEKRNLSLLQARLSQDLAREQIRQA
QDGHLPTLDLTASTGISDTSYSGSKTRGAAGTQYDDSNMGQNKVGLSFSLPIYQGGMVNSQVKQAQYNFVGASEQLESAH
RSVVQTVRSSFNNINASISSINAYKQAVVSAQSSLDAMEAGFSVGTSTIVDVLDATTTLYNAKQELANARYNYLINQLNI
KSALGTLNEQDLLALNNALSKPVSTNPE
;
_entity_poly.pdbx_strand_id   A,B,C
#
loop_
_chem_comp.id
_chem_comp.type
_chem_comp.name
_chem_comp.formula
CL non-polymer 'CHLORIDE ION' 'Cl -1'
LMT D-saccharide DODECYL-BETA-D-MALTOSIDE 'C24 H46 O11'
#
# COMPACT_ATOMS: atom_id res chain seq x y z
N GLU A 1 34.85 1.86 -3.24
CA GLU A 1 35.02 1.38 -1.87
C GLU A 1 34.45 -0.01 -1.71
N ASN A 2 34.67 -0.62 -0.54
CA ASN A 2 34.12 -1.94 -0.27
C ASN A 2 32.70 -1.87 0.28
N LEU A 3 32.10 -3.02 0.56
CA LEU A 3 30.75 -3.03 1.12
C LEU A 3 30.66 -2.16 2.36
N MET A 4 31.50 -2.44 3.36
CA MET A 4 31.49 -1.69 4.62
C MET A 4 31.44 -0.20 4.39
N GLN A 5 32.43 0.31 3.67
CA GLN A 5 32.56 1.75 3.47
C GLN A 5 31.34 2.36 2.78
N VAL A 6 30.71 1.62 1.88
CA VAL A 6 29.51 2.13 1.25
C VAL A 6 28.41 2.19 2.31
N TYR A 7 28.07 1.03 2.87
CA TYR A 7 27.08 0.96 3.93
C TYR A 7 27.24 2.09 4.94
N GLN A 8 28.42 2.18 5.54
CA GLN A 8 28.67 3.17 6.58
C GLN A 8 28.36 4.60 6.15
N GLN A 9 28.76 4.96 4.93
CA GLN A 9 28.43 6.28 4.41
C GLN A 9 26.93 6.45 4.19
N ALA A 10 26.22 5.36 3.94
CA ALA A 10 24.77 5.43 3.80
C ALA A 10 24.08 5.54 5.17
N ARG A 11 24.64 4.87 6.17
CA ARG A 11 24.11 4.94 7.52
C ARG A 11 23.97 6.40 7.96
N LEU A 12 24.92 7.22 7.58
CA LEU A 12 24.94 8.60 8.03
C LEU A 12 24.03 9.51 7.23
N SER A 13 23.40 9.01 6.18
CA SER A 13 22.71 9.91 5.27
C SER A 13 21.34 9.41 4.79
N ASN A 14 21.02 8.15 5.04
CA ASN A 14 19.81 7.59 4.48
C ASN A 14 18.59 8.28 5.02
N PRO A 15 17.91 9.08 4.17
CA PRO A 15 16.74 9.84 4.62
C PRO A 15 15.55 8.93 4.88
N GLU A 16 15.73 7.66 4.55
CA GLU A 16 14.73 6.68 4.84
C GLU A 16 14.87 6.29 6.30
N LEU A 17 16.09 5.98 6.70
CA LEU A 17 16.35 5.59 8.08
C LEU A 17 16.38 6.78 9.05
N ARG A 18 16.73 7.95 8.51
CA ARG A 18 16.78 9.15 9.33
C ARG A 18 15.35 9.60 9.68
N LYS A 19 14.41 9.40 8.75
CA LYS A 19 13.02 9.66 9.07
C LYS A 19 12.49 8.67 10.12
N SER A 20 12.71 7.37 9.90
CA SER A 20 12.33 6.38 10.88
C SER A 20 12.83 6.74 12.28
N ALA A 21 13.96 7.43 12.34
CA ALA A 21 14.54 7.84 13.61
C ALA A 21 13.74 8.99 14.23
N ALA A 22 13.34 9.94 13.40
CA ALA A 22 12.58 11.10 13.88
C ALA A 22 11.19 10.67 14.38
N ASP A 23 10.68 9.56 13.83
CA ASP A 23 9.41 8.99 14.28
C ASP A 23 9.59 8.35 15.64
N ARG A 24 10.70 7.63 15.83
CA ARG A 24 11.04 7.02 17.11
C ARG A 24 11.25 8.12 18.13
N ASP A 25 11.96 9.18 17.72
CA ASP A 25 12.32 10.27 18.62
C ASP A 25 11.08 10.99 19.12
N ALA A 26 10.11 11.19 18.23
CA ALA A 26 8.86 11.85 18.64
C ALA A 26 8.04 10.98 19.58
N ALA A 27 7.88 9.70 19.25
CA ALA A 27 7.07 8.82 20.09
C ALA A 27 7.62 8.76 21.52
N PHE A 28 8.93 8.78 21.67
CA PHE A 28 9.51 8.76 23.00
C PHE A 28 9.31 10.08 23.75
N GLU A 29 9.44 11.20 23.03
CA GLU A 29 9.20 12.51 23.63
C GLU A 29 7.74 12.64 24.06
N LYS A 30 6.84 12.08 23.26
CA LYS A 30 5.41 12.17 23.53
C LYS A 30 5.00 11.44 24.80
N ILE A 31 5.89 10.63 25.36
CA ILE A 31 5.66 10.11 26.70
C ILE A 31 5.50 11.30 27.65
N ASN A 32 6.42 12.26 27.56
CA ASN A 32 6.31 13.50 28.31
C ASN A 32 4.92 14.18 28.23
N GLU A 33 4.38 14.38 27.03
CA GLU A 33 3.05 14.98 26.94
C GLU A 33 1.96 14.08 27.56
N ALA A 34 2.24 12.79 27.70
CA ALA A 34 1.25 11.87 28.26
C ALA A 34 1.34 11.84 29.77
N ARG A 35 2.50 12.18 30.29
CA ARG A 35 2.68 12.23 31.72
C ARG A 35 2.06 13.52 32.23
N SER A 36 1.95 14.52 31.37
CA SER A 36 1.66 15.89 31.86
C SER A 36 0.35 16.07 32.67
N PRO A 37 -0.72 15.35 32.31
CA PRO A 37 -1.98 15.49 33.06
C PRO A 37 -1.90 14.94 34.49
N LEU A 38 -0.81 14.28 34.83
CA LEU A 38 -0.62 13.79 36.19
C LEU A 38 0.13 14.84 37.01
N LEU A 39 0.46 15.96 36.38
CA LEU A 39 1.16 17.04 37.06
C LEU A 39 0.28 18.25 37.30
N PRO A 40 0.81 19.25 38.03
CA PRO A 40 -0.03 20.41 38.33
C PRO A 40 -0.27 21.31 37.12
N GLN A 41 -1.54 21.63 36.86
CA GLN A 41 -1.93 22.56 35.81
C GLN A 41 -2.15 23.91 36.44
N LEU A 42 -1.53 24.95 35.89
CA LEU A 42 -1.53 26.25 36.57
C LEU A 42 -1.82 27.42 35.63
N GLY A 43 -3.04 27.96 35.73
CA GLY A 43 -3.49 29.00 34.83
C GLY A 43 -3.77 30.35 35.47
N LEU A 44 -4.03 31.35 34.64
CA LEU A 44 -4.32 32.70 35.09
C LEU A 44 -5.45 33.30 34.25
N GLY A 45 -6.58 33.62 34.91
CA GLY A 45 -7.70 34.25 34.24
C GLY A 45 -8.12 35.56 34.91
N ALA A 46 -8.36 36.57 34.07
CA ALA A 46 -8.93 37.83 34.50
C ALA A 46 -10.12 38.14 33.62
N ASP A 47 -11.27 38.43 34.24
CA ASP A 47 -12.50 38.65 33.47
C ASP A 47 -13.17 39.98 33.80
N TYR A 48 -12.98 40.99 32.97
CA TYR A 48 -13.82 42.18 33.01
C TYR A 48 -15.26 41.97 32.47
N THR A 49 -16.27 42.46 33.17
CA THR A 49 -17.65 42.32 32.66
C THR A 49 -18.50 43.55 32.96
N TYR A 50 -19.25 44.01 31.99
CA TYR A 50 -20.17 45.12 32.24
C TYR A 50 -21.60 44.68 32.05
N SER A 51 -22.37 44.60 33.13
CA SER A 51 -23.79 44.28 33.01
C SER A 51 -24.64 45.58 32.95
N ASN A 52 -25.82 45.47 32.32
CA ASN A 52 -26.75 46.59 32.18
C ASN A 52 -28.17 46.11 32.36
N GLY A 53 -28.74 46.34 33.55
CA GLY A 53 -30.06 45.87 33.90
C GLY A 53 -31.21 46.50 33.13
N TYR A 54 -32.19 45.67 32.80
CA TYR A 54 -33.50 46.11 32.34
C TYR A 54 -34.58 45.21 32.97
N ARG A 55 -35.85 45.56 32.74
CA ARG A 55 -36.99 45.00 33.49
C ARG A 55 -36.88 45.32 35.00
N ASP A 56 -37.20 44.34 35.86
CA ASP A 56 -37.03 44.50 37.31
C ASP A 56 -35.62 44.91 37.71
N ALA A 57 -34.81 45.26 36.72
CA ALA A 57 -33.43 45.70 36.95
C ALA A 57 -33.13 46.96 36.15
N ASN A 58 -34.16 47.53 35.49
CA ASN A 58 -34.02 48.82 34.84
C ASN A 58 -33.44 49.82 35.85
N GLY A 59 -32.19 50.19 35.65
CA GLY A 59 -31.54 51.14 36.52
C GLY A 59 -30.46 50.56 37.42
N ILE A 60 -30.24 49.25 37.33
CA ILE A 60 -29.13 48.62 38.03
C ILE A 60 -28.09 48.26 37.00
N ASN A 61 -26.90 48.82 37.15
CA ASN A 61 -25.80 48.55 36.23
C ASN A 61 -24.56 48.18 37.03
N SER A 62 -23.65 47.41 36.43
CA SER A 62 -22.45 46.99 37.14
C SER A 62 -21.22 46.88 36.23
N ASN A 63 -20.07 47.28 36.75
CA ASN A 63 -18.79 47.05 36.11
C ASN A 63 -17.98 46.17 37.05
N ALA A 64 -17.81 44.91 36.68
CA ALA A 64 -17.10 43.96 37.54
C ALA A 64 -15.76 43.46 36.95
N THR A 65 -14.86 43.09 37.83
CA THR A 65 -13.52 42.70 37.42
C THR A 65 -13.05 41.60 38.35
N SER A 66 -12.62 40.50 37.78
CA SER A 66 -12.08 39.44 38.60
C SER A 66 -10.81 38.88 37.97
N ALA A 67 -9.98 38.26 38.78
CA ALA A 67 -8.75 37.63 38.34
C ALA A 67 -8.48 36.53 39.34
N SER A 68 -7.76 35.51 38.87
CA SER A 68 -7.50 34.35 39.71
C SER A 68 -6.33 33.52 39.20
N LEU A 69 -5.65 32.90 40.15
CA LEU A 69 -4.57 31.98 39.85
C LEU A 69 -5.12 30.60 40.18
N GLN A 70 -5.58 29.89 39.15
CA GLN A 70 -6.16 28.57 39.32
C GLN A 70 -5.12 27.45 39.19
N LEU A 71 -5.33 26.39 39.96
CA LEU A 71 -4.48 25.20 39.92
C LEU A 71 -5.31 23.92 40.02
N THR A 72 -5.07 22.98 39.09
CA THR A 72 -5.70 21.68 39.16
C THR A 72 -4.67 20.58 39.35
N GLN A 73 -5.08 19.50 39.99
CA GLN A 73 -4.19 18.37 40.23
C GLN A 73 -4.94 17.05 40.27
N SER A 74 -4.61 16.14 39.35
CA SER A 74 -5.22 14.83 39.39
C SER A 74 -4.76 14.15 40.67
N ILE A 75 -5.69 13.61 41.43
CA ILE A 75 -5.33 12.90 42.64
C ILE A 75 -5.56 11.41 42.48
N PHE A 76 -6.68 11.04 41.87
CA PHE A 76 -6.86 9.66 41.43
C PHE A 76 -7.66 9.55 40.14
N ASP A 77 -6.95 9.49 39.02
CA ASP A 77 -7.60 9.37 37.72
C ASP A 77 -6.92 8.26 36.95
N MET A 78 -7.45 7.05 37.06
CA MET A 78 -6.79 5.88 36.48
C MET A 78 -6.58 6.07 34.99
N SER A 79 -7.55 6.69 34.33
CA SER A 79 -7.50 6.89 32.89
C SER A 79 -6.26 7.67 32.41
N LYS A 80 -5.75 8.56 33.27
CA LYS A 80 -4.61 9.41 32.91
C LYS A 80 -3.30 8.66 33.10
N TRP A 81 -3.30 7.69 34.00
CA TRP A 81 -2.14 6.84 34.22
C TRP A 81 -2.03 5.83 33.08
N ARG A 82 -3.20 5.45 32.57
CA ARG A 82 -3.29 4.51 31.48
C ARG A 82 -2.75 5.12 30.21
N ALA A 83 -3.03 6.39 29.97
CA ALA A 83 -2.57 7.06 28.75
C ALA A 83 -1.06 7.11 28.77
N LEU A 84 -0.52 7.44 29.93
CA LEU A 84 0.92 7.43 30.12
C LEU A 84 1.45 6.03 29.80
N THR A 85 0.74 5.00 30.25
CA THR A 85 1.22 3.65 30.10
C THR A 85 1.23 3.26 28.60
N LEU A 86 0.20 3.67 27.88
CA LEU A 86 0.06 3.39 26.45
C LEU A 86 1.10 4.13 25.60
N GLN A 87 1.38 5.39 25.95
CA GLN A 87 2.36 6.15 25.18
C GLN A 87 3.73 5.53 25.33
N GLU A 88 4.02 4.98 26.51
CA GLU A 88 5.27 4.25 26.70
C GLU A 88 5.29 3.07 25.75
N LYS A 89 4.18 2.34 25.70
CA LYS A 89 4.11 1.15 24.90
C LYS A 89 4.23 1.46 23.40
N ALA A 90 3.50 2.47 22.93
CA ALA A 90 3.63 2.93 21.54
C ALA A 90 5.06 3.32 21.19
N ALA A 91 5.75 3.98 22.13
CA ALA A 91 7.15 4.33 21.92
C ALA A 91 8.01 3.09 21.76
N GLY A 92 7.76 2.07 22.58
CA GLY A 92 8.48 0.81 22.47
C GLY A 92 8.26 0.20 21.09
N ILE A 93 7.02 0.27 20.64
CA ILE A 93 6.68 -0.25 19.33
C ILE A 93 7.47 0.50 18.25
N GLN A 94 7.44 1.84 18.29
CA GLN A 94 8.15 2.63 17.31
C GLN A 94 9.63 2.25 17.27
N ASP A 95 10.17 1.82 18.41
CA ASP A 95 11.58 1.46 18.50
C ASP A 95 11.88 0.11 17.84
N VAL A 96 10.95 -0.81 17.93
CA VAL A 96 11.11 -2.07 17.22
C VAL A 96 11.00 -1.77 15.73
N THR A 97 10.14 -0.83 15.37
CA THR A 97 10.02 -0.41 13.97
C THR A 97 11.32 0.21 13.46
N TYR A 98 11.96 1.04 14.28
CA TYR A 98 13.28 1.56 13.92
C TYR A 98 14.28 0.40 13.78
N GLN A 99 14.30 -0.50 14.75
CA GLN A 99 15.18 -1.67 14.68
C GLN A 99 15.01 -2.39 13.34
N THR A 100 13.77 -2.56 12.92
CA THR A 100 13.47 -3.19 11.64
C THR A 100 13.99 -2.39 10.47
N ASP A 101 13.85 -1.07 10.55
CA ASP A 101 14.26 -0.20 9.46
C ASP A 101 15.78 -0.13 9.35
N GLN A 102 16.46 -0.29 10.49
CA GLN A 102 17.91 -0.39 10.54
C GLN A 102 18.42 -1.56 9.70
N GLN A 103 17.83 -2.74 9.93
CA GLN A 103 18.12 -3.94 9.15
C GLN A 103 17.86 -3.72 7.68
N THR A 104 16.69 -3.19 7.35
CA THR A 104 16.39 -2.91 5.95
C THR A 104 17.44 -2.05 5.25
N LEU A 105 18.04 -1.09 5.94
CA LEU A 105 19.16 -0.36 5.33
C LEU A 105 20.32 -1.31 4.93
N ILE A 106 20.67 -2.20 5.85
CA ILE A 106 21.67 -3.20 5.57
C ILE A 106 21.34 -4.11 4.36
N LEU A 107 20.20 -4.78 4.38
CA LEU A 107 19.86 -5.66 3.25
C LEU A 107 19.77 -4.91 1.93
N ASN A 108 19.40 -3.63 1.98
CA ASN A 108 19.13 -2.88 0.77
C ASN A 108 20.39 -2.31 0.16
N THR A 109 21.36 -2.02 1.02
CA THR A 109 22.67 -1.51 0.61
C THR A 109 23.47 -2.66 0.02
N ALA A 110 23.48 -3.80 0.73
CA ALA A 110 24.14 -4.99 0.19
C ALA A 110 23.56 -5.30 -1.17
N THR A 111 22.24 -5.36 -1.27
CA THR A 111 21.62 -5.76 -2.53
C THR A 111 22.02 -4.86 -3.68
N ALA A 112 21.99 -3.54 -3.47
CA ALA A 112 22.29 -2.64 -4.56
C ALA A 112 23.76 -2.78 -4.94
N TYR A 113 24.60 -2.99 -3.92
CA TYR A 113 26.03 -3.15 -4.12
C TYR A 113 26.33 -4.34 -5.04
N PHE A 114 25.70 -5.48 -4.79
CA PHE A 114 25.95 -6.66 -5.60
C PHE A 114 25.28 -6.57 -6.95
N ASN A 115 24.13 -5.91 -6.99
CA ASN A 115 23.46 -5.70 -8.25
C ASN A 115 24.31 -4.87 -9.21
N VAL A 116 25.22 -4.06 -8.65
CA VAL A 116 26.21 -3.34 -9.46
C VAL A 116 27.35 -4.27 -9.88
N LEU A 117 27.89 -5.01 -8.93
CA LEU A 117 28.93 -5.98 -9.19
C LEU A 117 28.53 -6.94 -10.34
N ASN A 118 27.23 -7.27 -10.37
CA ASN A 118 26.68 -8.18 -11.36
C ASN A 118 26.54 -7.47 -12.71
N ALA A 119 26.07 -6.22 -12.68
CA ALA A 119 25.90 -5.43 -13.89
C ALA A 119 27.24 -5.27 -14.54
N ILE A 120 28.27 -5.30 -13.71
CA ILE A 120 29.64 -5.23 -14.14
C ILE A 120 30.08 -6.57 -14.75
N ASP A 121 29.92 -7.67 -14.00
CA ASP A 121 30.26 -8.99 -14.51
C ASP A 121 29.59 -9.19 -15.86
N VAL A 122 28.28 -8.93 -15.91
CA VAL A 122 27.55 -9.14 -17.16
C VAL A 122 28.15 -8.33 -18.32
N LEU A 123 28.42 -7.06 -18.08
CA LEU A 123 29.07 -6.25 -19.10
C LEU A 123 30.37 -6.90 -19.60
N SER A 124 31.32 -7.13 -18.70
CA SER A 124 32.65 -7.59 -19.10
C SER A 124 32.62 -8.97 -19.80
N TYR A 125 31.67 -9.84 -19.41
CA TYR A 125 31.48 -11.09 -20.16
C TYR A 125 30.89 -10.78 -21.53
N THR A 126 29.90 -9.90 -21.58
CA THR A 126 29.30 -9.53 -22.85
C THR A 126 30.34 -8.88 -23.80
N GLN A 127 31.32 -8.18 -23.23
CA GLN A 127 32.41 -7.61 -24.03
C GLN A 127 33.39 -8.68 -24.53
N ALA A 128 33.69 -9.65 -23.67
CA ALA A 128 34.52 -10.80 -24.02
C ALA A 128 33.82 -11.71 -25.06
N GLN A 129 32.49 -11.75 -25.01
CA GLN A 129 31.70 -12.50 -25.98
C GLN A 129 31.73 -11.81 -27.34
N LYS A 130 31.52 -10.49 -27.31
CA LYS A 130 31.69 -9.65 -28.49
C LYS A 130 33.06 -9.88 -29.10
N GLU A 131 34.10 -9.51 -28.36
CA GLU A 131 35.49 -9.65 -28.80
C GLU A 131 35.87 -11.03 -29.36
N ALA A 132 35.31 -12.08 -28.77
CA ALA A 132 35.58 -13.45 -29.25
C ALA A 132 34.88 -13.73 -30.57
N ILE A 133 33.70 -13.13 -30.76
CA ILE A 133 32.98 -13.31 -32.02
C ILE A 133 33.70 -12.58 -33.17
N TYR A 134 34.26 -11.41 -32.88
CA TYR A 134 34.96 -10.64 -33.89
C TYR A 134 36.10 -11.46 -34.51
N ARG A 135 36.95 -12.05 -33.67
CA ARG A 135 38.09 -12.84 -34.14
C ARG A 135 37.67 -14.11 -34.91
N GLN A 136 36.53 -14.69 -34.55
CA GLN A 136 36.00 -15.87 -35.24
C GLN A 136 35.31 -15.47 -36.53
N LEU A 137 34.90 -14.19 -36.59
CA LEU A 137 34.31 -13.61 -37.79
C LEU A 137 35.38 -13.25 -38.82
N ASP A 138 36.59 -12.94 -38.33
CA ASP A 138 37.70 -12.57 -39.20
C ASP A 138 38.61 -13.76 -39.57
N GLN A 139 38.18 -14.96 -39.22
CA GLN A 139 38.80 -16.17 -39.74
C GLN A 139 37.78 -16.88 -40.65
N THR A 140 36.52 -16.52 -40.46
CA THR A 140 35.45 -17.02 -41.33
C THR A 140 35.24 -16.07 -42.49
N THR A 141 35.96 -14.95 -42.48
CA THR A 141 35.89 -14.02 -43.60
C THR A 141 37.22 -13.97 -44.34
N GLN A 142 38.16 -14.80 -43.88
CA GLN A 142 39.44 -14.97 -44.57
C GLN A 142 39.58 -16.45 -44.97
N ARG A 143 38.45 -17.15 -44.88
CA ARG A 143 38.34 -18.51 -45.38
C ARG A 143 37.19 -18.58 -46.39
N PHE A 144 36.26 -17.61 -46.29
CA PHE A 144 35.23 -17.45 -47.33
C PHE A 144 35.88 -16.91 -48.60
N ASN A 145 36.79 -15.94 -48.42
CA ASN A 145 37.55 -15.38 -49.52
C ASN A 145 38.30 -16.45 -50.28
N VAL A 146 38.65 -17.52 -49.58
CA VAL A 146 39.43 -18.60 -50.14
C VAL A 146 38.51 -19.74 -50.57
N GLY A 147 37.22 -19.48 -50.55
CA GLY A 147 36.25 -20.33 -51.23
C GLY A 147 35.55 -21.44 -50.45
N LEU A 148 36.17 -21.91 -49.36
CA LEU A 148 35.67 -23.11 -48.69
C LEU A 148 34.73 -22.84 -47.50
N VAL A 149 33.95 -21.77 -47.59
CA VAL A 149 32.81 -21.54 -46.69
C VAL A 149 31.69 -20.75 -47.35
N ALA A 150 30.45 -21.23 -47.18
CA ALA A 150 29.28 -20.63 -47.83
C ALA A 150 29.03 -19.23 -47.32
N ILE A 151 28.41 -18.38 -48.15
CA ILE A 151 28.16 -17.00 -47.77
C ILE A 151 27.14 -16.87 -46.64
N THR A 152 26.28 -17.88 -46.52
CA THR A 152 25.24 -17.87 -45.47
C THR A 152 25.80 -18.24 -44.09
N ASP A 153 27.05 -18.70 -44.08
CA ASP A 153 27.78 -18.90 -42.83
C ASP A 153 28.34 -17.57 -42.35
N VAL A 154 28.51 -16.61 -43.26
CA VAL A 154 28.99 -15.28 -42.91
C VAL A 154 27.87 -14.27 -42.65
N GLN A 155 26.71 -14.48 -43.27
CA GLN A 155 25.55 -13.63 -43.03
C GLN A 155 24.94 -13.95 -41.68
N ASN A 156 24.93 -15.24 -41.34
CA ASN A 156 24.52 -15.72 -40.03
C ASN A 156 25.48 -15.20 -38.96
N ALA A 157 26.77 -15.28 -39.23
CA ALA A 157 27.79 -14.88 -38.24
C ALA A 157 27.79 -13.39 -38.00
N ARG A 158 27.45 -12.60 -39.01
CA ARG A 158 27.45 -11.15 -38.85
C ARG A 158 26.18 -10.69 -38.15
N ALA A 159 25.07 -11.35 -38.45
CA ALA A 159 23.79 -11.07 -37.78
C ALA A 159 23.88 -11.45 -36.31
N GLN A 160 24.76 -12.39 -35.99
CA GLN A 160 24.95 -12.86 -34.63
C GLN A 160 25.92 -11.99 -33.84
N TYR A 161 26.89 -11.37 -34.52
CA TYR A 161 27.75 -10.37 -33.87
C TYR A 161 26.97 -9.08 -33.60
N ASP A 162 26.06 -8.74 -34.52
CA ASP A 162 25.20 -7.56 -34.37
C ASP A 162 24.31 -7.67 -33.13
N THR A 163 23.94 -8.89 -32.79
CA THR A 163 23.18 -9.12 -31.57
C THR A 163 24.03 -8.91 -30.33
N VAL A 164 25.23 -9.49 -30.27
CA VAL A 164 26.09 -9.24 -29.13
C VAL A 164 26.44 -7.75 -29.06
N LEU A 165 26.35 -7.04 -30.18
CA LEU A 165 26.56 -5.60 -30.17
C LEU A 165 25.42 -4.86 -29.48
N ALA A 166 24.19 -5.30 -29.75
CA ALA A 166 23.01 -4.71 -29.15
C ALA A 166 22.86 -5.17 -27.70
N ASN A 167 23.43 -6.32 -27.38
CA ASN A 167 23.42 -6.81 -26.01
C ASN A 167 24.38 -6.01 -25.17
N GLU A 168 25.58 -5.74 -25.69
CA GLU A 168 26.55 -4.90 -24.98
C GLU A 168 25.90 -3.56 -24.65
N LEU A 169 24.99 -3.14 -25.52
CA LEU A 169 24.33 -1.85 -25.40
C LEU A 169 23.38 -1.81 -24.21
N THR A 170 22.38 -2.68 -24.24
CA THR A 170 21.45 -2.82 -23.11
C THR A 170 22.07 -3.59 -21.95
N ALA A 171 23.40 -3.54 -21.86
CA ALA A 171 24.09 -4.15 -20.73
C ALA A 171 24.68 -3.05 -19.88
N ARG A 172 25.31 -2.09 -20.53
CA ARG A 172 25.82 -0.93 -19.82
C ARG A 172 24.61 -0.20 -19.25
N ASN A 173 23.53 -0.08 -20.03
CA ASN A 173 22.36 0.62 -19.52
C ASN A 173 21.94 0.07 -18.15
N ASN A 174 21.69 -1.23 -18.13
CA ASN A 174 21.44 -1.98 -16.91
C ASN A 174 22.40 -1.60 -15.79
N LEU A 175 23.69 -1.49 -16.13
CA LEU A 175 24.76 -1.16 -15.19
C LEU A 175 24.59 0.26 -14.65
N ASP A 176 24.35 1.19 -15.57
CA ASP A 176 24.28 2.59 -15.23
C ASP A 176 23.13 2.87 -14.28
N ASN A 177 21.98 2.31 -14.59
CA ASN A 177 20.83 2.41 -13.69
C ASN A 177 21.11 1.72 -12.35
N ALA A 178 21.95 0.69 -12.36
CA ALA A 178 22.31 0.02 -11.11
C ALA A 178 23.04 0.96 -10.13
N VAL A 179 23.90 1.83 -10.66
CA VAL A 179 24.65 2.75 -9.81
C VAL A 179 23.73 3.89 -9.38
N GLU A 180 22.72 4.17 -10.20
CA GLU A 180 21.69 5.11 -9.81
C GLU A 180 20.90 4.57 -8.63
N GLN A 181 20.63 3.27 -8.67
CA GLN A 181 19.97 2.57 -7.55
C GLN A 181 20.83 2.77 -6.34
N LEU A 182 22.13 2.49 -6.50
CA LEU A 182 23.06 2.56 -5.39
C LEU A 182 23.15 3.99 -4.80
N ARG A 183 23.01 5.01 -5.64
CA ARG A 183 23.17 6.40 -5.22
C ARG A 183 22.03 6.85 -4.37
N GLN A 184 20.82 6.53 -4.81
CA GLN A 184 19.60 6.84 -4.08
C GLN A 184 19.71 6.31 -2.67
N ILE A 185 20.11 5.06 -2.54
CA ILE A 185 20.23 4.40 -1.24
C ILE A 185 21.37 4.97 -0.43
N THR A 186 22.42 5.36 -1.12
CA THR A 186 23.72 5.53 -0.46
C THR A 186 24.19 6.97 -0.42
N GLY A 187 23.64 7.77 -1.33
CA GLY A 187 23.97 9.19 -1.38
C GLY A 187 25.17 9.50 -2.26
N ASN A 188 25.84 8.47 -2.78
CA ASN A 188 27.07 8.65 -3.55
C ASN A 188 27.13 7.99 -4.93
N TYR A 189 28.16 8.36 -5.68
CA TYR A 189 28.54 7.68 -6.92
C TYR A 189 29.95 7.17 -6.74
N TYR A 190 30.16 5.90 -7.08
CA TYR A 190 31.47 5.31 -6.88
C TYR A 190 32.18 5.05 -8.20
N PRO A 191 33.41 5.56 -8.35
CA PRO A 191 34.15 5.28 -9.58
C PRO A 191 34.52 3.80 -9.65
N GLU A 192 34.79 3.21 -8.50
CA GLU A 192 35.10 1.80 -8.39
C GLU A 192 34.56 1.21 -7.11
N LEU A 193 34.30 -0.08 -7.13
CA LEU A 193 33.84 -0.79 -5.94
C LEU A 193 34.88 -1.80 -5.49
N ALA A 194 34.49 -3.07 -5.52
CA ALA A 194 35.35 -4.15 -5.09
C ALA A 194 34.52 -5.38 -5.30
N ALA A 195 34.92 -6.22 -6.26
CA ALA A 195 34.09 -7.38 -6.59
C ALA A 195 34.45 -8.66 -5.85
N LEU A 196 33.59 -9.65 -6.01
CA LEU A 196 33.69 -10.87 -5.23
C LEU A 196 34.95 -11.64 -5.63
N ASN A 197 35.92 -11.71 -4.72
CA ASN A 197 37.17 -12.44 -4.96
C ASN A 197 36.90 -13.88 -5.36
N VAL A 198 37.13 -14.18 -6.64
CA VAL A 198 36.57 -15.38 -7.26
C VAL A 198 37.18 -16.74 -6.88
N GLU A 199 38.48 -16.80 -6.68
CA GLU A 199 39.11 -18.05 -6.27
C GLU A 199 38.92 -18.32 -4.78
N ASN A 200 39.14 -17.28 -3.97
CA ASN A 200 38.92 -17.37 -2.52
C ASN A 200 37.45 -17.38 -2.15
N PHE A 201 36.70 -18.31 -2.72
CA PHE A 201 35.26 -18.38 -2.51
C PHE A 201 34.75 -19.80 -2.36
N LYS A 202 34.13 -20.06 -1.21
CA LYS A 202 33.49 -21.33 -0.95
C LYS A 202 32.14 -21.03 -0.30
N THR A 203 31.17 -21.90 -0.54
CA THR A 203 29.88 -21.78 0.13
C THR A 203 29.95 -22.46 1.48
N ASP A 204 29.29 -21.87 2.47
CA ASP A 204 29.14 -22.51 3.76
C ASP A 204 27.70 -22.95 3.95
N LYS A 205 27.53 -24.23 4.25
CA LYS A 205 26.24 -24.83 4.47
C LYS A 205 25.53 -24.06 5.59
N PRO A 206 24.19 -24.05 5.56
CA PRO A 206 23.40 -23.33 6.56
C PRO A 206 23.10 -24.19 7.77
N GLN A 207 22.83 -23.53 8.90
CA GLN A 207 22.40 -24.19 10.11
C GLN A 207 21.13 -24.99 9.85
N PRO A 208 20.87 -26.04 10.66
CA PRO A 208 19.67 -26.86 10.45
C PRO A 208 18.45 -25.96 10.47
N VAL A 209 17.39 -26.32 9.77
CA VAL A 209 16.24 -25.41 9.69
C VAL A 209 15.53 -25.23 11.05
N ASN A 210 15.46 -26.31 11.84
CA ASN A 210 14.78 -26.28 13.13
C ASN A 210 15.49 -25.40 14.15
N ALA A 211 16.79 -25.20 13.99
CA ALA A 211 17.53 -24.27 14.84
C ALA A 211 17.26 -22.82 14.45
N LEU A 212 17.30 -22.53 13.16
CA LEU A 212 16.99 -21.20 12.64
C LEU A 212 15.57 -20.81 13.04
N LEU A 213 14.64 -21.73 12.85
CA LEU A 213 13.25 -21.48 13.23
C LEU A 213 13.17 -21.07 14.69
N LYS A 214 13.81 -21.85 15.56
CA LYS A 214 13.76 -21.59 17.01
C LYS A 214 14.42 -20.27 17.41
N GLU A 215 15.51 -19.92 16.71
CA GLU A 215 16.18 -18.65 16.96
C GLU A 215 15.30 -17.50 16.49
N ALA A 216 14.64 -17.67 15.36
CA ALA A 216 13.77 -16.63 14.82
C ALA A 216 12.59 -16.36 15.74
N GLU A 217 12.02 -17.43 16.32
CA GLU A 217 10.88 -17.26 17.22
C GLU A 217 11.23 -16.46 18.47
N LYS A 218 12.52 -16.31 18.76
CA LYS A 218 12.96 -15.52 19.92
C LYS A 218 13.32 -14.09 19.54
N ARG A 219 13.77 -13.86 18.31
CA ARG A 219 14.34 -12.56 17.97
C ARG A 219 13.89 -11.88 16.68
N ASN A 220 13.08 -12.53 15.87
CA ASN A 220 12.62 -11.90 14.63
C ASN A 220 11.77 -10.68 14.90
N LEU A 221 12.26 -9.50 14.50
CA LEU A 221 11.60 -8.22 14.78
C LEU A 221 10.14 -8.08 14.35
N SER A 222 9.74 -8.70 13.24
CA SER A 222 8.34 -8.65 12.86
C SER A 222 7.52 -9.33 13.94
N LEU A 223 8.04 -10.44 14.47
CA LEU A 223 7.34 -11.19 15.50
C LEU A 223 7.32 -10.44 16.84
N LEU A 224 8.44 -9.83 17.21
CA LEU A 224 8.52 -9.09 18.45
C LEU A 224 7.51 -7.93 18.44
N GLN A 225 7.30 -7.35 17.25
CA GLN A 225 6.35 -6.27 17.09
C GLN A 225 4.90 -6.74 17.14
N ALA A 226 4.61 -7.93 16.63
CA ALA A 226 3.25 -8.46 16.74
C ALA A 226 2.90 -8.70 18.20
N ARG A 227 3.93 -8.99 18.99
CA ARG A 227 3.74 -9.29 20.39
C ARG A 227 3.54 -8.03 21.19
N LEU A 228 4.43 -7.06 20.98
CA LEU A 228 4.24 -5.74 21.59
C LEU A 228 2.83 -5.21 21.25
N SER A 229 2.35 -5.48 20.04
CA SER A 229 1.04 -4.99 19.63
C SER A 229 -0.13 -5.71 20.29
N GLN A 230 -0.02 -7.01 20.48
CA GLN A 230 -1.03 -7.74 21.24
C GLN A 230 -1.05 -7.17 22.65
N ASP A 231 0.14 -6.92 23.18
CA ASP A 231 0.26 -6.32 24.49
C ASP A 231 -0.50 -4.99 24.54
N LEU A 232 -0.31 -4.15 23.51
CA LEU A 232 -1.05 -2.89 23.38
C LEU A 232 -2.58 -3.07 23.35
N ALA A 233 -3.08 -4.09 22.67
CA ALA A 233 -4.53 -4.24 22.60
C ALA A 233 -5.14 -4.63 23.95
N ARG A 234 -4.33 -5.24 24.81
CA ARG A 234 -4.78 -5.75 26.09
C ARG A 234 -4.78 -4.62 27.11
N GLU A 235 -3.74 -3.78 27.06
CA GLU A 235 -3.72 -2.56 27.86
C GLU A 235 -4.84 -1.67 27.40
N GLN A 236 -5.22 -1.77 26.13
CA GLN A 236 -6.32 -0.98 25.59
C GLN A 236 -7.67 -1.46 26.08
N ILE A 237 -7.74 -2.72 26.49
CA ILE A 237 -8.95 -3.27 27.07
C ILE A 237 -9.14 -2.69 28.48
N ARG A 238 -8.04 -2.61 29.24
CA ARG A 238 -8.08 -2.02 30.55
C ARG A 238 -8.53 -0.57 30.44
N GLN A 239 -8.07 0.11 29.40
CA GLN A 239 -8.41 1.52 29.19
C GLN A 239 -9.90 1.66 29.01
N ALA A 240 -10.50 0.78 28.22
CA ALA A 240 -11.94 0.82 28.07
C ALA A 240 -12.63 0.60 29.41
N GLN A 241 -12.07 -0.29 30.22
CA GLN A 241 -12.62 -0.64 31.53
C GLN A 241 -12.46 0.45 32.62
N ASP A 242 -11.57 1.41 32.37
CA ASP A 242 -11.33 2.48 33.33
C ASP A 242 -12.52 3.45 33.40
N GLY A 243 -13.39 3.43 32.40
CA GLY A 243 -14.53 4.34 32.37
C GLY A 243 -15.63 3.97 33.35
N HIS A 244 -15.35 2.98 34.20
CA HIS A 244 -16.27 2.62 35.29
C HIS A 244 -15.78 3.23 36.59
N LEU A 245 -14.49 3.55 36.65
CA LEU A 245 -13.89 4.06 37.88
C LEU A 245 -14.20 5.52 38.13
N PRO A 246 -14.18 5.93 39.40
CA PRO A 246 -14.42 7.32 39.80
C PRO A 246 -13.13 8.09 39.79
N THR A 247 -13.24 9.41 39.72
CA THR A 247 -12.09 10.28 39.61
C THR A 247 -12.08 11.31 40.71
N LEU A 248 -10.95 11.48 41.36
CA LEU A 248 -10.80 12.47 42.42
C LEU A 248 -9.73 13.48 42.05
N ASP A 249 -10.15 14.72 41.82
CA ASP A 249 -9.20 15.80 41.57
C ASP A 249 -9.17 16.85 42.70
N LEU A 250 -8.10 17.64 42.74
CA LEU A 250 -7.96 18.74 43.70
C LEU A 250 -7.92 20.06 42.93
N THR A 251 -8.47 21.12 43.51
CA THR A 251 -8.36 22.45 42.90
C THR A 251 -8.00 23.50 43.94
N ALA A 252 -7.34 24.57 43.50
CA ALA A 252 -6.94 25.64 44.41
C ALA A 252 -6.83 26.97 43.66
N SER A 253 -7.59 27.96 44.09
CA SER A 253 -7.57 29.27 43.45
C SER A 253 -7.10 30.34 44.42
N THR A 254 -6.86 31.53 43.89
CA THR A 254 -6.75 32.73 44.71
C THR A 254 -7.31 33.89 43.90
N GLY A 255 -8.61 34.12 44.07
CA GLY A 255 -9.31 35.10 43.25
C GLY A 255 -9.46 36.47 43.88
N ILE A 256 -9.93 37.41 43.07
CA ILE A 256 -10.04 38.81 43.44
C ILE A 256 -11.16 39.39 42.60
N SER A 257 -12.23 39.79 43.26
CA SER A 257 -13.43 40.32 42.59
C SER A 257 -13.63 41.80 42.96
N ASP A 258 -13.86 42.63 41.94
CA ASP A 258 -14.01 44.07 42.13
C ASP A 258 -15.23 44.62 41.41
N THR A 259 -16.40 44.39 41.99
CA THR A 259 -17.65 44.95 41.46
C THR A 259 -17.91 46.41 41.90
N SER A 260 -18.68 47.11 41.08
CA SER A 260 -19.06 48.49 41.36
C SER A 260 -20.35 48.81 40.59
N TYR A 261 -21.35 49.39 41.26
CA TYR A 261 -22.65 49.55 40.65
C TYR A 261 -22.93 50.97 40.19
N SER A 262 -23.98 51.13 39.40
CA SER A 262 -24.38 52.43 38.87
C SER A 262 -25.82 52.38 38.38
N GLY A 263 -26.22 53.34 37.55
CA GLY A 263 -27.61 53.47 37.15
C GLY A 263 -28.45 54.35 38.09
N SER A 264 -29.78 54.24 37.98
CA SER A 264 -30.67 55.07 38.79
C SER A 264 -31.05 54.41 40.12
N LYS A 265 -31.55 53.20 40.11
CA LYS A 265 -31.94 52.54 41.37
C LYS A 265 -30.74 52.20 42.28
N THR A 266 -29.66 52.95 42.12
CA THR A 266 -28.48 52.79 42.93
C THR A 266 -28.20 54.11 43.66
N ARG A 267 -29.01 55.11 43.37
CA ARG A 267 -28.81 56.47 43.85
C ARG A 267 -29.58 56.76 45.13
N GLY A 268 -29.46 55.89 46.12
CA GLY A 268 -30.11 56.10 47.39
C GLY A 268 -30.78 54.85 47.92
N ALA A 269 -30.49 53.72 47.31
CA ALA A 269 -31.02 52.46 47.83
C ALA A 269 -30.64 52.41 49.29
N ALA A 270 -29.47 52.95 49.59
CA ALA A 270 -29.01 53.04 50.95
C ALA A 270 -29.18 51.74 51.73
N GLY A 271 -29.12 50.62 51.04
CA GLY A 271 -29.10 49.34 51.70
C GLY A 271 -27.67 48.82 51.70
N THR A 272 -26.74 49.71 51.39
CA THR A 272 -25.33 49.36 51.18
C THR A 272 -25.14 48.02 50.45
N GLN A 273 -26.06 47.72 49.54
CA GLN A 273 -25.92 46.57 48.67
C GLN A 273 -25.14 47.01 47.44
N TYR A 274 -25.64 48.07 46.82
CA TYR A 274 -25.05 48.61 45.60
C TYR A 274 -23.81 49.45 45.93
N ASP A 275 -23.13 49.05 46.99
CA ASP A 275 -21.86 49.65 47.40
C ASP A 275 -20.70 48.78 46.89
N ASP A 276 -19.63 49.43 46.41
CA ASP A 276 -18.44 48.73 45.92
C ASP A 276 -17.96 47.57 46.79
N SER A 277 -17.97 46.39 46.19
CA SER A 277 -17.54 45.16 46.84
C SER A 277 -16.12 44.84 46.40
N ASN A 278 -15.29 44.37 47.31
CA ASN A 278 -13.90 44.02 46.99
C ASN A 278 -13.46 42.71 47.64
N MET A 279 -13.92 41.61 47.05
CA MET A 279 -13.68 40.26 47.58
C MET A 279 -12.26 39.75 47.31
N GLY A 280 -11.94 38.62 47.92
CA GLY A 280 -10.67 37.95 47.74
C GLY A 280 -10.74 36.57 48.38
N GLN A 281 -10.73 35.51 47.57
CA GLN A 281 -10.92 34.18 48.12
C GLN A 281 -9.73 33.26 47.87
N ASN A 282 -9.25 32.61 48.93
CA ASN A 282 -8.38 31.46 48.79
C ASN A 282 -9.19 30.17 48.90
N LYS A 283 -9.18 29.35 47.86
CA LYS A 283 -9.91 28.08 47.93
C LYS A 283 -8.98 26.87 47.77
N VAL A 284 -9.39 25.75 48.34
CA VAL A 284 -8.82 24.45 48.02
C VAL A 284 -9.98 23.50 48.12
N GLY A 285 -10.08 22.57 47.17
CA GLY A 285 -11.25 21.69 47.09
C GLY A 285 -10.98 20.38 46.38
N LEU A 286 -11.88 19.42 46.60
CA LEU A 286 -11.80 18.10 46.02
C LEU A 286 -13.09 17.81 45.29
N SER A 287 -12.99 17.52 44.00
CA SER A 287 -14.12 17.00 43.24
C SER A 287 -14.04 15.49 43.11
N PHE A 288 -15.14 14.82 43.41
CA PHE A 288 -15.23 13.40 43.26
C PHE A 288 -16.36 13.19 42.27
N SER A 289 -16.12 12.32 41.29
CA SER A 289 -17.08 12.04 40.22
C SER A 289 -17.15 10.55 39.91
N LEU A 290 -18.35 9.98 40.05
CA LEU A 290 -18.58 8.56 39.77
C LEU A 290 -19.65 8.36 38.72
N PRO A 291 -19.28 7.69 37.61
CA PRO A 291 -20.23 7.32 36.56
C PRO A 291 -21.01 6.13 37.06
N ILE A 292 -22.27 6.05 36.64
CA ILE A 292 -23.19 5.07 37.21
C ILE A 292 -23.89 4.34 36.10
N TYR A 293 -24.45 5.11 35.18
CA TYR A 293 -24.98 4.51 33.97
C TYR A 293 -24.91 5.48 32.80
N GLN A 294 -24.19 5.07 31.76
CA GLN A 294 -23.91 5.98 30.67
C GLN A 294 -24.45 5.50 29.32
N GLY A 295 -25.60 4.86 29.35
CA GLY A 295 -26.22 4.36 28.13
C GLY A 295 -25.57 3.07 27.66
N GLY A 296 -24.78 2.49 28.56
CA GLY A 296 -24.01 1.30 28.28
C GLY A 296 -22.82 1.57 27.36
N MET A 297 -22.39 2.83 27.31
CA MET A 297 -21.27 3.21 26.46
C MET A 297 -19.99 2.56 26.94
N VAL A 298 -19.89 2.32 28.24
CA VAL A 298 -18.66 1.78 28.76
C VAL A 298 -18.49 0.31 28.41
N ASN A 299 -19.59 -0.44 28.46
CA ASN A 299 -19.53 -1.86 28.15
C ASN A 299 -19.29 -2.18 26.68
N SER A 300 -19.93 -1.42 25.81
CA SER A 300 -19.69 -1.53 24.38
C SER A 300 -18.25 -1.16 24.03
N GLN A 301 -17.73 -0.14 24.70
CA GLN A 301 -16.34 0.21 24.53
C GLN A 301 -15.45 -0.95 24.97
N VAL A 302 -15.77 -1.58 26.09
CA VAL A 302 -15.00 -2.74 26.54
C VAL A 302 -15.06 -3.93 25.58
N LYS A 303 -16.26 -4.27 25.11
CA LYS A 303 -16.41 -5.37 24.17
C LYS A 303 -15.58 -5.09 22.91
N GLN A 304 -15.73 -3.89 22.34
CA GLN A 304 -14.89 -3.49 21.20
C GLN A 304 -13.43 -3.78 21.50
N ALA A 305 -12.91 -3.23 22.58
CA ALA A 305 -11.51 -3.40 22.93
C ALA A 305 -11.09 -4.88 22.97
N GLN A 306 -12.04 -5.75 23.32
CA GLN A 306 -11.79 -7.19 23.40
C GLN A 306 -11.70 -7.84 22.02
N TYR A 307 -12.58 -7.46 21.09
CA TYR A 307 -12.47 -7.92 19.72
C TYR A 307 -11.15 -7.42 19.13
N ASN A 308 -10.81 -6.16 19.42
CA ASN A 308 -9.51 -5.64 19.01
C ASN A 308 -8.41 -6.55 19.49
N PHE A 309 -8.53 -7.09 20.70
CA PHE A 309 -7.51 -8.00 21.20
C PHE A 309 -7.52 -9.33 20.43
N VAL A 310 -8.69 -9.81 20.03
CA VAL A 310 -8.71 -11.02 19.25
C VAL A 310 -7.93 -10.74 17.97
N GLY A 311 -8.26 -9.60 17.35
CA GLY A 311 -7.60 -9.18 16.12
C GLY A 311 -6.10 -9.04 16.26
N ALA A 312 -5.67 -8.54 17.40
CA ALA A 312 -4.26 -8.34 17.62
C ALA A 312 -3.57 -9.71 17.72
N SER A 313 -4.35 -10.71 18.12
CA SER A 313 -3.87 -12.05 18.40
C SER A 313 -3.78 -12.85 17.11
N GLU A 314 -4.84 -12.74 16.31
CA GLU A 314 -4.86 -13.31 14.97
C GLU A 314 -3.69 -12.74 14.19
N GLN A 315 -3.45 -11.45 14.36
CA GLN A 315 -2.31 -10.80 13.70
C GLN A 315 -1.01 -11.44 14.14
N LEU A 316 -0.91 -11.75 15.43
CA LEU A 316 0.22 -12.47 15.97
C LEU A 316 0.41 -13.87 15.36
N GLU A 317 -0.66 -14.64 15.23
CA GLU A 317 -0.59 -15.94 14.56
C GLU A 317 -0.07 -15.75 13.14
N SER A 318 -0.60 -14.75 12.44
CA SER A 318 -0.13 -14.41 11.10
C SER A 318 1.36 -14.15 11.09
N ALA A 319 1.87 -13.65 12.21
CA ALA A 319 3.28 -13.37 12.32
C ALA A 319 4.13 -14.64 12.44
N HIS A 320 3.73 -15.60 13.29
CA HIS A 320 4.48 -16.86 13.41
C HIS A 320 4.49 -17.50 12.02
N ARG A 321 3.32 -17.60 11.41
CA ARG A 321 3.20 -18.22 10.08
C ARG A 321 4.12 -17.57 9.06
N SER A 322 4.22 -16.25 9.12
CA SER A 322 5.16 -15.55 8.27
C SER A 322 6.62 -15.86 8.64
N VAL A 323 6.93 -15.96 9.92
CA VAL A 323 8.30 -16.25 10.30
C VAL A 323 8.67 -17.68 9.94
N VAL A 324 7.71 -18.58 10.07
CA VAL A 324 7.91 -19.97 9.66
C VAL A 324 8.29 -20.06 8.17
N GLN A 325 7.37 -19.65 7.30
CA GLN A 325 7.59 -19.67 5.85
C GLN A 325 8.83 -18.84 5.42
N THR A 326 9.07 -17.70 6.05
CA THR A 326 10.25 -16.93 5.68
C THR A 326 11.53 -17.68 6.03
N VAL A 327 11.57 -18.26 7.24
CA VAL A 327 12.77 -18.94 7.72
C VAL A 327 13.03 -20.21 6.92
N ARG A 328 11.96 -20.90 6.55
CA ARG A 328 12.11 -22.10 5.74
C ARG A 328 12.49 -21.76 4.32
N SER A 329 11.60 -21.07 3.60
CA SER A 329 11.92 -20.61 2.26
C SER A 329 13.35 -20.08 2.19
N SER A 330 13.78 -19.36 3.21
CA SER A 330 15.11 -18.77 3.19
C SER A 330 16.23 -19.81 3.30
N PHE A 331 15.99 -20.84 4.10
CA PHE A 331 16.88 -22.01 4.24
C PHE A 331 16.87 -22.83 2.95
N ASN A 332 15.68 -23.24 2.53
CA ASN A 332 15.49 -23.87 1.22
C ASN A 332 16.28 -23.19 0.11
N ASN A 333 16.20 -21.86 0.03
CA ASN A 333 16.83 -21.11 -1.05
C ASN A 333 18.36 -21.06 -1.01
N ILE A 334 18.96 -20.95 0.18
CA ILE A 334 20.41 -20.98 0.27
C ILE A 334 20.99 -22.35 -0.14
N ASN A 335 20.26 -23.42 0.16
CA ASN A 335 20.62 -24.78 -0.24
C ASN A 335 20.55 -24.96 -1.76
N ALA A 336 19.46 -24.49 -2.35
CA ALA A 336 19.29 -24.59 -3.78
C ALA A 336 20.31 -23.69 -4.46
N SER A 337 20.81 -22.71 -3.72
CA SER A 337 21.79 -21.78 -4.25
C SER A 337 23.19 -22.38 -4.20
N ILE A 338 23.45 -23.25 -3.23
CA ILE A 338 24.75 -23.89 -3.13
C ILE A 338 24.84 -24.94 -4.23
N SER A 339 23.80 -25.77 -4.31
CA SER A 339 23.68 -26.81 -5.31
C SER A 339 23.62 -26.22 -6.72
N SER A 340 23.47 -24.90 -6.80
CA SER A 340 23.37 -24.22 -8.10
C SER A 340 24.73 -23.70 -8.49
N ILE A 341 25.42 -23.10 -7.53
CA ILE A 341 26.78 -22.65 -7.76
C ILE A 341 27.62 -23.85 -8.23
N ASN A 342 27.30 -25.04 -7.73
CA ASN A 342 28.04 -26.24 -8.11
C ASN A 342 27.77 -26.64 -9.56
N ALA A 343 26.50 -26.75 -9.93
CA ALA A 343 26.11 -27.12 -11.29
C ALA A 343 26.65 -26.16 -12.36
N TYR A 344 26.54 -24.85 -12.12
CA TYR A 344 27.04 -23.87 -13.07
C TYR A 344 28.57 -23.85 -13.08
N LYS A 345 29.18 -24.20 -11.94
CA LYS A 345 30.64 -24.30 -11.81
C LYS A 345 31.15 -25.35 -12.80
N GLN A 346 30.36 -26.39 -13.01
CA GLN A 346 30.73 -27.48 -13.90
C GLN A 346 30.31 -27.24 -15.35
N ALA A 347 29.18 -26.57 -15.56
CA ALA A 347 28.71 -26.28 -16.91
C ALA A 347 29.62 -25.29 -17.62
N VAL A 348 30.41 -24.53 -16.85
CA VAL A 348 31.39 -23.62 -17.43
C VAL A 348 32.56 -24.43 -17.94
N VAL A 349 32.99 -25.41 -17.14
CA VAL A 349 34.05 -26.33 -17.52
C VAL A 349 33.67 -27.07 -18.81
N SER A 350 32.46 -27.61 -18.84
CA SER A 350 31.94 -28.25 -20.04
C SER A 350 31.89 -27.31 -21.23
N ALA A 351 31.22 -26.18 -21.08
CA ALA A 351 31.10 -25.19 -22.15
C ALA A 351 32.46 -24.76 -22.67
N GLN A 352 33.48 -24.91 -21.84
CA GLN A 352 34.83 -24.47 -22.19
C GLN A 352 35.55 -25.49 -23.08
N SER A 353 35.55 -26.75 -22.65
CA SER A 353 36.18 -27.81 -23.43
C SER A 353 35.35 -28.10 -24.68
N SER A 354 34.04 -27.86 -24.59
CA SER A 354 33.17 -28.01 -25.75
C SER A 354 33.44 -26.93 -26.79
N LEU A 355 33.76 -25.72 -26.36
CA LEU A 355 34.18 -24.68 -27.29
C LEU A 355 35.53 -25.03 -27.90
N ASP A 356 36.53 -25.24 -27.05
CA ASP A 356 37.89 -25.58 -27.47
C ASP A 356 37.87 -26.62 -28.59
N ALA A 357 36.93 -27.54 -28.50
CA ALA A 357 36.79 -28.61 -29.51
C ALA A 357 36.36 -28.07 -30.87
N MET A 358 35.29 -27.29 -30.88
CA MET A 358 34.72 -26.78 -32.12
C MET A 358 35.40 -25.53 -32.68
N GLU A 359 36.49 -25.11 -32.04
CA GLU A 359 37.35 -24.09 -32.64
C GLU A 359 38.41 -24.81 -33.47
N ALA A 360 38.88 -25.94 -32.94
CA ALA A 360 39.76 -26.83 -33.68
C ALA A 360 39.00 -27.46 -34.85
N GLY A 361 37.75 -27.84 -34.58
CA GLY A 361 36.92 -28.47 -35.59
C GLY A 361 36.59 -27.59 -36.79
N PHE A 362 36.36 -26.31 -36.54
CA PHE A 362 35.93 -25.39 -37.59
C PHE A 362 37.07 -24.90 -38.50
N SER A 363 38.23 -24.64 -37.90
CA SER A 363 39.42 -24.20 -38.63
C SER A 363 40.02 -25.32 -39.46
N VAL A 364 39.43 -26.50 -39.37
CA VAL A 364 39.87 -27.63 -40.17
C VAL A 364 38.70 -28.45 -40.71
N GLY A 365 37.73 -27.77 -41.33
CA GLY A 365 36.61 -28.42 -42.00
C GLY A 365 35.52 -29.11 -41.19
N THR A 366 35.87 -29.63 -40.02
CA THR A 366 34.99 -30.53 -39.26
C THR A 366 33.60 -29.99 -38.86
N SER A 367 33.58 -28.85 -38.20
CA SER A 367 32.31 -28.26 -37.80
C SER A 367 32.21 -26.80 -38.24
N THR A 368 30.98 -26.31 -38.45
CA THR A 368 30.76 -24.96 -38.97
C THR A 368 31.21 -23.88 -38.00
N ILE A 369 31.04 -22.64 -38.43
CA ILE A 369 31.24 -21.53 -37.54
C ILE A 369 29.99 -21.37 -36.68
N VAL A 370 28.86 -21.83 -37.21
CA VAL A 370 27.60 -21.84 -36.49
C VAL A 370 27.59 -22.96 -35.44
N ASP A 371 28.63 -23.78 -35.45
CA ASP A 371 28.86 -24.73 -34.37
C ASP A 371 29.73 -24.01 -33.34
N VAL A 372 30.67 -23.20 -33.82
CA VAL A 372 31.62 -22.50 -32.97
C VAL A 372 31.01 -21.28 -32.25
N LEU A 373 30.04 -20.62 -32.89
CA LEU A 373 29.38 -19.46 -32.27
C LEU A 373 28.54 -19.91 -31.09
N ASP A 374 27.62 -20.85 -31.34
CA ASP A 374 26.76 -21.40 -30.29
C ASP A 374 27.56 -21.88 -29.09
N ALA A 375 28.58 -22.69 -29.34
CA ALA A 375 29.41 -23.23 -28.27
C ALA A 375 30.07 -22.11 -27.48
N THR A 376 30.37 -21.01 -28.18
CA THR A 376 30.92 -19.80 -27.56
C THR A 376 29.86 -19.05 -26.72
N THR A 377 28.78 -18.66 -27.39
CA THR A 377 27.62 -18.12 -26.73
C THR A 377 27.29 -18.93 -25.48
N THR A 378 27.24 -20.25 -25.63
CA THR A 378 26.91 -21.14 -24.51
C THR A 378 27.88 -20.96 -23.33
N LEU A 379 29.19 -20.91 -23.63
CA LEU A 379 30.20 -20.67 -22.59
C LEU A 379 29.81 -19.46 -21.74
N TYR A 380 29.73 -18.31 -22.39
CA TYR A 380 29.53 -17.03 -21.71
C TYR A 380 28.19 -16.93 -20.94
N ASN A 381 27.22 -17.75 -21.33
CA ASN A 381 25.99 -17.87 -20.57
C ASN A 381 26.21 -18.58 -19.24
N ALA A 382 26.88 -19.74 -19.26
CA ALA A 382 27.28 -20.37 -18.00
C ALA A 382 28.24 -19.47 -17.22
N LYS A 383 29.11 -18.75 -17.94
CA LYS A 383 30.02 -17.79 -17.32
C LYS A 383 29.27 -16.73 -16.44
N GLN A 384 28.18 -16.22 -17.00
CA GLN A 384 27.32 -15.24 -16.35
C GLN A 384 26.48 -15.89 -15.26
N GLU A 385 25.68 -16.86 -15.70
CA GLU A 385 24.80 -17.60 -14.82
C GLU A 385 25.52 -18.02 -13.54
N LEU A 386 26.80 -18.34 -13.66
CA LEU A 386 27.60 -18.70 -12.49
C LEU A 386 27.82 -17.52 -11.53
N ALA A 387 28.48 -16.47 -11.99
CA ALA A 387 28.82 -15.32 -11.15
C ALA A 387 27.55 -14.71 -10.59
N ASN A 388 26.47 -14.77 -11.36
CA ASN A 388 25.18 -14.33 -10.88
C ASN A 388 24.72 -15.20 -9.71
N ALA A 389 24.79 -16.51 -9.87
CA ALA A 389 24.36 -17.43 -8.82
C ALA A 389 25.17 -17.22 -7.54
N ARG A 390 26.45 -16.89 -7.69
CA ARG A 390 27.27 -16.59 -6.52
C ARG A 390 26.72 -15.44 -5.69
N TYR A 391 26.43 -14.31 -6.35
CA TYR A 391 25.86 -13.15 -5.67
C TYR A 391 24.57 -13.54 -4.94
N ASN A 392 23.67 -14.28 -5.59
CA ASN A 392 22.43 -14.72 -4.93
C ASN A 392 22.66 -15.47 -3.63
N TYR A 393 23.68 -16.31 -3.60
CA TYR A 393 24.05 -17.01 -2.38
C TYR A 393 24.42 -16.01 -1.29
N LEU A 394 25.26 -15.04 -1.64
CA LEU A 394 25.65 -13.99 -0.72
C LEU A 394 24.44 -13.25 -0.14
N ILE A 395 23.53 -12.83 -1.02
CA ILE A 395 22.33 -12.11 -0.62
C ILE A 395 21.36 -13.03 0.13
N ASN A 396 21.43 -14.32 -0.15
CA ASN A 396 20.58 -15.30 0.55
C ASN A 396 21.06 -15.60 1.95
N GLN A 397 22.33 -15.34 2.22
CA GLN A 397 22.89 -15.51 3.56
C GLN A 397 22.39 -14.39 4.45
N LEU A 398 22.13 -13.26 3.81
CA LEU A 398 21.70 -12.06 4.46
C LEU A 398 20.19 -12.15 4.75
N ASN A 399 19.44 -12.75 3.83
CA ASN A 399 18.02 -12.97 4.10
C ASN A 399 17.85 -13.86 5.29
N ILE A 400 18.75 -14.82 5.47
CA ILE A 400 18.59 -15.76 6.57
C ILE A 400 18.78 -15.02 7.89
N LYS A 401 19.64 -13.99 7.88
CA LYS A 401 19.89 -13.18 9.08
C LYS A 401 18.73 -12.22 9.34
N SER A 402 18.12 -11.69 8.27
CA SER A 402 16.93 -10.85 8.41
C SER A 402 15.78 -11.67 9.02
N ALA A 403 15.48 -12.81 8.42
CA ALA A 403 14.45 -13.69 8.97
C ALA A 403 14.76 -14.04 10.43
N LEU A 404 16.05 -14.14 10.75
CA LEU A 404 16.47 -14.40 12.14
C LEU A 404 16.29 -13.18 13.05
N GLY A 405 16.37 -11.98 12.48
CA GLY A 405 16.30 -10.75 13.25
C GLY A 405 17.66 -10.32 13.78
N THR A 406 18.72 -10.95 13.29
CA THR A 406 20.06 -10.64 13.78
C THR A 406 20.89 -9.85 12.79
N LEU A 407 20.36 -9.62 11.59
CA LEU A 407 21.08 -8.86 10.56
C LEU A 407 21.68 -7.58 11.14
N ASN A 408 23.00 -7.48 11.10
CA ASN A 408 23.72 -6.37 11.72
C ASN A 408 25.00 -6.06 10.97
N GLU A 409 25.79 -5.13 11.48
CA GLU A 409 26.99 -4.64 10.82
C GLU A 409 28.06 -5.73 10.62
N GLN A 410 28.16 -6.66 11.57
CA GLN A 410 29.18 -7.72 11.50
C GLN A 410 28.94 -8.67 10.33
N ASP A 411 27.68 -8.94 10.02
CA ASP A 411 27.33 -9.77 8.87
C ASP A 411 27.87 -9.13 7.59
N LEU A 412 27.88 -7.81 7.55
CA LEU A 412 28.51 -7.08 6.46
C LEU A 412 30.04 -7.11 6.51
N LEU A 413 30.62 -6.92 7.70
CA LEU A 413 32.07 -6.96 7.86
C LEU A 413 32.71 -8.25 7.35
N ALA A 414 32.07 -9.38 7.62
CA ALA A 414 32.57 -10.68 7.21
C ALA A 414 32.48 -10.86 5.70
N LEU A 415 31.38 -10.37 5.14
CA LEU A 415 31.12 -10.47 3.72
C LEU A 415 32.09 -9.58 2.94
N ASN A 416 32.58 -8.54 3.61
CA ASN A 416 33.55 -7.63 3.04
C ASN A 416 34.86 -8.35 2.76
N ASN A 417 35.23 -9.22 3.70
CA ASN A 417 36.48 -9.95 3.63
C ASN A 417 36.56 -10.85 2.39
N ALA A 418 35.41 -11.21 1.84
CA ALA A 418 35.35 -12.16 0.73
C ALA A 418 35.35 -11.48 -0.63
N LEU A 419 35.67 -10.19 -0.65
CA LEU A 419 35.88 -9.47 -1.89
C LEU A 419 37.11 -8.58 -1.73
N SER A 420 37.78 -8.25 -2.84
CA SER A 420 39.03 -7.52 -2.74
C SER A 420 39.41 -6.72 -3.99
N LYS A 421 39.24 -7.31 -5.16
CA LYS A 421 39.69 -6.67 -6.40
C LYS A 421 38.83 -5.45 -6.73
N PRO A 422 39.45 -4.26 -6.75
CA PRO A 422 38.75 -3.01 -7.12
C PRO A 422 38.40 -2.98 -8.61
N VAL A 423 37.10 -2.99 -8.90
CA VAL A 423 36.58 -2.99 -10.26
C VAL A 423 35.91 -1.65 -10.58
N SER A 424 36.09 -1.19 -11.82
CA SER A 424 35.53 0.08 -12.27
C SER A 424 34.01 -0.01 -12.46
N THR A 425 33.27 1.04 -12.08
CA THR A 425 31.81 1.09 -12.28
C THR A 425 31.43 1.82 -13.58
N ASN A 426 32.44 2.27 -14.32
CA ASN A 426 32.24 3.05 -15.54
C ASN A 426 33.21 2.63 -16.65
N PRO A 427 33.28 1.32 -16.94
CA PRO A 427 34.21 0.79 -17.93
C PRO A 427 34.13 1.51 -19.26
N GLU A 428 35.29 1.86 -19.81
CA GLU A 428 35.36 2.48 -21.13
C GLU A 428 34.97 1.47 -22.18
N GLU B 1 -10.08 6.28 -32.92
CA GLU B 1 -9.64 7.68 -32.76
C GLU B 1 -8.14 7.75 -32.49
N ASN B 2 -7.59 8.96 -32.51
CA ASN B 2 -6.18 9.14 -32.21
C ASN B 2 -5.91 9.28 -30.71
N LEU B 3 -4.66 9.50 -30.35
CA LEU B 3 -4.29 9.61 -28.94
C LEU B 3 -5.07 10.73 -28.32
N MET B 4 -5.03 11.91 -28.95
CA MET B 4 -5.72 13.08 -28.41
C MET B 4 -7.16 12.80 -28.04
N GLN B 5 -7.92 12.37 -29.04
CA GLN B 5 -9.34 12.15 -28.85
C GLN B 5 -9.65 11.13 -27.76
N VAL B 6 -8.77 10.14 -27.58
CA VAL B 6 -9.00 9.17 -26.52
C VAL B 6 -8.78 9.85 -25.19
N TYR B 7 -7.56 10.35 -24.99
CA TYR B 7 -7.22 11.13 -23.79
C TYR B 7 -8.33 12.09 -23.41
N GLN B 8 -8.70 12.98 -24.33
CA GLN B 8 -9.70 13.99 -24.03
C GLN B 8 -11.02 13.42 -23.53
N GLN B 9 -11.49 12.35 -24.17
CA GLN B 9 -12.68 11.70 -23.68
C GLN B 9 -12.49 11.10 -22.28
N ALA B 10 -11.27 10.72 -21.94
CA ALA B 10 -11.01 10.15 -20.62
C ALA B 10 -10.90 11.27 -19.56
N ARG B 11 -10.40 12.43 -19.98
CA ARG B 11 -10.31 13.58 -19.09
C ARG B 11 -11.67 13.88 -18.50
N LEU B 12 -12.72 13.79 -19.31
CA LEU B 12 -14.06 14.14 -18.86
C LEU B 12 -14.74 13.07 -18.03
N SER B 13 -14.12 11.92 -17.82
CA SER B 13 -14.85 10.81 -17.22
C SER B 13 -14.05 10.01 -16.21
N ASN B 14 -12.74 10.19 -16.18
CA ASN B 14 -11.91 9.36 -15.33
C ASN B 14 -12.27 9.52 -13.87
N PRO B 15 -12.84 8.48 -13.29
CA PRO B 15 -13.33 8.59 -11.91
C PRO B 15 -12.15 8.50 -10.95
N GLU B 16 -10.98 8.28 -11.52
CA GLU B 16 -9.79 8.35 -10.70
C GLU B 16 -9.40 9.82 -10.50
N LEU B 17 -9.45 10.59 -11.57
CA LEU B 17 -9.09 11.99 -11.56
C LEU B 17 -10.21 12.86 -11.03
N ARG B 18 -11.44 12.41 -11.24
CA ARG B 18 -12.60 13.14 -10.77
C ARG B 18 -12.68 13.08 -9.24
N LYS B 19 -12.29 11.94 -8.67
CA LYS B 19 -12.22 11.85 -7.24
C LYS B 19 -11.10 12.76 -6.72
N SER B 20 -9.89 12.62 -7.26
CA SER B 20 -8.81 13.50 -6.86
C SER B 20 -9.27 14.99 -6.84
N ALA B 21 -10.17 15.35 -7.74
CA ALA B 21 -10.68 16.72 -7.83
C ALA B 21 -11.61 17.03 -6.66
N ALA B 22 -12.43 16.06 -6.28
CA ALA B 22 -13.36 16.24 -5.18
C ALA B 22 -12.57 16.36 -3.88
N ASP B 23 -11.40 15.75 -3.84
CA ASP B 23 -10.57 15.88 -2.66
C ASP B 23 -9.99 17.29 -2.57
N ARG B 24 -9.54 17.80 -3.71
CA ARG B 24 -9.02 19.16 -3.82
C ARG B 24 -10.13 20.14 -3.48
N ASP B 25 -11.30 19.91 -4.07
CA ASP B 25 -12.45 20.77 -3.81
C ASP B 25 -12.82 20.87 -2.34
N ALA B 26 -12.74 19.76 -1.63
CA ALA B 26 -13.08 19.76 -0.21
C ALA B 26 -12.05 20.47 0.61
N ALA B 27 -10.77 20.16 0.39
CA ALA B 27 -9.70 20.83 1.14
C ALA B 27 -9.75 22.35 1.01
N PHE B 28 -10.07 22.85 -0.19
CA PHE B 28 -10.21 24.27 -0.38
C PHE B 28 -11.41 24.88 0.34
N GLU B 29 -12.55 24.21 0.25
CA GLU B 29 -13.74 24.65 0.96
C GLU B 29 -13.49 24.64 2.46
N LYS B 30 -12.76 23.64 2.95
CA LYS B 30 -12.48 23.50 4.39
C LYS B 30 -11.69 24.70 4.99
N ILE B 31 -11.06 25.50 4.13
CA ILE B 31 -10.50 26.76 4.58
C ILE B 31 -11.63 27.56 5.29
N ASN B 32 -12.76 27.72 4.62
CA ASN B 32 -13.93 28.33 5.23
C ASN B 32 -14.26 27.84 6.66
N GLU B 33 -14.34 26.53 6.87
CA GLU B 33 -14.57 26.03 8.21
C GLU B 33 -13.43 26.37 9.19
N ALA B 34 -12.24 26.62 8.67
CA ALA B 34 -11.11 26.97 9.52
C ALA B 34 -11.07 28.47 9.87
N ARG B 35 -11.69 29.26 9.00
CA ARG B 35 -11.77 30.67 9.19
C ARG B 35 -12.88 30.93 10.21
N SER B 36 -13.84 30.02 10.32
CA SER B 36 -15.06 30.36 11.05
C SER B 36 -14.86 30.78 12.55
N PRO B 37 -13.92 30.15 13.28
CA PRO B 37 -13.76 30.52 14.70
C PRO B 37 -13.25 31.97 14.92
N LEU B 38 -12.86 32.64 13.85
CA LEU B 38 -12.41 34.01 13.93
C LEU B 38 -13.57 34.92 13.67
N LEU B 39 -14.73 34.34 13.45
CA LEU B 39 -15.95 35.14 13.24
C LEU B 39 -16.94 35.11 14.42
N PRO B 40 -17.99 35.92 14.35
CA PRO B 40 -18.91 35.89 15.49
C PRO B 40 -19.74 34.59 15.58
N GLN B 41 -19.67 33.92 16.72
CA GLN B 41 -20.59 32.84 17.08
C GLN B 41 -21.83 33.36 17.80
N LEU B 42 -23.01 32.95 17.35
CA LEU B 42 -24.25 33.54 17.84
C LEU B 42 -25.32 32.48 18.12
N GLY B 43 -25.48 32.14 19.39
CA GLY B 43 -26.47 31.13 19.80
C GLY B 43 -27.72 31.63 20.52
N LEU B 44 -28.63 30.73 20.84
CA LEU B 44 -29.87 31.06 21.54
C LEU B 44 -30.26 29.95 22.51
N GLY B 45 -30.26 30.23 23.80
CA GLY B 45 -30.57 29.24 24.80
C GLY B 45 -31.68 29.68 25.73
N ALA B 46 -32.64 28.79 25.94
CA ALA B 46 -33.72 29.00 26.90
C ALA B 46 -33.73 27.79 27.82
N ASP B 47 -33.78 28.04 29.13
CA ASP B 47 -33.71 26.96 30.12
C ASP B 47 -34.83 27.02 31.16
N TYR B 48 -35.85 26.19 31.01
CA TYR B 48 -36.84 26.01 32.07
C TYR B 48 -36.32 25.09 33.18
N THR B 49 -36.54 25.46 34.44
CA THR B 49 -36.07 24.64 35.56
C THR B 49 -37.04 24.64 36.72
N TYR B 50 -37.31 23.47 37.27
CA TYR B 50 -38.15 23.40 38.46
C TYR B 50 -37.37 22.85 39.64
N SER B 51 -37.16 23.69 40.65
CA SER B 51 -36.51 23.25 41.88
C SER B 51 -37.51 22.86 42.96
N ASN B 52 -37.13 21.93 43.82
CA ASN B 52 -37.99 21.47 44.91
C ASN B 52 -37.15 21.27 46.17
N GLY B 53 -37.26 22.25 47.09
CA GLY B 53 -36.47 22.28 48.31
C GLY B 53 -36.82 21.20 49.32
N TYR B 54 -35.78 20.66 49.95
CA TYR B 54 -35.90 19.83 51.14
C TYR B 54 -34.76 20.15 52.11
N ARG B 55 -34.81 19.59 53.31
CA ARG B 55 -33.98 20.03 54.44
C ARG B 55 -34.26 21.50 54.80
N ASP B 56 -33.23 22.28 55.10
CA ASP B 56 -33.40 23.71 55.41
C ASP B 56 -34.13 24.46 54.30
N ALA B 57 -34.69 23.72 53.36
CA ALA B 57 -35.44 24.32 52.28
C ALA B 57 -36.78 23.59 52.10
N ASN B 58 -37.07 22.65 52.97
CA ASN B 58 -38.37 21.99 52.97
C ASN B 58 -39.47 23.05 52.95
N GLY B 59 -40.13 23.17 51.80
CA GLY B 59 -41.20 24.15 51.64
C GLY B 59 -40.85 25.34 50.75
N ILE B 60 -39.64 25.35 50.22
CA ILE B 60 -39.26 26.35 49.23
C ILE B 60 -39.20 25.67 47.87
N ASN B 61 -40.05 26.12 46.95
CA ASN B 61 -40.07 25.56 45.61
C ASN B 61 -39.98 26.68 44.58
N SER B 62 -39.43 26.40 43.41
CA SER B 62 -39.34 27.44 42.39
C SER B 62 -39.56 26.91 40.98
N ASN B 63 -40.23 27.71 40.15
CA ASN B 63 -40.30 27.45 38.72
C ASN B 63 -39.63 28.61 38.02
N ALA B 64 -38.43 28.36 37.46
CA ALA B 64 -37.67 29.41 36.80
C ALA B 64 -37.55 29.23 35.29
N THR B 65 -37.49 30.34 34.58
CA THR B 65 -37.42 30.36 33.14
C THR B 65 -36.40 31.40 32.68
N SER B 66 -35.42 31.00 31.89
CA SER B 66 -34.48 31.97 31.32
C SER B 66 -34.26 31.77 29.83
N ALA B 67 -33.93 32.85 29.13
CA ALA B 67 -33.59 32.77 27.72
C ALA B 67 -32.51 33.81 27.48
N SER B 68 -31.68 33.60 26.46
CA SER B 68 -30.59 34.53 26.14
C SER B 68 -30.08 34.42 24.71
N LEU B 69 -29.65 35.55 24.19
CA LEU B 69 -29.04 35.59 22.88
C LEU B 69 -27.56 35.80 23.13
N GLN B 70 -26.80 34.72 23.16
CA GLN B 70 -25.37 34.78 23.42
C GLN B 70 -24.49 34.99 22.16
N LEU B 71 -23.40 35.74 22.34
CA LEU B 71 -22.45 36.01 21.26
C LEU B 71 -21.02 35.91 21.74
N THR B 72 -20.20 35.13 21.02
CA THR B 72 -18.77 35.07 21.33
C THR B 72 -17.96 35.60 20.16
N GLN B 73 -16.77 36.15 20.44
CA GLN B 73 -15.89 36.69 19.43
C GLN B 73 -14.43 36.59 19.83
N SER B 74 -13.63 35.87 19.05
CA SER B 74 -12.20 35.78 19.33
C SER B 74 -11.64 37.14 19.06
N ILE B 75 -10.87 37.66 20.01
CA ILE B 75 -10.26 38.96 19.87
C ILE B 75 -8.76 38.79 19.69
N PHE B 76 -8.15 37.92 20.48
CA PHE B 76 -6.78 37.51 20.19
C PHE B 76 -6.49 36.09 20.59
N ASP B 77 -6.54 35.20 19.58
CA ASP B 77 -6.35 33.78 19.79
C ASP B 77 -5.49 33.28 18.67
N MET B 78 -4.19 33.24 18.91
CA MET B 78 -3.22 32.96 17.86
C MET B 78 -3.47 31.58 17.27
N SER B 79 -3.85 30.63 18.14
CA SER B 79 -4.09 29.26 17.75
C SER B 79 -5.18 29.14 16.67
N LYS B 80 -6.13 30.06 16.66
CA LYS B 80 -7.23 29.99 15.71
C LYS B 80 -6.83 30.59 14.36
N TRP B 81 -5.84 31.47 14.37
CA TRP B 81 -5.31 32.03 13.14
C TRP B 81 -4.38 31.00 12.50
N ARG B 82 -3.76 30.20 13.34
CA ARG B 82 -2.84 29.17 12.95
C ARG B 82 -3.58 28.07 12.21
N ALA B 83 -4.75 27.70 12.74
CA ALA B 83 -5.51 26.65 12.09
C ALA B 83 -5.93 27.13 10.71
N LEU B 84 -6.36 28.37 10.61
CA LEU B 84 -6.70 28.91 9.32
C LEU B 84 -5.49 28.81 8.39
N THR B 85 -4.31 29.07 8.94
CA THR B 85 -3.11 29.09 8.12
C THR B 85 -2.81 27.68 7.62
N LEU B 86 -2.98 26.69 8.49
CA LEU B 86 -2.67 25.33 8.15
C LEU B 86 -3.66 24.73 7.13
N GLN B 87 -4.94 25.09 7.23
CA GLN B 87 -5.89 24.58 6.27
C GLN B 87 -5.62 25.15 4.91
N GLU B 88 -5.16 26.40 4.84
CA GLU B 88 -4.73 26.95 3.56
C GLU B 88 -3.59 26.09 2.98
N LYS B 89 -2.65 25.76 3.85
CA LYS B 89 -1.50 25.00 3.43
C LYS B 89 -1.89 23.59 2.98
N ALA B 90 -2.67 22.90 3.79
CA ALA B 90 -3.22 21.59 3.37
C ALA B 90 -3.97 21.62 2.04
N ALA B 91 -4.73 22.69 1.79
CA ALA B 91 -5.39 22.86 0.50
C ALA B 91 -4.36 23.00 -0.62
N GLY B 92 -3.30 23.76 -0.37
CA GLY B 92 -2.25 23.87 -1.36
C GLY B 92 -1.64 22.51 -1.69
N ILE B 93 -1.43 21.71 -0.66
CA ILE B 93 -0.83 20.41 -0.84
C ILE B 93 -1.73 19.54 -1.70
N GLN B 94 -3.03 19.54 -1.36
CA GLN B 94 -4.03 18.77 -2.11
C GLN B 94 -4.01 19.16 -3.58
N ASP B 95 -3.73 20.42 -3.87
CA ASP B 95 -3.71 20.91 -5.25
C ASP B 95 -2.48 20.44 -6.01
N VAL B 96 -1.36 20.29 -5.32
CA VAL B 96 -0.18 19.70 -5.96
C VAL B 96 -0.44 18.20 -6.23
N THR B 97 -1.11 17.56 -5.29
CA THR B 97 -1.57 16.17 -5.47
C THR B 97 -2.51 16.02 -6.69
N TYR B 98 -3.50 16.90 -6.84
CA TYR B 98 -4.30 16.91 -8.06
C TYR B 98 -3.43 17.11 -9.29
N GLN B 99 -2.52 18.09 -9.24
CA GLN B 99 -1.59 18.34 -10.34
C GLN B 99 -0.85 17.04 -10.75
N THR B 100 -0.41 16.29 -9.75
CA THR B 100 0.27 15.02 -9.98
C THR B 100 -0.66 14.00 -10.64
N ASP B 101 -1.90 13.95 -10.16
CA ASP B 101 -2.87 12.98 -10.64
C ASP B 101 -3.26 13.34 -12.07
N GLN B 102 -3.34 14.63 -12.40
CA GLN B 102 -3.61 15.06 -13.77
C GLN B 102 -2.61 14.42 -14.71
N GLN B 103 -1.33 14.50 -14.36
CA GLN B 103 -0.26 13.94 -15.15
C GLN B 103 -0.43 12.45 -15.29
N THR B 104 -0.67 11.78 -14.17
CA THR B 104 -0.83 10.33 -14.22
C THR B 104 -1.94 9.89 -15.20
N LEU B 105 -3.01 10.65 -15.33
CA LEU B 105 -4.00 10.34 -16.36
C LEU B 105 -3.35 10.38 -17.73
N ILE B 106 -2.56 11.39 -18.02
CA ILE B 106 -1.87 11.45 -19.29
C ILE B 106 -0.94 10.26 -19.53
N LEU B 107 -0.04 9.96 -18.60
CA LEU B 107 0.89 8.84 -18.79
C LEU B 107 0.16 7.50 -18.92
N ASN B 108 -0.95 7.37 -18.20
CA ASN B 108 -1.67 6.11 -18.16
C ASN B 108 -2.51 5.84 -19.39
N THR B 109 -3.01 6.92 -19.99
CA THR B 109 -3.82 6.86 -21.19
C THR B 109 -2.91 6.55 -22.36
N ALA B 110 -1.79 7.25 -22.47
CA ALA B 110 -0.85 7.00 -23.53
C ALA B 110 -0.36 5.56 -23.41
N THR B 111 0.01 5.12 -22.22
CA THR B 111 0.53 3.77 -22.09
C THR B 111 -0.48 2.72 -22.57
N ALA B 112 -1.72 2.83 -22.12
CA ALA B 112 -2.73 1.87 -22.54
C ALA B 112 -2.96 1.92 -24.04
N TYR B 113 -3.00 3.12 -24.60
CA TYR B 113 -3.17 3.29 -26.04
C TYR B 113 -2.07 2.56 -26.85
N PHE B 114 -0.82 2.70 -26.46
CA PHE B 114 0.25 2.02 -27.19
C PHE B 114 0.27 0.54 -26.88
N ASN B 115 -0.13 0.16 -25.68
CA ASN B 115 -0.17 -1.26 -25.33
C ASN B 115 -1.16 -1.98 -26.24
N VAL B 116 -2.12 -1.23 -26.77
CA VAL B 116 -3.09 -1.76 -27.71
C VAL B 116 -2.48 -1.80 -29.08
N LEU B 117 -1.91 -0.69 -29.51
CA LEU B 117 -1.19 -0.66 -30.78
C LEU B 117 -0.17 -1.80 -30.95
N ASN B 118 0.46 -2.18 -29.85
CA ASN B 118 1.43 -3.26 -29.82
C ASN B 118 0.76 -4.61 -29.87
N ALA B 119 -0.29 -4.80 -29.08
CA ALA B 119 -1.06 -6.04 -29.12
C ALA B 119 -1.58 -6.30 -30.51
N ILE B 120 -1.84 -5.21 -31.23
CA ILE B 120 -2.22 -5.26 -32.62
C ILE B 120 -1.03 -5.63 -33.53
N ASP B 121 0.10 -4.94 -33.41
CA ASP B 121 1.29 -5.27 -34.20
C ASP B 121 1.64 -6.74 -34.00
N VAL B 122 1.66 -7.17 -32.74
CA VAL B 122 2.04 -8.55 -32.45
C VAL B 122 1.08 -9.54 -33.11
N LEU B 123 -0.23 -9.33 -33.00
CA LEU B 123 -1.18 -10.16 -33.73
C LEU B 123 -0.85 -10.23 -35.23
N SER B 124 -0.91 -9.10 -35.92
CA SER B 124 -0.73 -9.09 -37.37
C SER B 124 0.61 -9.71 -37.84
N TYR B 125 1.67 -9.57 -37.06
CA TYR B 125 2.91 -10.26 -37.37
C TYR B 125 2.71 -11.76 -37.12
N THR B 126 2.03 -12.11 -36.03
CA THR B 126 1.88 -13.52 -35.73
C THR B 126 0.99 -14.19 -36.79
N GLN B 127 0.11 -13.40 -37.41
CA GLN B 127 -0.73 -13.89 -38.50
C GLN B 127 0.09 -14.07 -39.79
N ALA B 128 0.95 -13.11 -40.08
CA ALA B 128 1.85 -13.18 -41.23
C ALA B 128 2.86 -14.30 -41.07
N GLN B 129 3.23 -14.62 -39.83
CA GLN B 129 4.13 -15.74 -39.54
C GLN B 129 3.39 -17.05 -39.75
N LYS B 130 2.18 -17.13 -39.23
CA LYS B 130 1.32 -18.27 -39.52
C LYS B 130 1.23 -18.47 -41.03
N GLU B 131 0.61 -17.51 -41.71
CA GLU B 131 0.40 -17.55 -43.16
C GLU B 131 1.65 -17.91 -43.97
N ALA B 132 2.82 -17.44 -43.54
CA ALA B 132 4.05 -17.77 -44.25
C ALA B 132 4.46 -19.23 -44.05
N ILE B 133 4.21 -19.78 -42.86
CA ILE B 133 4.55 -21.18 -42.61
C ILE B 133 3.62 -22.11 -43.39
N TYR B 134 2.37 -21.70 -43.57
CA TYR B 134 1.42 -22.54 -44.31
C TYR B 134 1.93 -22.79 -45.73
N ARG B 135 2.28 -21.71 -46.44
CA ARG B 135 2.79 -21.81 -47.80
C ARG B 135 4.09 -22.61 -47.92
N GLN B 136 4.93 -22.54 -46.90
CA GLN B 136 6.18 -23.30 -46.86
C GLN B 136 5.93 -24.75 -46.48
N LEU B 137 4.80 -24.98 -45.81
CA LEU B 137 4.39 -26.33 -45.47
C LEU B 137 3.76 -27.05 -46.68
N ASP B 138 3.19 -26.27 -47.60
CA ASP B 138 2.52 -26.82 -48.78
C ASP B 138 3.43 -26.86 -49.98
N GLN B 139 4.71 -26.60 -49.75
CA GLN B 139 5.74 -26.84 -50.76
C GLN B 139 6.62 -27.96 -50.23
N THR B 140 6.59 -28.16 -48.93
CA THR B 140 7.33 -29.24 -48.31
C THR B 140 6.45 -30.46 -48.21
N THR B 141 5.20 -30.31 -48.60
CA THR B 141 4.29 -31.45 -48.64
C THR B 141 3.91 -31.80 -50.07
N GLN B 142 4.51 -31.07 -51.02
CA GLN B 142 4.34 -31.32 -52.43
C GLN B 142 5.71 -31.62 -53.00
N ARG B 143 6.65 -31.84 -52.08
CA ARG B 143 7.98 -32.29 -52.44
C ARG B 143 8.29 -33.56 -51.67
N PHE B 144 7.58 -33.79 -50.58
CA PHE B 144 7.66 -35.04 -49.84
C PHE B 144 6.94 -36.12 -50.65
N ASN B 145 5.84 -35.72 -51.26
CA ASN B 145 5.07 -36.61 -52.12
C ASN B 145 5.92 -37.11 -53.30
N VAL B 146 6.88 -36.29 -53.69
CA VAL B 146 7.72 -36.58 -54.83
C VAL B 146 9.05 -37.19 -54.39
N GLY B 147 9.12 -37.54 -53.11
CA GLY B 147 10.18 -38.41 -52.62
C GLY B 147 11.40 -37.78 -51.95
N LEU B 148 11.73 -36.56 -52.34
CA LEU B 148 13.02 -35.99 -51.98
C LEU B 148 13.01 -35.13 -50.71
N VAL B 149 12.16 -35.47 -49.75
CA VAL B 149 12.25 -34.93 -48.39
C VAL B 149 11.72 -35.89 -47.34
N ALA B 150 12.49 -36.06 -46.27
CA ALA B 150 12.17 -37.02 -45.22
C ALA B 150 10.89 -36.65 -44.50
N ILE B 151 10.21 -37.66 -43.94
CA ILE B 151 8.94 -37.43 -43.28
C ILE B 151 9.09 -36.62 -42.00
N THR B 152 10.28 -36.69 -41.40
CA THR B 152 10.53 -35.98 -40.15
C THR B 152 10.75 -34.47 -40.37
N ASP B 153 10.90 -34.09 -41.63
CA ASP B 153 10.95 -32.68 -42.02
C ASP B 153 9.53 -32.12 -42.09
N VAL B 154 8.56 -33.01 -42.28
CA VAL B 154 7.16 -32.61 -42.33
C VAL B 154 6.47 -32.71 -40.96
N GLN B 155 6.96 -33.60 -40.10
CA GLN B 155 6.41 -33.75 -38.76
C GLN B 155 6.86 -32.57 -37.89
N ASN B 156 8.12 -32.19 -38.08
CA ASN B 156 8.71 -31.02 -37.48
C ASN B 156 7.99 -29.77 -37.95
N ALA B 157 7.76 -29.67 -39.25
CA ALA B 157 7.14 -28.47 -39.83
C ALA B 157 5.70 -28.32 -39.44
N ARG B 158 5.01 -29.42 -39.18
CA ARG B 158 3.61 -29.33 -38.79
C ARG B 158 3.48 -29.01 -37.31
N ALA B 159 4.38 -29.59 -36.51
CA ALA B 159 4.43 -29.29 -35.09
C ALA B 159 4.77 -27.82 -34.83
N GLN B 160 5.49 -27.23 -35.79
CA GLN B 160 5.92 -25.85 -35.70
C GLN B 160 4.83 -24.86 -36.15
N TYR B 161 3.99 -25.29 -37.10
CA TYR B 161 2.85 -24.48 -37.49
C TYR B 161 1.81 -24.50 -36.40
N ASP B 162 1.72 -25.63 -35.70
CA ASP B 162 0.78 -25.79 -34.59
C ASP B 162 1.10 -24.82 -33.45
N THR B 163 2.39 -24.54 -33.31
CA THR B 163 2.80 -23.58 -32.30
C THR B 163 2.42 -22.14 -32.68
N VAL B 164 2.72 -21.70 -33.89
CA VAL B 164 2.24 -20.39 -34.34
C VAL B 164 0.71 -20.32 -34.32
N LEU B 165 0.03 -21.47 -34.34
CA LEU B 165 -1.43 -21.44 -34.25
C LEU B 165 -1.84 -21.13 -32.84
N ALA B 166 -1.13 -21.72 -31.88
CA ALA B 166 -1.38 -21.51 -30.46
C ALA B 166 -0.89 -20.11 -30.03
N ASN B 167 0.13 -19.62 -30.74
CA ASN B 167 0.62 -18.27 -30.48
C ASN B 167 -0.39 -17.27 -30.99
N GLU B 168 -0.95 -17.50 -32.18
CA GLU B 168 -1.97 -16.57 -32.68
C GLU B 168 -3.11 -16.48 -31.67
N LEU B 169 -3.31 -17.58 -30.96
CA LEU B 169 -4.40 -17.69 -29.99
C LEU B 169 -4.15 -16.80 -28.77
N THR B 170 -3.06 -17.06 -28.06
CA THR B 170 -2.66 -16.24 -26.94
C THR B 170 -2.03 -14.96 -27.43
N ALA B 171 -2.38 -14.54 -28.63
CA ALA B 171 -2.01 -13.21 -29.08
C ALA B 171 -3.24 -12.31 -29.10
N ARG B 172 -4.28 -12.81 -29.76
CA ARG B 172 -5.59 -12.17 -29.71
C ARG B 172 -6.13 -11.98 -28.27
N ASN B 173 -5.70 -12.81 -27.32
CA ASN B 173 -6.20 -12.68 -25.96
C ASN B 173 -5.57 -11.44 -25.36
N ASN B 174 -4.24 -11.41 -25.40
CA ASN B 174 -3.44 -10.27 -25.02
C ASN B 174 -4.04 -8.97 -25.54
N LEU B 175 -4.45 -8.98 -26.82
CA LEU B 175 -4.98 -7.80 -27.46
C LEU B 175 -6.28 -7.39 -26.82
N ASP B 176 -7.17 -8.35 -26.63
CA ASP B 176 -8.51 -8.10 -26.12
C ASP B 176 -8.48 -7.51 -24.70
N ASN B 177 -7.76 -8.16 -23.80
CA ASN B 177 -7.50 -7.60 -22.51
C ASN B 177 -6.86 -6.20 -22.56
N ALA B 178 -6.09 -5.92 -23.61
CA ALA B 178 -5.49 -4.59 -23.74
C ALA B 178 -6.57 -3.53 -23.97
N VAL B 179 -7.60 -3.85 -24.73
CA VAL B 179 -8.66 -2.87 -24.93
C VAL B 179 -9.55 -2.73 -23.68
N GLU B 180 -9.63 -3.80 -22.89
CA GLU B 180 -10.23 -3.76 -21.57
C GLU B 180 -9.48 -2.80 -20.65
N GLN B 181 -8.14 -2.84 -20.70
CA GLN B 181 -7.30 -1.90 -19.97
C GLN B 181 -7.71 -0.52 -20.40
N LEU B 182 -7.66 -0.30 -21.71
CA LEU B 182 -7.97 1.01 -22.24
C LEU B 182 -9.38 1.51 -21.85
N ARG B 183 -10.36 0.63 -21.72
CA ARG B 183 -11.74 1.00 -21.42
C ARG B 183 -11.90 1.48 -19.98
N GLN B 184 -11.26 0.74 -19.06
CA GLN B 184 -11.26 1.09 -17.66
C GLN B 184 -10.75 2.52 -17.51
N ILE B 185 -9.63 2.80 -18.16
CA ILE B 185 -9.01 4.10 -18.08
C ILE B 185 -9.82 5.18 -18.78
N THR B 186 -10.54 4.80 -19.81
CA THR B 186 -10.95 5.78 -20.79
C THR B 186 -12.45 5.88 -20.87
N GLY B 187 -13.13 4.83 -20.40
CA GLY B 187 -14.57 4.78 -20.44
C GLY B 187 -15.16 4.25 -21.74
N ASN B 188 -14.32 3.95 -22.73
CA ASN B 188 -14.86 3.57 -24.03
C ASN B 188 -14.28 2.30 -24.61
N TYR B 189 -14.88 1.86 -25.73
CA TYR B 189 -14.32 0.80 -26.57
C TYR B 189 -14.16 1.35 -27.97
N TYR B 190 -12.99 1.14 -28.57
CA TYR B 190 -12.74 1.72 -29.87
C TYR B 190 -12.67 0.65 -30.96
N PRO B 191 -13.44 0.85 -32.04
CA PRO B 191 -13.40 -0.14 -33.13
C PRO B 191 -12.05 -0.04 -33.84
N GLU B 192 -11.53 1.19 -33.89
CA GLU B 192 -10.22 1.44 -34.47
C GLU B 192 -9.50 2.57 -33.72
N LEU B 193 -8.17 2.53 -33.77
CA LEU B 193 -7.35 3.58 -33.17
C LEU B 193 -6.62 4.35 -34.26
N ALA B 194 -5.30 4.27 -34.22
CA ALA B 194 -4.45 4.95 -35.18
C ALA B 194 -3.04 4.57 -34.77
N ALA B 195 -2.32 3.84 -35.62
CA ALA B 195 -1.01 3.34 -35.21
C ALA B 195 0.13 4.23 -35.64
N LEU B 196 1.30 3.89 -35.12
CA LEU B 196 2.47 4.70 -35.27
C LEU B 196 2.91 4.69 -36.73
N ASN B 197 2.74 5.83 -37.41
CA ASN B 197 3.16 5.97 -38.80
C ASN B 197 4.63 5.57 -38.99
N VAL B 198 4.85 4.43 -39.64
CA VAL B 198 6.13 3.73 -39.58
C VAL B 198 7.31 4.31 -40.38
N GLU B 199 7.06 4.85 -41.57
CA GLU B 199 8.14 5.49 -42.33
C GLU B 199 8.47 6.89 -41.80
N ASN B 200 7.44 7.69 -41.53
CA ASN B 200 7.60 9.03 -40.95
C ASN B 200 7.97 8.99 -39.47
N PHE B 201 9.04 8.27 -39.15
CA PHE B 201 9.44 8.10 -37.77
C PHE B 201 10.95 8.14 -37.61
N LYS B 202 11.42 9.11 -36.83
CA LYS B 202 12.79 9.16 -36.39
C LYS B 202 12.80 9.39 -34.89
N THR B 203 13.90 9.04 -34.24
CA THR B 203 14.07 9.32 -32.83
C THR B 203 14.74 10.67 -32.70
N ASP B 204 14.36 11.41 -31.67
CA ASP B 204 15.04 12.64 -31.32
C ASP B 204 15.83 12.45 -30.03
N LYS B 205 17.11 12.79 -30.09
CA LYS B 205 18.00 12.67 -28.95
C LYS B 205 17.44 13.50 -27.80
N PRO B 206 17.75 13.09 -26.56
CA PRO B 206 17.27 13.80 -25.38
C PRO B 206 18.19 14.95 -24.98
N GLN B 207 17.63 15.91 -24.24
CA GLN B 207 18.40 17.01 -23.67
C GLN B 207 19.46 16.46 -22.72
N PRO B 208 20.56 17.21 -22.52
CA PRO B 208 21.66 16.71 -21.69
C PRO B 208 21.08 16.35 -20.34
N VAL B 209 21.67 15.39 -19.64
CA VAL B 209 21.07 14.99 -18.38
C VAL B 209 21.08 16.09 -17.28
N ASN B 210 22.16 16.88 -17.24
CA ASN B 210 22.32 17.94 -16.25
C ASN B 210 21.32 19.08 -16.42
N ALA B 211 20.81 19.25 -17.63
CA ALA B 211 19.75 20.24 -17.87
C ALA B 211 18.40 19.74 -17.36
N LEU B 212 18.08 18.49 -17.68
CA LEU B 212 16.86 17.84 -17.22
C LEU B 212 16.86 17.85 -15.71
N LEU B 213 17.97 17.46 -15.11
CA LEU B 213 18.04 17.37 -13.68
C LEU B 213 17.71 18.74 -13.09
N LYS B 214 18.31 19.78 -13.66
CA LYS B 214 18.11 21.13 -13.15
C LYS B 214 16.69 21.66 -13.35
N GLU B 215 16.06 21.24 -14.45
CA GLU B 215 14.66 21.59 -14.72
C GLU B 215 13.75 20.88 -13.74
N ALA B 216 14.06 19.60 -13.49
CA ALA B 216 13.27 18.83 -12.54
C ALA B 216 13.33 19.43 -11.12
N GLU B 217 14.51 19.80 -10.66
CA GLU B 217 14.60 20.38 -9.34
C GLU B 217 13.78 21.66 -9.14
N LYS B 218 13.35 22.28 -10.24
CA LYS B 218 12.50 23.46 -10.15
C LYS B 218 11.00 23.13 -10.23
N ARG B 219 10.63 22.07 -10.95
CA ARG B 219 9.23 21.83 -11.26
C ARG B 219 8.67 20.44 -11.01
N ASN B 220 9.50 19.47 -10.65
CA ASN B 220 9.00 18.12 -10.41
C ASN B 220 7.98 18.05 -9.25
N LEU B 221 6.72 17.73 -9.56
CA LEU B 221 5.63 17.74 -8.60
C LEU B 221 5.85 16.94 -7.33
N SER B 222 6.55 15.82 -7.41
CA SER B 222 6.80 15.06 -6.20
C SER B 222 7.65 15.87 -5.28
N LEU B 223 8.64 16.59 -5.84
CA LEU B 223 9.54 17.47 -5.08
C LEU B 223 8.83 18.71 -4.49
N LEU B 224 8.03 19.39 -5.32
CA LEU B 224 7.25 20.53 -4.88
C LEU B 224 6.36 20.16 -3.68
N GLN B 225 5.88 18.93 -3.69
CA GLN B 225 5.08 18.44 -2.60
C GLN B 225 5.89 18.12 -1.35
N ALA B 226 7.08 17.58 -1.49
CA ALA B 226 7.90 17.39 -0.29
C ALA B 226 8.23 18.74 0.39
N ARG B 227 8.23 19.79 -0.41
CA ARG B 227 8.63 21.09 0.04
C ARG B 227 7.45 21.72 0.74
N LEU B 228 6.28 21.66 0.10
CA LEU B 228 5.09 22.19 0.72
C LEU B 228 4.88 21.48 2.04
N SER B 229 5.30 20.22 2.13
CA SER B 229 5.12 19.44 3.34
C SER B 229 6.09 19.76 4.43
N GLN B 230 7.35 20.06 4.09
CA GLN B 230 8.30 20.55 5.08
C GLN B 230 7.81 21.90 5.66
N ASP B 231 7.25 22.72 4.78
CA ASP B 231 6.70 23.98 5.15
C ASP B 231 5.58 23.77 6.18
N LEU B 232 4.74 22.76 5.94
CA LEU B 232 3.65 22.41 6.86
C LEU B 232 4.19 21.95 8.21
N ALA B 233 5.26 21.17 8.23
CA ALA B 233 5.76 20.73 9.53
C ALA B 233 6.29 21.89 10.40
N ARG B 234 6.64 23.00 9.74
CA ARG B 234 7.32 24.11 10.37
C ARG B 234 6.25 25.01 10.94
N GLU B 235 5.21 25.23 10.15
CA GLU B 235 4.04 25.96 10.65
C GLU B 235 3.44 25.19 11.80
N GLN B 236 3.64 23.88 11.79
CA GLN B 236 3.11 23.00 12.82
C GLN B 236 3.92 23.12 14.10
N ILE B 237 5.17 23.55 13.99
CA ILE B 237 5.99 23.78 15.15
C ILE B 237 5.50 25.08 15.85
N ARG B 238 5.14 26.08 15.04
CA ARG B 238 4.62 27.31 15.56
C ARG B 238 3.30 27.04 16.28
N GLN B 239 2.53 26.09 15.75
CA GLN B 239 1.26 25.74 16.34
C GLN B 239 1.52 25.18 17.71
N ALA B 240 2.46 24.24 17.84
CA ALA B 240 2.78 23.72 19.16
C ALA B 240 3.16 24.87 20.12
N GLN B 241 3.93 25.83 19.61
CA GLN B 241 4.41 26.96 20.39
C GLN B 241 3.32 27.98 20.81
N ASP B 242 2.16 27.91 20.17
CA ASP B 242 1.11 28.87 20.45
C ASP B 242 0.46 28.58 21.79
N GLY B 243 0.74 27.43 22.35
CA GLY B 243 0.14 27.00 23.59
C GLY B 243 0.78 27.65 24.79
N HIS B 244 1.65 28.62 24.54
CA HIS B 244 2.21 29.42 25.62
C HIS B 244 1.52 30.76 25.67
N LEU B 245 0.92 31.16 24.56
CA LEU B 245 0.29 32.47 24.45
C LEU B 245 -1.06 32.56 25.15
N PRO B 246 -1.42 33.77 25.61
CA PRO B 246 -2.72 33.99 26.23
C PRO B 246 -3.77 34.29 25.18
N THR B 247 -5.03 34.18 25.58
CA THR B 247 -6.16 34.35 24.70
C THR B 247 -7.14 35.36 25.26
N LEU B 248 -7.57 36.26 24.40
CA LEU B 248 -8.53 37.27 24.78
C LEU B 248 -9.77 37.16 23.91
N ASP B 249 -10.87 36.73 24.51
CA ASP B 249 -12.17 36.75 23.84
C ASP B 249 -13.15 37.80 24.41
N LEU B 250 -14.17 38.12 23.60
CA LEU B 250 -15.28 38.99 23.98
C LEU B 250 -16.60 38.20 24.03
N THR B 251 -17.48 38.53 24.97
CA THR B 251 -18.82 37.91 25.01
C THR B 251 -19.91 38.97 25.21
N ALA B 252 -21.11 38.68 24.73
CA ALA B 252 -22.22 39.61 24.85
C ALA B 252 -23.55 38.86 24.88
N SER B 253 -24.33 39.04 25.94
CA SER B 253 -25.61 38.36 26.06
C SER B 253 -26.73 39.37 26.12
N THR B 254 -27.96 38.89 26.03
CA THR B 254 -29.13 39.66 26.43
C THR B 254 -30.13 38.68 27.03
N GLY B 255 -30.04 38.46 28.33
CA GLY B 255 -30.83 37.44 29.01
C GLY B 255 -32.12 37.94 29.62
N ILE B 256 -32.93 36.99 30.10
CA ILE B 256 -34.25 37.28 30.63
C ILE B 256 -34.56 36.15 31.58
N SER B 257 -34.69 36.46 32.85
CA SER B 257 -34.94 35.45 33.88
C SER B 257 -36.33 35.66 34.50
N ASP B 258 -37.11 34.58 34.62
CA ASP B 258 -38.45 34.67 35.21
C ASP B 258 -38.69 33.63 36.29
N THR B 259 -38.21 33.89 37.50
CA THR B 259 -38.42 32.97 38.61
C THR B 259 -39.74 33.24 39.31
N SER B 260 -40.28 32.22 39.98
CA SER B 260 -41.51 32.36 40.75
C SER B 260 -41.54 31.25 41.80
N TYR B 261 -41.86 31.61 43.05
CA TYR B 261 -41.74 30.66 44.17
C TYR B 261 -43.07 30.08 44.67
N SER B 262 -42.99 29.00 45.43
CA SER B 262 -44.16 28.31 45.96
C SER B 262 -43.74 27.45 47.14
N GLY B 263 -44.60 26.51 47.54
CA GLY B 263 -44.37 25.71 48.74
C GLY B 263 -45.01 26.33 49.97
N SER B 264 -44.59 25.90 51.15
CA SER B 264 -45.16 26.38 52.41
C SER B 264 -44.43 27.59 52.99
N LYS B 265 -43.10 27.52 53.13
CA LYS B 265 -42.33 28.65 53.68
C LYS B 265 -42.24 29.86 52.74
N THR B 266 -43.22 29.95 51.85
CA THR B 266 -43.36 31.07 50.95
C THR B 266 -44.68 31.81 51.24
N ARG B 267 -45.48 31.24 52.14
CA ARG B 267 -46.85 31.69 52.38
C ARG B 267 -46.95 32.67 53.52
N GLY B 268 -46.12 33.70 53.48
CA GLY B 268 -46.15 34.73 54.49
C GLY B 268 -44.77 35.13 54.97
N ALA B 269 -43.73 34.65 54.27
CA ALA B 269 -42.37 35.07 54.58
C ALA B 269 -42.36 36.58 54.61
N ALA B 270 -43.17 37.17 53.73
CA ALA B 270 -43.37 38.62 53.70
C ALA B 270 -42.06 39.39 53.76
N GLY B 271 -41.00 38.78 53.23
CA GLY B 271 -39.72 39.46 53.12
C GLY B 271 -39.56 39.90 51.69
N THR B 272 -40.65 39.79 50.93
CA THR B 272 -40.65 39.99 49.48
C THR B 272 -39.41 39.41 48.78
N GLN B 273 -38.91 38.29 49.29
CA GLN B 273 -37.84 37.55 48.65
C GLN B 273 -38.46 36.56 47.69
N TYR B 274 -39.37 35.77 48.23
CA TYR B 274 -40.08 34.73 47.49
C TYR B 274 -41.17 35.34 46.60
N ASP B 275 -40.93 36.60 46.21
CA ASP B 275 -41.80 37.32 45.29
C ASP B 275 -41.26 37.20 43.85
N ASP B 276 -42.18 37.01 42.90
CA ASP B 276 -41.84 36.89 41.49
C ASP B 276 -40.77 37.91 41.03
N SER B 277 -39.64 37.37 40.57
CA SER B 277 -38.55 38.15 40.06
C SER B 277 -38.59 38.14 38.54
N ASN B 278 -38.32 39.28 37.91
CA ASN B 278 -38.32 39.38 36.45
C ASN B 278 -37.11 40.14 35.88
N MET B 279 -35.94 39.50 35.90
CA MET B 279 -34.69 40.15 35.48
C MET B 279 -34.54 40.32 33.97
N GLY B 280 -33.49 41.04 33.59
CA GLY B 280 -33.17 41.27 32.19
C GLY B 280 -31.80 41.92 32.08
N GLN B 281 -30.80 41.19 31.64
CA GLN B 281 -29.44 41.73 31.65
C GLN B 281 -28.84 41.86 30.25
N ASN B 282 -28.29 43.04 29.95
CA ASN B 282 -27.43 43.20 28.79
C ASN B 282 -25.98 43.12 29.25
N LYS B 283 -25.22 42.16 28.75
CA LYS B 283 -23.82 42.06 29.14
C LYS B 283 -22.86 42.22 27.96
N VAL B 284 -21.65 42.67 28.21
CA VAL B 284 -20.52 42.59 27.29
C VAL B 284 -19.31 42.44 28.20
N GLY B 285 -18.41 41.56 27.83
CA GLY B 285 -17.28 41.26 28.69
C GLY B 285 -16.09 40.71 27.97
N LEU B 286 -14.96 40.68 28.64
CA LEU B 286 -13.71 40.21 28.07
C LEU B 286 -13.12 39.16 28.97
N SER B 287 -12.88 37.97 28.43
CA SER B 287 -12.13 36.94 29.16
C SER B 287 -10.69 36.93 28.71
N PHE B 288 -9.77 36.93 29.66
CA PHE B 288 -8.35 36.80 29.36
C PHE B 288 -7.88 35.58 30.11
N SER B 289 -7.12 34.74 29.40
CA SER B 289 -6.65 33.48 29.94
C SER B 289 -5.19 33.23 29.56
N LEU B 290 -4.35 33.05 30.58
CA LEU B 290 -2.94 32.79 30.37
C LEU B 290 -2.50 31.50 31.05
N PRO B 291 -1.99 30.56 30.25
CA PRO B 291 -1.42 29.32 30.75
C PRO B 291 -0.08 29.64 31.38
N ILE B 292 0.28 28.92 32.43
CA ILE B 292 1.48 29.26 33.18
C ILE B 292 2.33 28.02 33.35
N TYR B 293 1.72 26.94 33.78
CA TYR B 293 2.43 25.68 33.78
C TYR B 293 1.47 24.52 33.63
N GLN B 294 1.67 23.74 32.57
CA GLN B 294 0.68 22.73 32.22
C GLN B 294 1.24 21.32 32.26
N GLY B 295 2.14 21.05 33.20
CA GLY B 295 2.77 19.74 33.32
C GLY B 295 3.84 19.50 32.26
N GLY B 296 4.28 20.59 31.64
CA GLY B 296 5.23 20.57 30.56
C GLY B 296 4.64 20.00 29.28
N MET B 297 3.31 20.04 29.18
CA MET B 297 2.65 19.53 27.99
C MET B 297 3.01 20.39 26.80
N VAL B 298 3.17 21.69 27.01
CA VAL B 298 3.42 22.55 25.88
C VAL B 298 4.80 22.33 25.26
N ASN B 299 5.81 22.10 26.11
CA ASN B 299 7.18 21.86 25.63
C ASN B 299 7.40 20.54 24.91
N SER B 300 6.84 19.47 25.46
CA SER B 300 6.87 18.18 24.80
C SER B 300 6.14 18.25 23.48
N GLN B 301 5.06 19.01 23.43
CA GLN B 301 4.36 19.19 22.16
C GLN B 301 5.26 19.92 21.19
N VAL B 302 6.01 20.90 21.65
CA VAL B 302 6.94 21.61 20.77
C VAL B 302 8.12 20.72 20.26
N LYS B 303 8.74 19.98 21.17
CA LYS B 303 9.79 19.07 20.80
C LYS B 303 9.29 18.08 19.75
N GLN B 304 8.16 17.44 20.03
CA GLN B 304 7.53 16.56 19.03
C GLN B 304 7.46 17.24 17.66
N ALA B 305 6.78 18.40 17.62
CA ALA B 305 6.64 19.16 16.37
C ALA B 305 7.97 19.33 15.62
N GLN B 306 9.04 19.51 16.39
CA GLN B 306 10.40 19.67 15.86
C GLN B 306 10.97 18.38 15.22
N TYR B 307 10.80 17.24 15.89
CA TYR B 307 11.21 15.99 15.30
C TYR B 307 10.39 15.77 14.04
N ASN B 308 9.09 16.10 14.09
CA ASN B 308 8.27 16.01 12.90
C ASN B 308 8.91 16.81 11.78
N PHE B 309 9.48 17.97 12.13
CA PHE B 309 10.13 18.77 11.11
C PHE B 309 11.39 18.12 10.57
N VAL B 310 12.14 17.43 11.44
CA VAL B 310 13.30 16.71 10.96
C VAL B 310 12.87 15.66 9.93
N GLY B 311 11.86 14.88 10.32
CA GLY B 311 11.29 13.88 9.45
C GLY B 311 10.80 14.47 8.15
N ALA B 312 10.23 15.68 8.19
CA ALA B 312 9.64 16.26 6.99
C ALA B 312 10.75 16.62 6.05
N SER B 313 11.92 16.85 6.63
CA SER B 313 13.12 17.26 5.93
C SER B 313 13.85 16.05 5.30
N GLU B 314 14.04 15.00 6.10
CA GLU B 314 14.54 13.73 5.62
C GLU B 314 13.66 13.31 4.46
N GLN B 315 12.36 13.44 4.61
CA GLN B 315 11.47 13.13 3.51
C GLN B 315 11.83 13.94 2.27
N LEU B 316 12.10 15.21 2.45
CA LEU B 316 12.51 16.06 1.35
C LEU B 316 13.84 15.61 0.69
N GLU B 317 14.82 15.23 1.50
CA GLU B 317 16.04 14.67 0.94
C GLU B 317 15.70 13.45 0.10
N SER B 318 14.87 12.56 0.65
CA SER B 318 14.40 11.40 -0.07
C SER B 318 13.81 11.79 -1.41
N ALA B 319 13.21 12.96 -1.46
CA ALA B 319 12.56 13.41 -2.68
C ALA B 319 13.58 13.84 -3.75
N HIS B 320 14.59 14.63 -3.38
CA HIS B 320 15.66 14.96 -4.32
C HIS B 320 16.23 13.66 -4.86
N ARG B 321 16.63 12.75 -3.96
CA ARG B 321 17.23 11.49 -4.36
C ARG B 321 16.36 10.71 -5.36
N SER B 322 15.05 10.71 -5.12
CA SER B 322 14.13 10.14 -6.07
C SER B 322 14.13 10.92 -7.39
N VAL B 323 14.17 12.25 -7.33
CA VAL B 323 14.13 13.02 -8.58
C VAL B 323 15.42 12.80 -9.40
N VAL B 324 16.53 12.66 -8.70
CA VAL B 324 17.81 12.41 -9.32
C VAL B 324 17.77 11.11 -10.11
N GLN B 325 17.55 10.01 -9.39
CA GLN B 325 17.50 8.67 -10.00
C GLN B 325 16.39 8.56 -11.04
N THR B 326 15.27 9.20 -10.83
CA THR B 326 14.22 9.14 -11.84
C THR B 326 14.65 9.84 -13.12
N VAL B 327 15.22 11.03 -12.96
CA VAL B 327 15.60 11.83 -14.11
C VAL B 327 16.76 11.20 -14.88
N ARG B 328 17.68 10.59 -14.15
CA ARG B 328 18.79 9.91 -14.78
C ARG B 328 18.33 8.63 -15.46
N SER B 329 17.89 7.66 -14.67
CA SER B 329 17.29 6.45 -15.22
C SER B 329 16.44 6.74 -16.45
N SER B 330 15.67 7.82 -16.41
CA SER B 330 14.78 8.14 -17.51
C SER B 330 15.52 8.62 -18.75
N PHE B 331 16.58 9.38 -18.55
CA PHE B 331 17.53 9.77 -19.62
C PHE B 331 18.31 8.57 -20.19
N ASN B 332 19.00 7.86 -19.31
CA ASN B 332 19.56 6.55 -19.60
C ASN B 332 18.68 5.65 -20.51
N ASN B 333 17.42 5.51 -20.14
CA ASN B 333 16.52 4.60 -20.83
C ASN B 333 16.13 5.07 -22.23
N ILE B 334 15.88 6.37 -22.41
CA ILE B 334 15.58 6.86 -23.75
C ILE B 334 16.78 6.66 -24.72
N ASN B 335 18.00 6.79 -24.21
CA ASN B 335 19.22 6.59 -24.99
C ASN B 335 19.37 5.12 -25.41
N ALA B 336 19.08 4.24 -24.45
CA ALA B 336 19.27 2.84 -24.69
C ALA B 336 18.14 2.38 -25.61
N SER B 337 17.09 3.20 -25.66
CA SER B 337 15.95 2.92 -26.50
C SER B 337 16.19 3.39 -27.93
N ILE B 338 16.98 4.43 -28.11
CA ILE B 338 17.30 4.90 -29.45
C ILE B 338 18.27 3.89 -30.11
N SER B 339 19.30 3.55 -29.34
CA SER B 339 20.33 2.60 -29.75
C SER B 339 19.75 1.23 -29.92
N SER B 340 18.50 1.07 -29.48
CA SER B 340 17.82 -0.22 -29.57
C SER B 340 16.97 -0.29 -30.84
N ILE B 341 16.19 0.75 -31.06
CA ILE B 341 15.48 0.91 -32.31
C ILE B 341 16.44 0.78 -33.51
N ASN B 342 17.69 1.22 -33.36
CA ASN B 342 18.70 1.11 -34.42
C ASN B 342 19.13 -0.34 -34.69
N ALA B 343 19.52 -1.03 -33.61
CA ALA B 343 19.93 -2.42 -33.70
C ALA B 343 18.85 -3.36 -34.26
N TYR B 344 17.62 -3.21 -33.78
CA TYR B 344 16.50 -4.02 -34.30
C TYR B 344 16.13 -3.62 -35.74
N LYS B 345 16.31 -2.33 -36.07
CA LYS B 345 16.08 -1.83 -37.42
C LYS B 345 16.96 -2.62 -38.42
N GLN B 346 18.18 -2.96 -37.97
CA GLN B 346 19.14 -3.66 -38.80
C GLN B 346 18.96 -5.18 -38.76
N ALA B 347 18.54 -5.71 -37.61
CA ALA B 347 18.36 -7.16 -37.47
C ALA B 347 17.19 -7.65 -38.28
N VAL B 348 16.27 -6.74 -38.60
CA VAL B 348 15.14 -7.05 -39.48
C VAL B 348 15.65 -7.19 -40.93
N VAL B 349 16.52 -6.25 -41.33
CA VAL B 349 17.16 -6.29 -42.65
C VAL B 349 17.93 -7.59 -42.82
N SER B 350 18.71 -7.93 -41.80
CA SER B 350 19.46 -9.17 -41.79
C SER B 350 18.54 -10.38 -41.87
N ALA B 351 17.59 -10.45 -40.95
CA ALA B 351 16.65 -11.57 -40.89
C ALA B 351 15.90 -11.76 -42.20
N GLN B 352 15.77 -10.67 -42.96
CA GLN B 352 15.04 -10.67 -44.22
C GLN B 352 15.85 -11.27 -45.39
N SER B 353 17.08 -10.80 -45.57
CA SER B 353 17.95 -11.32 -46.62
C SER B 353 18.40 -12.73 -46.24
N SER B 354 18.49 -12.99 -44.94
CA SER B 354 18.82 -14.33 -44.47
C SER B 354 17.71 -15.33 -44.77
N LEU B 355 16.45 -14.91 -44.64
CA LEU B 355 15.32 -15.74 -45.05
C LEU B 355 15.31 -15.94 -46.57
N ASP B 356 15.27 -14.82 -47.31
CA ASP B 356 15.28 -14.85 -48.78
C ASP B 356 16.26 -15.89 -49.31
N ALA B 357 17.41 -16.01 -48.64
CA ALA B 357 18.45 -16.94 -49.05
C ALA B 357 18.00 -18.39 -48.87
N MET B 358 17.49 -18.69 -47.67
CA MET B 358 17.10 -20.05 -47.34
C MET B 358 15.73 -20.49 -47.87
N GLU B 359 15.07 -19.63 -48.62
CA GLU B 359 13.88 -20.02 -49.37
C GLU B 359 14.32 -20.50 -50.74
N ALA B 360 15.30 -19.80 -51.31
CA ALA B 360 15.93 -20.22 -52.54
C ALA B 360 16.64 -21.53 -52.26
N GLY B 361 17.34 -21.59 -51.13
CA GLY B 361 18.13 -22.76 -50.76
C GLY B 361 17.35 -24.05 -50.60
N PHE B 362 16.15 -23.94 -50.04
CA PHE B 362 15.35 -25.10 -49.69
C PHE B 362 14.56 -25.68 -50.88
N SER B 363 14.09 -24.79 -51.75
CA SER B 363 13.35 -25.20 -52.95
C SER B 363 14.28 -25.78 -54.02
N VAL B 364 15.57 -25.79 -53.72
CA VAL B 364 16.54 -26.40 -54.60
C VAL B 364 17.57 -27.17 -53.80
N GLY B 365 17.12 -27.98 -52.84
CA GLY B 365 17.97 -28.95 -52.17
C GLY B 365 18.93 -28.47 -51.12
N THR B 366 19.40 -27.23 -51.26
CA THR B 366 20.54 -26.72 -50.50
C THR B 366 20.40 -26.74 -48.98
N SER B 367 19.30 -26.18 -48.48
CA SER B 367 19.05 -26.13 -47.04
C SER B 367 17.65 -26.65 -46.72
N THR B 368 17.48 -27.22 -45.53
CA THR B 368 16.21 -27.85 -45.15
C THR B 368 15.06 -26.87 -45.05
N ILE B 369 13.88 -27.39 -44.72
CA ILE B 369 12.77 -26.54 -44.39
C ILE B 369 12.96 -26.06 -42.96
N VAL B 370 13.69 -26.86 -42.17
CA VAL B 370 14.04 -26.50 -40.80
C VAL B 370 15.14 -25.45 -40.77
N ASP B 371 15.67 -25.13 -41.94
CA ASP B 371 16.53 -23.97 -42.06
C ASP B 371 15.63 -22.77 -42.40
N VAL B 372 14.61 -23.03 -43.23
CA VAL B 372 13.73 -21.98 -43.72
C VAL B 372 12.72 -21.52 -42.65
N LEU B 373 12.32 -22.43 -41.76
CA LEU B 373 11.35 -22.09 -40.72
C LEU B 373 11.97 -21.14 -39.68
N ASP B 374 13.10 -21.58 -39.11
CA ASP B 374 13.87 -20.76 -38.16
C ASP B 374 14.14 -19.37 -38.71
N ALA B 375 14.72 -19.31 -39.92
CA ALA B 375 15.04 -18.02 -40.54
C ALA B 375 13.81 -17.12 -40.65
N THR B 376 12.65 -17.76 -40.85
CA THR B 376 11.37 -17.07 -40.93
C THR B 376 10.94 -16.61 -39.53
N THR B 377 10.87 -17.56 -38.62
CA THR B 377 10.60 -17.28 -37.21
C THR B 377 11.48 -16.14 -36.73
N THR B 378 12.76 -16.24 -37.01
CA THR B 378 13.72 -15.21 -36.60
C THR B 378 13.33 -13.81 -37.11
N LEU B 379 12.97 -13.71 -38.38
CA LEU B 379 12.58 -12.43 -38.93
C LEU B 379 11.46 -11.85 -38.11
N TYR B 380 10.33 -12.55 -38.08
CA TYR B 380 9.15 -12.03 -37.39
C TYR B 380 9.41 -11.63 -35.93
N ASN B 381 10.44 -12.21 -35.32
CA ASN B 381 10.84 -11.80 -33.97
C ASN B 381 11.48 -10.43 -33.98
N ALA B 382 12.43 -10.22 -34.89
CA ALA B 382 12.96 -8.88 -35.08
C ALA B 382 11.84 -7.92 -35.49
N LYS B 383 10.92 -8.39 -36.31
CA LYS B 383 9.81 -7.60 -36.80
C LYS B 383 9.02 -6.99 -35.63
N GLN B 384 8.77 -7.84 -34.62
CA GLN B 384 8.02 -7.51 -33.43
C GLN B 384 8.86 -6.66 -32.47
N GLU B 385 9.96 -7.25 -32.02
CA GLU B 385 10.93 -6.59 -31.16
C GLU B 385 11.17 -5.15 -31.58
N LEU B 386 11.21 -4.90 -32.89
CA LEU B 386 11.36 -3.56 -33.43
C LEU B 386 10.19 -2.65 -33.12
N ALA B 387 9.01 -2.97 -33.64
CA ALA B 387 7.83 -2.11 -33.41
C ALA B 387 7.51 -1.94 -31.94
N ASN B 388 7.77 -2.99 -31.16
CA ASN B 388 7.72 -2.88 -29.72
C ASN B 388 8.76 -1.85 -29.16
N ALA B 389 10.01 -1.95 -29.56
CA ALA B 389 11.01 -0.99 -29.09
C ALA B 389 10.60 0.42 -29.45
N ARG B 390 10.02 0.63 -30.62
CA ARG B 390 9.56 1.97 -30.99
C ARG B 390 8.58 2.58 -29.96
N TYR B 391 7.56 1.80 -29.58
CA TYR B 391 6.56 2.25 -28.62
C TYR B 391 7.26 2.61 -27.33
N ASN B 392 8.20 1.78 -26.86
CA ASN B 392 8.93 2.10 -25.63
C ASN B 392 9.64 3.44 -25.65
N TYR B 393 10.18 3.80 -26.80
CA TYR B 393 10.79 5.10 -26.93
C TYR B 393 9.74 6.19 -26.75
N LEU B 394 8.61 6.05 -27.43
CA LEU B 394 7.52 7.00 -27.27
C LEU B 394 7.11 7.20 -25.79
N ILE B 395 6.91 6.08 -25.10
CA ILE B 395 6.49 6.12 -23.70
C ILE B 395 7.63 6.61 -22.80
N ASN B 396 8.86 6.41 -23.24
CA ASN B 396 10.02 6.88 -22.50
C ASN B 396 10.22 8.39 -22.61
N GLN B 397 9.67 8.98 -23.68
CA GLN B 397 9.73 10.42 -23.89
C GLN B 397 8.82 11.10 -22.90
N LEU B 398 7.76 10.37 -22.55
CA LEU B 398 6.70 10.84 -21.69
C LEU B 398 7.15 10.67 -20.27
N ASN B 399 7.90 9.62 -19.96
CA ASN B 399 8.49 9.49 -18.63
C ASN B 399 9.45 10.62 -18.28
N ILE B 400 10.22 11.09 -19.25
CA ILE B 400 11.08 12.24 -18.99
C ILE B 400 10.21 13.43 -18.57
N LYS B 401 9.19 13.75 -19.34
CA LYS B 401 8.33 14.87 -19.01
C LYS B 401 7.69 14.71 -17.62
N SER B 402 7.36 13.47 -17.24
CA SER B 402 6.79 13.25 -15.91
C SER B 402 7.84 13.55 -14.86
N ALA B 403 9.03 12.98 -15.01
CA ALA B 403 10.14 13.27 -14.09
C ALA B 403 10.41 14.76 -14.07
N LEU B 404 10.24 15.42 -15.21
CA LEU B 404 10.39 16.87 -15.28
C LEU B 404 9.27 17.66 -14.56
N GLY B 405 8.06 17.10 -14.50
CA GLY B 405 6.90 17.78 -13.93
C GLY B 405 6.16 18.61 -14.97
N THR B 406 6.54 18.47 -16.23
CA THR B 406 5.93 19.25 -17.31
C THR B 406 4.91 18.44 -18.17
N LEU B 407 4.78 17.15 -17.89
CA LEU B 407 3.84 16.34 -18.67
C LEU B 407 2.46 16.99 -18.77
N ASN B 408 2.03 17.31 -20.00
CA ASN B 408 0.82 18.05 -20.23
C ASN B 408 0.24 17.67 -21.59
N GLU B 409 -0.88 18.30 -21.94
CA GLU B 409 -1.63 17.98 -23.15
C GLU B 409 -0.83 18.13 -24.47
N GLN B 410 0.09 19.10 -24.51
CA GLN B 410 0.84 19.38 -25.73
C GLN B 410 1.79 18.23 -26.07
N ASP B 411 2.34 17.62 -25.03
CA ASP B 411 3.20 16.46 -25.20
C ASP B 411 2.46 15.35 -25.95
N LEU B 412 1.15 15.25 -25.65
CA LEU B 412 0.25 14.33 -26.36
C LEU B 412 -0.07 14.82 -27.77
N LEU B 413 -0.36 16.09 -27.93
CA LEU B 413 -0.69 16.65 -29.24
C LEU B 413 0.42 16.38 -30.27
N ALA B 414 1.67 16.49 -29.85
CA ALA B 414 2.79 16.31 -30.76
C ALA B 414 2.98 14.84 -31.13
N LEU B 415 2.74 13.98 -30.15
CA LEU B 415 2.89 12.54 -30.32
C LEU B 415 1.78 12.02 -31.23
N ASN B 416 0.67 12.74 -31.23
CA ASN B 416 -0.46 12.43 -32.10
C ASN B 416 -0.06 12.56 -33.57
N ASN B 417 0.70 13.60 -33.86
CA ASN B 417 1.10 13.90 -35.22
C ASN B 417 1.92 12.78 -35.86
N ALA B 418 2.53 11.95 -35.02
CA ALA B 418 3.45 10.93 -35.50
C ALA B 418 2.76 9.59 -35.70
N LEU B 419 1.44 9.61 -35.70
CA LEU B 419 0.67 8.43 -36.07
C LEU B 419 -0.50 8.87 -36.96
N SER B 420 -0.99 7.97 -37.80
CA SER B 420 -2.02 8.37 -38.77
C SER B 420 -2.90 7.24 -39.29
N LYS B 421 -2.31 6.09 -39.59
CA LYS B 421 -3.08 4.99 -40.19
C LYS B 421 -4.05 4.39 -39.18
N PRO B 422 -5.38 4.50 -39.46
CA PRO B 422 -6.42 3.89 -38.62
C PRO B 422 -6.42 2.35 -38.69
N VAL B 423 -6.09 1.72 -37.57
CA VAL B 423 -5.97 0.27 -37.51
C VAL B 423 -7.12 -0.30 -36.70
N SER B 424 -7.63 -1.47 -37.07
CA SER B 424 -8.74 -2.10 -36.35
C SER B 424 -8.29 -2.70 -35.00
N THR B 425 -9.15 -2.59 -33.97
CA THR B 425 -8.83 -3.17 -32.67
C THR B 425 -9.45 -4.55 -32.49
N ASN B 426 -10.16 -5.00 -33.52
CA ASN B 426 -10.88 -6.27 -33.47
C ASN B 426 -10.75 -7.05 -34.78
N PRO B 427 -9.50 -7.25 -35.24
CA PRO B 427 -9.23 -7.92 -36.52
C PRO B 427 -9.93 -9.26 -36.64
N GLU B 428 -10.55 -9.49 -37.79
CA GLU B 428 -11.19 -10.78 -38.07
C GLU B 428 -10.14 -11.87 -38.23
N GLU C 1 -4.68 -34.70 1.68
CA GLU C 1 -6.12 -34.51 1.61
C GLU C 1 -6.53 -33.82 0.32
N ASN C 2 -7.83 -33.72 0.08
CA ASN C 2 -8.33 -33.08 -1.12
C ASN C 2 -8.49 -31.59 -0.94
N LEU C 3 -8.96 -30.91 -1.97
CA LEU C 3 -9.14 -29.46 -1.90
C LEU C 3 -10.03 -29.10 -0.73
N MET C 4 -11.22 -29.71 -0.67
CA MET C 4 -12.18 -29.43 0.40
C MET C 4 -11.55 -29.51 1.78
N GLN C 5 -10.99 -30.66 2.11
CA GLN C 5 -10.44 -30.88 3.43
C GLN C 5 -9.33 -29.88 3.79
N VAL C 6 -8.55 -29.43 2.80
CA VAL C 6 -7.54 -28.41 3.08
C VAL C 6 -8.25 -27.11 3.39
N TYR C 7 -8.98 -26.57 2.42
CA TYR C 7 -9.78 -25.38 2.64
C TYR C 7 -10.47 -25.37 4.00
N GLN C 8 -11.26 -26.39 4.28
CA GLN C 8 -12.00 -26.41 5.52
C GLN C 8 -11.11 -26.27 6.75
N GLN C 9 -9.96 -26.94 6.75
CA GLN C 9 -9.06 -26.82 7.88
C GLN C 9 -8.47 -25.42 7.95
N ALA C 10 -8.43 -24.72 6.83
CA ALA C 10 -7.90 -23.35 6.82
C ALA C 10 -8.95 -22.36 7.25
N ARG C 11 -10.21 -22.66 6.93
CA ARG C 11 -11.33 -21.83 7.37
C ARG C 11 -11.31 -21.65 8.89
N LEU C 12 -10.97 -22.71 9.62
CA LEU C 12 -10.98 -22.68 11.08
C LEU C 12 -9.75 -22.03 11.71
N SER C 13 -8.77 -21.63 10.92
CA SER C 13 -7.50 -21.21 11.50
C SER C 13 -6.87 -19.99 10.83
N ASN C 14 -7.32 -19.64 9.63
CA ASN C 14 -6.73 -18.50 8.92
C ASN C 14 -6.77 -17.19 9.73
N PRO C 15 -5.62 -16.79 10.24
CA PRO C 15 -5.57 -15.57 11.06
C PRO C 15 -5.75 -14.33 10.21
N GLU C 16 -5.85 -14.53 8.90
CA GLU C 16 -6.13 -13.40 8.04
C GLU C 16 -7.63 -13.18 8.09
N LEU C 17 -8.41 -14.27 8.02
CA LEU C 17 -9.87 -14.18 7.98
C LEU C 17 -10.45 -14.02 9.38
N ARG C 18 -9.74 -14.58 10.36
CA ARG C 18 -10.14 -14.48 11.74
C ARG C 18 -10.00 -13.03 12.24
N LYS C 19 -8.98 -12.34 11.75
CA LYS C 19 -8.89 -10.92 12.04
C LYS C 19 -10.04 -10.15 11.39
N SER C 20 -10.23 -10.33 10.09
CA SER C 20 -11.32 -9.64 9.41
C SER C 20 -12.63 -9.80 10.16
N ALA C 21 -12.76 -10.91 10.89
CA ALA C 21 -13.96 -11.24 11.61
C ALA C 21 -14.02 -10.42 12.88
N ALA C 22 -12.88 -10.25 13.52
CA ALA C 22 -12.82 -9.45 14.74
C ALA C 22 -13.09 -7.99 14.41
N ASP C 23 -12.81 -7.59 13.16
CA ASP C 23 -13.07 -6.23 12.75
C ASP C 23 -14.54 -6.00 12.54
N ARG C 24 -15.18 -7.00 11.93
CA ARG C 24 -16.63 -7.01 11.74
C ARG C 24 -17.35 -7.04 13.09
N ASP C 25 -16.86 -7.90 13.98
CA ASP C 25 -17.44 -8.05 15.30
C ASP C 25 -17.40 -6.74 16.09
N ALA C 26 -16.30 -6.01 15.99
CA ALA C 26 -16.21 -4.75 16.72
C ALA C 26 -17.13 -3.69 16.12
N ALA C 27 -17.17 -3.60 14.79
CA ALA C 27 -17.99 -2.56 14.16
C ALA C 27 -19.44 -2.73 14.56
N PHE C 28 -19.88 -3.98 14.65
CA PHE C 28 -21.28 -4.22 15.01
C PHE C 28 -21.53 -3.89 16.48
N GLU C 29 -20.60 -4.28 17.37
CA GLU C 29 -20.77 -3.99 18.77
C GLU C 29 -20.81 -2.48 18.95
N LYS C 30 -20.00 -1.76 18.15
CA LYS C 30 -19.88 -0.31 18.27
C LYS C 30 -21.19 0.43 17.96
N ILE C 31 -22.13 -0.26 17.32
CA ILE C 31 -23.47 0.30 17.23
C ILE C 31 -23.97 0.64 18.65
N ASN C 32 -23.83 -0.32 19.55
CA ASN C 32 -24.13 -0.10 20.95
C ASN C 32 -23.55 1.18 21.54
N GLU C 33 -22.26 1.42 21.36
CA GLU C 33 -21.68 2.66 21.86
C GLU C 33 -22.29 3.89 21.17
N ALA C 34 -22.82 3.71 19.95
CA ALA C 34 -23.41 4.83 19.20
C ALA C 34 -24.86 5.13 19.65
N ARG C 35 -25.51 4.09 20.15
CA ARG C 35 -26.87 4.22 20.61
C ARG C 35 -26.84 4.88 21.99
N SER C 36 -25.72 4.74 22.71
CA SER C 36 -25.72 5.12 24.13
C SER C 36 -26.11 6.58 24.50
N PRO C 37 -25.66 7.58 23.70
CA PRO C 37 -26.05 8.96 24.01
C PRO C 37 -27.57 9.23 23.92
N LEU C 38 -28.33 8.28 23.40
CA LEU C 38 -29.76 8.43 23.27
C LEU C 38 -30.42 7.86 24.51
N LEU C 39 -29.62 7.31 25.40
CA LEU C 39 -30.12 6.77 26.67
C LEU C 39 -29.83 7.64 27.89
N PRO C 40 -30.33 7.21 29.06
CA PRO C 40 -30.07 8.06 30.24
C PRO C 40 -28.62 7.98 30.76
N GLN C 41 -27.99 9.15 30.89
CA GLN C 41 -26.68 9.27 31.54
C GLN C 41 -26.85 9.58 33.01
N LEU C 42 -26.20 8.80 33.87
CA LEU C 42 -26.47 8.90 35.31
C LEU C 42 -25.22 8.93 36.18
N GLY C 43 -24.82 10.12 36.62
CA GLY C 43 -23.61 10.27 37.41
C GLY C 43 -23.81 10.63 38.89
N LEU C 44 -22.70 10.67 39.62
CA LEU C 44 -22.69 11.03 41.04
C LEU C 44 -21.46 11.89 41.37
N GLY C 45 -21.71 13.12 41.82
CA GLY C 45 -20.64 14.06 42.17
C GLY C 45 -20.76 14.60 43.59
N ALA C 46 -19.67 14.54 44.33
CA ALA C 46 -19.59 15.16 45.64
C ALA C 46 -18.38 16.10 45.66
N ASP C 47 -18.59 17.34 46.08
CA ASP C 47 -17.53 18.34 46.03
C ASP C 47 -17.31 19.03 47.38
N TYR C 48 -16.28 18.64 48.10
CA TYR C 48 -15.84 19.40 49.27
C TYR C 48 -15.05 20.66 48.88
N THR C 49 -15.31 21.80 49.52
CA THR C 49 -14.57 23.02 49.19
C THR C 49 -14.32 23.84 50.44
N TYR C 50 -13.11 24.35 50.59
CA TYR C 50 -12.81 25.27 51.68
C TYR C 50 -12.40 26.65 51.16
N SER C 51 -13.23 27.66 51.45
CA SER C 51 -12.92 29.03 51.06
C SER C 51 -12.31 29.78 52.23
N ASN C 52 -11.49 30.76 51.92
CA ASN C 52 -10.81 31.59 52.91
C ASN C 52 -10.77 33.04 52.44
N GLY C 53 -11.67 33.85 53.01
CA GLY C 53 -11.82 35.23 52.60
C GLY C 53 -10.67 36.15 52.96
N TYR C 54 -10.41 37.09 52.07
CA TYR C 54 -9.52 38.22 52.32
C TYR C 54 -10.06 39.44 51.56
N ARG C 55 -9.46 40.60 51.78
CA ARG C 55 -10.08 41.88 51.43
C ARG C 55 -11.43 42.09 52.16
N ASP C 56 -12.42 42.67 51.47
CA ASP C 56 -13.75 42.85 52.05
C ASP C 56 -14.34 41.56 52.58
N ALA C 57 -13.50 40.54 52.70
CA ALA C 57 -13.93 39.26 53.22
C ALA C 57 -12.93 38.74 54.23
N ASN C 58 -11.94 39.56 54.56
CA ASN C 58 -11.00 39.20 55.61
C ASN C 58 -11.78 38.81 56.86
N GLY C 59 -11.76 37.53 57.21
CA GLY C 59 -12.46 37.05 58.38
C GLY C 59 -13.72 36.24 58.08
N ILE C 60 -14.05 36.09 56.81
CA ILE C 60 -15.13 35.20 56.41
C ILE C 60 -14.54 33.93 55.80
N ASN C 61 -14.79 32.79 56.44
CA ASN C 61 -14.27 31.52 55.97
C ASN C 61 -15.41 30.52 55.87
N SER C 62 -15.29 29.55 54.96
CA SER C 62 -16.34 28.54 54.80
C SER C 62 -15.81 27.14 54.49
N ASN C 63 -16.45 26.15 55.07
CA ASN C 63 -16.23 24.76 54.69
C ASN C 63 -17.53 24.22 54.13
N ALA C 64 -17.59 24.04 52.81
CA ALA C 64 -18.81 23.59 52.14
C ALA C 64 -18.69 22.17 51.55
N THR C 65 -19.82 21.47 51.54
CA THR C 65 -19.88 20.09 51.07
C THR C 65 -21.15 19.90 50.28
N SER C 66 -21.02 19.41 49.05
CA SER C 66 -22.20 19.09 48.24
C SER C 66 -22.08 17.73 47.59
N ALA C 67 -23.23 17.12 47.31
CA ALA C 67 -23.27 15.86 46.59
C ALA C 67 -24.56 15.88 45.78
N SER C 68 -24.56 15.14 44.67
CA SER C 68 -25.72 15.10 43.79
C SER C 68 -25.77 13.87 42.89
N LEU C 69 -26.99 13.46 42.57
CA LEU C 69 -27.21 12.38 41.65
C LEU C 69 -27.75 13.06 40.41
N GLN C 70 -26.89 13.30 39.42
CA GLN C 70 -27.31 13.96 38.19
C GLN C 70 -27.73 12.98 37.10
N LEU C 71 -28.69 13.39 36.29
CA LEU C 71 -29.19 12.60 35.18
C LEU C 71 -29.42 13.48 33.94
N THR C 72 -28.88 13.07 32.79
CA THR C 72 -29.16 13.77 31.53
C THR C 72 -29.88 12.85 30.56
N GLN C 73 -30.72 13.43 29.70
CA GLN C 73 -31.47 12.67 28.71
C GLN C 73 -31.71 13.45 27.42
N SER C 74 -31.20 12.93 26.30
CA SER C 74 -31.43 13.61 25.04
C SER C 74 -32.91 13.51 24.76
N ILE C 75 -33.54 14.63 24.46
CA ILE C 75 -34.96 14.58 24.12
C ILE C 75 -35.15 14.83 22.63
N PHE C 76 -34.43 15.80 22.09
CA PHE C 76 -34.38 15.91 20.64
C PHE C 76 -33.04 16.38 20.12
N ASP C 77 -32.19 15.43 19.71
CA ASP C 77 -30.86 15.75 19.24
C ASP C 77 -30.57 14.92 17.98
N MET C 78 -30.94 15.50 16.84
CA MET C 78 -30.86 14.79 15.59
C MET C 78 -29.45 14.24 15.36
N SER C 79 -28.44 15.00 15.79
CA SER C 79 -27.05 14.64 15.56
C SER C 79 -26.70 13.30 16.19
N LYS C 80 -27.35 12.98 17.30
CA LYS C 80 -27.05 11.75 18.05
C LYS C 80 -27.73 10.53 17.43
N TRP C 81 -28.85 10.78 16.76
CA TRP C 81 -29.56 9.74 16.01
C TRP C 81 -28.79 9.40 14.74
N ARG C 82 -28.18 10.43 14.18
CA ARG C 82 -27.40 10.33 12.95
C ARG C 82 -26.18 9.49 13.22
N ALA C 83 -25.56 9.68 14.38
CA ALA C 83 -24.36 8.91 14.70
C ALA C 83 -24.68 7.42 14.76
N LEU C 84 -25.78 7.14 15.44
CA LEU C 84 -26.32 5.81 15.52
C LEU C 84 -26.55 5.25 14.10
N THR C 85 -27.14 6.08 13.26
CA THR C 85 -27.40 5.68 11.89
C THR C 85 -26.12 5.33 11.14
N LEU C 86 -25.08 6.16 11.29
CA LEU C 86 -23.81 5.95 10.60
C LEU C 86 -23.06 4.72 11.09
N GLN C 87 -23.08 4.50 12.40
CA GLN C 87 -22.39 3.33 12.92
C GLN C 87 -22.98 2.04 12.39
N GLU C 88 -24.32 2.00 12.29
CA GLU C 88 -25.03 0.90 11.62
C GLU C 88 -24.46 0.73 10.20
N LYS C 89 -24.40 1.82 9.46
CA LYS C 89 -23.93 1.77 8.10
C LYS C 89 -22.48 1.27 7.99
N ALA C 90 -21.60 1.85 8.80
CA ALA C 90 -20.21 1.38 8.89
C ALA C 90 -20.14 -0.14 9.16
N ALA C 91 -21.03 -0.65 10.02
CA ALA C 91 -20.99 -2.06 10.40
C ALA C 91 -21.35 -2.88 9.16
N GLY C 92 -22.33 -2.38 8.41
CA GLY C 92 -22.76 -3.01 7.19
C GLY C 92 -21.58 -3.09 6.23
N ILE C 93 -20.85 -2.00 6.14
CA ILE C 93 -19.72 -1.98 5.25
C ILE C 93 -18.65 -2.97 5.67
N GLN C 94 -18.32 -2.99 6.96
CA GLN C 94 -17.38 -3.96 7.48
C GLN C 94 -17.79 -5.40 7.15
N ASP C 95 -19.11 -5.66 7.06
CA ASP C 95 -19.61 -7.00 6.79
C ASP C 95 -19.43 -7.41 5.31
N VAL C 96 -19.64 -6.46 4.42
CA VAL C 96 -19.31 -6.71 3.02
C VAL C 96 -17.79 -6.96 2.87
N THR C 97 -16.99 -6.21 3.63
CA THR C 97 -15.56 -6.45 3.65
C THR C 97 -15.25 -7.89 4.13
N TYR C 98 -15.91 -8.35 5.17
CA TYR C 98 -15.71 -9.72 5.61
C TYR C 98 -16.14 -10.68 4.53
N GLN C 99 -17.29 -10.41 3.91
CA GLN C 99 -17.77 -11.24 2.82
C GLN C 99 -16.70 -11.37 1.75
N THR C 100 -16.06 -10.25 1.43
CA THR C 100 -14.98 -10.24 0.44
C THR C 100 -13.79 -11.07 0.89
N ASP C 101 -13.43 -10.93 2.16
CA ASP C 101 -12.26 -11.63 2.70
C ASP C 101 -12.50 -13.14 2.75
N GLN C 102 -13.75 -13.54 2.97
CA GLN C 102 -14.18 -14.94 2.96
C GLN C 102 -13.85 -15.58 1.60
N GLN C 103 -14.28 -14.92 0.54
CA GLN C 103 -13.96 -15.32 -0.82
C GLN C 103 -12.46 -15.40 -1.04
N THR C 104 -11.72 -14.36 -0.68
CA THR C 104 -10.28 -14.43 -0.86
C THR C 104 -9.63 -15.63 -0.18
N LEU C 105 -10.13 -16.08 0.97
CA LEU C 105 -9.60 -17.33 1.53
C LEU C 105 -9.77 -18.52 0.56
N ILE C 106 -10.95 -18.61 -0.05
CA ILE C 106 -11.22 -19.62 -1.04
C ILE C 106 -10.27 -19.53 -2.24
N LEU C 107 -10.22 -18.39 -2.93
CA LEU C 107 -9.32 -18.26 -4.11
C LEU C 107 -7.87 -18.54 -3.75
N ASN C 108 -7.46 -18.16 -2.55
CA ASN C 108 -6.06 -18.24 -2.16
C ASN C 108 -5.65 -19.64 -1.74
N THR C 109 -6.61 -20.39 -1.19
CA THR C 109 -6.40 -21.78 -0.81
C THR C 109 -6.31 -22.66 -2.06
N ALA C 110 -7.26 -22.46 -2.95
CA ALA C 110 -7.27 -23.19 -4.21
C ALA C 110 -5.95 -22.91 -4.93
N THR C 111 -5.56 -21.63 -5.00
CA THR C 111 -4.39 -21.31 -5.80
C THR C 111 -3.15 -22.00 -5.26
N ALA C 112 -2.97 -21.97 -3.94
CA ALA C 112 -1.79 -22.58 -3.34
C ALA C 112 -1.80 -24.08 -3.54
N TYR C 113 -2.99 -24.68 -3.44
CA TYR C 113 -3.19 -26.12 -3.62
C TYR C 113 -2.72 -26.57 -5.01
N PHE C 114 -3.15 -25.84 -6.04
CA PHE C 114 -2.79 -26.22 -7.40
C PHE C 114 -1.35 -25.88 -7.71
N ASN C 115 -0.86 -24.80 -7.15
CA ASN C 115 0.55 -24.44 -7.29
C ASN C 115 1.45 -25.54 -6.74
N VAL C 116 0.94 -26.34 -5.80
CA VAL C 116 1.67 -27.50 -5.29
C VAL C 116 1.54 -28.66 -6.27
N LEU C 117 0.32 -28.91 -6.69
CA LEU C 117 0.07 -29.95 -7.68
C LEU C 117 0.95 -29.76 -8.93
N ASN C 118 1.19 -28.50 -9.28
CA ASN C 118 1.99 -28.16 -10.45
C ASN C 118 3.48 -28.34 -10.17
N ALA C 119 3.95 -27.88 -9.02
CA ALA C 119 5.32 -28.09 -8.60
C ALA C 119 5.65 -29.59 -8.57
N ILE C 120 4.62 -30.39 -8.33
CA ILE C 120 4.72 -31.84 -8.33
C ILE C 120 4.80 -32.37 -9.76
N ASP C 121 3.84 -31.97 -10.60
CA ASP C 121 3.86 -32.35 -12.00
C ASP C 121 5.20 -32.01 -12.61
N VAL C 122 5.64 -30.77 -12.44
CA VAL C 122 6.93 -30.37 -13.00
C VAL C 122 8.11 -31.21 -12.52
N LEU C 123 8.19 -31.48 -11.22
CA LEU C 123 9.22 -32.38 -10.71
C LEU C 123 9.17 -33.73 -11.44
N SER C 124 8.05 -34.44 -11.34
CA SER C 124 7.96 -35.79 -11.90
C SER C 124 8.25 -35.87 -13.41
N TYR C 125 7.88 -34.84 -14.16
CA TYR C 125 8.25 -34.77 -15.57
C TYR C 125 9.76 -34.53 -15.69
N THR C 126 10.29 -33.64 -14.85
CA THR C 126 11.71 -33.34 -14.91
C THR C 126 12.53 -34.59 -14.52
N GLN C 127 11.96 -35.44 -13.67
CA GLN C 127 12.59 -36.70 -13.31
C GLN C 127 12.55 -37.70 -14.47
N ALA C 128 11.40 -37.77 -15.14
CA ALA C 128 11.24 -38.63 -16.32
C ALA C 128 12.10 -38.15 -17.48
N GLN C 129 12.35 -36.84 -17.55
CA GLN C 129 13.22 -36.27 -18.58
C GLN C 129 14.67 -36.63 -18.26
N LYS C 130 15.05 -36.50 -17.00
CA LYS C 130 16.37 -36.95 -16.55
C LYS C 130 16.55 -38.43 -16.91
N GLU C 131 15.72 -39.28 -16.32
CA GLU C 131 15.78 -40.72 -16.53
C GLU C 131 15.83 -41.13 -18.01
N ALA C 132 15.11 -40.42 -18.87
CA ALA C 132 15.11 -40.74 -20.29
C ALA C 132 16.43 -40.36 -20.96
N ILE C 133 17.06 -39.29 -20.49
CA ILE C 133 18.34 -38.88 -21.05
C ILE C 133 19.45 -39.85 -20.64
N TYR C 134 19.36 -40.39 -19.43
CA TYR C 134 20.37 -41.34 -18.95
C TYR C 134 20.44 -42.55 -19.87
N ARG C 135 19.30 -43.17 -20.16
CA ARG C 135 19.24 -44.34 -21.04
C ARG C 135 19.70 -44.05 -22.47
N GLN C 136 19.45 -42.84 -22.96
CA GLN C 136 19.90 -42.44 -24.29
C GLN C 136 21.38 -42.09 -24.28
N LEU C 137 21.90 -41.76 -23.09
CA LEU C 137 23.31 -41.49 -22.91
C LEU C 137 24.12 -42.79 -22.82
N ASP C 138 23.46 -43.85 -22.36
CA ASP C 138 24.13 -45.14 -22.21
C ASP C 138 23.92 -46.06 -23.42
N GLN C 139 23.37 -45.50 -24.49
CA GLN C 139 23.35 -46.17 -25.79
C GLN C 139 24.23 -45.38 -26.73
N THR C 140 24.48 -44.12 -26.37
CA THR C 140 25.38 -43.27 -27.13
C THR C 140 26.79 -43.36 -26.55
N THR C 141 26.93 -44.10 -25.46
CA THR C 141 28.25 -44.34 -24.88
C THR C 141 28.62 -45.81 -25.01
N GLN C 142 27.75 -46.58 -25.65
CA GLN C 142 28.03 -47.97 -25.97
C GLN C 142 27.96 -48.14 -27.49
N ARG C 143 27.94 -47.00 -28.17
CA ARG C 143 28.07 -46.94 -29.62
C ARG C 143 29.26 -46.06 -30.01
N PHE C 144 29.68 -45.19 -29.08
CA PHE C 144 30.92 -44.43 -29.24
C PHE C 144 32.11 -45.35 -29.04
N ASN C 145 31.98 -46.24 -28.05
CA ASN C 145 32.99 -47.27 -27.80
C ASN C 145 33.22 -48.14 -29.03
N VAL C 146 32.18 -48.28 -29.84
CA VAL C 146 32.24 -49.14 -31.02
C VAL C 146 32.54 -48.30 -32.26
N GLY C 147 32.88 -47.04 -32.05
CA GLY C 147 33.49 -46.22 -33.09
C GLY C 147 32.63 -45.29 -33.92
N LEU C 148 31.34 -45.61 -34.06
CA LEU C 148 30.49 -44.93 -35.03
C LEU C 148 29.68 -43.74 -34.48
N VAL C 149 30.26 -43.02 -33.51
CA VAL C 149 29.70 -41.76 -33.00
C VAL C 149 30.84 -40.87 -32.54
N ALA C 150 30.86 -39.61 -32.99
CA ALA C 150 31.90 -38.64 -32.60
C ALA C 150 31.86 -38.32 -31.11
N ILE C 151 33.01 -37.95 -30.56
CA ILE C 151 33.11 -37.67 -29.12
C ILE C 151 32.32 -36.43 -28.71
N THR C 152 32.13 -35.52 -29.66
CA THR C 152 31.40 -34.27 -29.40
C THR C 152 29.88 -34.49 -29.33
N ASP C 153 29.43 -35.67 -29.73
CA ASP C 153 28.04 -36.08 -29.55
C ASP C 153 27.81 -36.57 -28.12
N VAL C 154 28.89 -36.98 -27.46
CA VAL C 154 28.84 -37.43 -26.07
C VAL C 154 29.15 -36.31 -25.06
N GLN C 155 29.95 -35.33 -25.46
CA GLN C 155 30.23 -34.17 -24.62
C GLN C 155 29.01 -33.24 -24.56
N ASN C 156 28.36 -33.09 -25.70
CA ASN C 156 27.08 -32.40 -25.81
C ASN C 156 26.01 -33.10 -24.99
N ALA C 157 25.95 -34.43 -25.11
CA ALA C 157 24.92 -35.20 -24.43
C ALA C 157 25.10 -35.25 -22.91
N ARG C 158 26.35 -35.16 -22.45
CA ARG C 158 26.60 -35.17 -21.01
C ARG C 158 26.36 -33.78 -20.42
N ALA C 159 26.72 -32.75 -21.17
CA ALA C 159 26.46 -31.37 -20.75
C ALA C 159 24.95 -31.09 -20.67
N GLN C 160 24.18 -31.84 -21.45
CA GLN C 160 22.73 -31.68 -21.52
C GLN C 160 22.01 -32.47 -20.42
N TYR C 161 22.60 -33.58 -19.99
CA TYR C 161 22.08 -34.32 -18.85
C TYR C 161 22.39 -33.57 -17.57
N ASP C 162 23.54 -32.89 -17.56
CA ASP C 162 23.94 -32.08 -16.41
C ASP C 162 22.96 -30.94 -16.17
N THR C 163 22.39 -30.42 -17.26
CA THR C 163 21.37 -29.40 -17.16
C THR C 163 20.06 -29.94 -16.56
N VAL C 164 19.55 -31.06 -17.07
CA VAL C 164 18.36 -31.65 -16.46
C VAL C 164 18.62 -32.05 -15.00
N LEU C 165 19.88 -32.24 -14.63
CA LEU C 165 20.22 -32.53 -13.24
C LEU C 165 20.08 -31.29 -12.38
N ALA C 166 20.50 -30.15 -12.93
CA ALA C 166 20.38 -28.87 -12.24
C ALA C 166 18.93 -28.37 -12.27
N ASN C 167 18.18 -28.79 -13.29
CA ASN C 167 16.76 -28.47 -13.36
C ASN C 167 15.98 -29.26 -12.33
N GLU C 168 16.31 -30.54 -12.18
CA GLU C 168 15.64 -31.34 -11.15
C GLU C 168 15.87 -30.69 -9.79
N LEU C 169 16.98 -30.01 -9.67
CA LEU C 169 17.38 -29.40 -8.40
C LEU C 169 16.49 -28.20 -8.06
N THR C 170 16.52 -27.20 -8.91
CA THR C 170 15.65 -26.04 -8.77
C THR C 170 14.22 -26.36 -9.19
N ALA C 171 13.82 -27.62 -9.06
CA ALA C 171 12.44 -28.00 -9.30
C ALA C 171 11.86 -28.42 -7.99
N ARG C 172 12.63 -29.19 -7.24
CA ARG C 172 12.23 -29.64 -5.92
C ARG C 172 12.36 -28.52 -4.89
N ASN C 173 13.05 -27.45 -5.27
CA ASN C 173 13.05 -26.24 -4.45
C ASN C 173 11.71 -25.53 -4.60
N ASN C 174 11.39 -25.20 -5.85
CA ASN C 174 10.11 -24.66 -6.22
C ASN C 174 8.96 -25.36 -5.49
N LEU C 175 9.01 -26.69 -5.48
CA LEU C 175 7.97 -27.50 -4.85
C LEU C 175 7.93 -27.25 -3.35
N ASP C 176 9.10 -27.31 -2.74
CA ASP C 176 9.18 -27.21 -1.28
C ASP C 176 8.63 -25.87 -0.78
N ASN C 177 9.05 -24.79 -1.41
CA ASN C 177 8.48 -23.48 -1.14
C ASN C 177 6.98 -23.41 -1.42
N ALA C 178 6.48 -24.19 -2.37
CA ALA C 178 5.04 -24.20 -2.63
C ALA C 178 4.26 -24.76 -1.43
N VAL C 179 4.81 -25.75 -0.74
CA VAL C 179 4.09 -26.31 0.40
C VAL C 179 4.20 -25.37 1.60
N GLU C 180 5.28 -24.57 1.63
CA GLU C 180 5.42 -23.51 2.60
C GLU C 180 4.35 -22.44 2.40
N GLN C 181 4.11 -22.10 1.14
CA GLN C 181 3.02 -21.20 0.77
C GLN C 181 1.74 -21.78 1.32
N LEU C 182 1.50 -23.06 1.00
CA LEU C 182 0.27 -23.72 1.42
C LEU C 182 0.10 -23.75 2.96
N ARG C 183 1.19 -23.89 3.69
CA ARG C 183 1.16 -23.99 5.16
C ARG C 183 0.78 -22.65 5.81
N GLN C 184 1.42 -21.58 5.35
CA GLN C 184 1.09 -20.24 5.78
C GLN C 184 -0.42 -19.99 5.68
N ILE C 185 -1.00 -20.28 4.53
CA ILE C 185 -2.43 -20.09 4.27
C ILE C 185 -3.30 -21.03 5.07
N THR C 186 -2.80 -22.22 5.32
CA THR C 186 -3.67 -23.32 5.69
C THR C 186 -3.40 -23.81 7.10
N GLY C 187 -2.21 -23.54 7.60
CA GLY C 187 -1.82 -23.96 8.93
C GLY C 187 -1.19 -25.34 9.02
N ASN C 188 -1.08 -26.04 7.90
CA ASN C 188 -0.65 -27.45 7.93
C ASN C 188 0.43 -27.79 6.91
N TYR C 189 0.98 -28.98 7.09
CA TYR C 189 1.84 -29.60 6.08
C TYR C 189 1.19 -30.91 5.67
N TYR C 190 1.13 -31.16 4.38
CA TYR C 190 0.47 -32.37 3.89
C TYR C 190 1.47 -33.36 3.27
N PRO C 191 1.45 -34.61 3.75
CA PRO C 191 2.35 -35.61 3.17
C PRO C 191 1.91 -35.92 1.74
N GLU C 192 0.59 -35.88 1.52
CA GLU C 192 0.04 -36.08 0.19
C GLU C 192 -1.18 -35.22 -0.02
N LEU C 193 -1.48 -34.91 -1.28
CA LEU C 193 -2.66 -34.17 -1.63
C LEU C 193 -3.61 -35.02 -2.45
N ALA C 194 -3.83 -34.60 -3.69
CA ALA C 194 -4.72 -35.29 -4.59
C ALA C 194 -4.68 -34.50 -5.87
N ALA C 195 -4.14 -35.08 -6.92
CA ALA C 195 -3.95 -34.31 -8.16
C ALA C 195 -5.08 -34.47 -9.16
N LEU C 196 -5.04 -33.63 -10.17
CA LEU C 196 -6.12 -33.49 -11.11
C LEU C 196 -6.25 -34.75 -11.93
N ASN C 197 -7.34 -35.49 -11.72
CA ASN C 197 -7.61 -36.72 -12.46
C ASN C 197 -7.57 -36.49 -13.97
N VAL C 198 -6.54 -37.01 -14.61
CA VAL C 198 -6.14 -36.57 -15.95
C VAL C 198 -7.01 -37.01 -17.12
N GLU C 199 -7.52 -38.24 -17.09
CA GLU C 199 -8.40 -38.70 -18.17
C GLU C 199 -9.83 -38.15 -18.00
N ASN C 200 -10.35 -38.20 -16.77
CA ASN C 200 -11.68 -37.67 -16.45
C ASN C 200 -11.68 -36.15 -16.39
N PHE C 201 -11.23 -35.52 -17.47
CA PHE C 201 -11.11 -34.07 -17.50
C PHE C 201 -11.54 -33.48 -18.85
N LYS C 202 -12.51 -32.59 -18.79
CA LYS C 202 -12.96 -31.86 -19.96
C LYS C 202 -13.15 -30.41 -19.54
N THR C 203 -12.96 -29.49 -20.48
CA THR C 203 -13.27 -28.10 -20.20
C THR C 203 -14.73 -27.83 -20.47
N ASP C 204 -15.33 -26.99 -19.63
CA ASP C 204 -16.67 -26.48 -19.87
C ASP C 204 -16.60 -25.02 -20.27
N LYS C 205 -17.15 -24.75 -21.44
CA LYS C 205 -17.24 -23.40 -21.99
C LYS C 205 -17.92 -22.49 -20.95
N PRO C 206 -17.61 -21.20 -20.99
CA PRO C 206 -18.17 -20.23 -20.06
C PRO C 206 -19.48 -19.63 -20.56
N GLN C 207 -20.31 -19.18 -19.60
CA GLN C 207 -21.51 -18.40 -19.88
C GLN C 207 -21.18 -17.18 -20.74
N PRO C 208 -22.15 -16.72 -21.54
CA PRO C 208 -21.89 -15.58 -22.44
C PRO C 208 -21.40 -14.43 -21.59
N VAL C 209 -20.59 -13.54 -22.16
CA VAL C 209 -20.00 -12.49 -21.33
C VAL C 209 -21.08 -11.49 -20.76
N ASN C 210 -22.06 -11.15 -21.59
CA ASN C 210 -23.11 -10.20 -21.24
C ASN C 210 -23.97 -10.70 -20.08
N ALA C 211 -24.12 -12.01 -19.94
CA ALA C 211 -24.77 -12.58 -18.76
C ALA C 211 -23.91 -12.44 -17.50
N LEU C 212 -22.63 -12.77 -17.61
CA LEU C 212 -21.72 -12.68 -16.48
C LEU C 212 -21.64 -11.24 -16.01
N LEU C 213 -21.58 -10.32 -16.97
CA LEU C 213 -21.49 -8.91 -16.63
C LEU C 213 -22.75 -8.52 -15.84
N LYS C 214 -23.91 -8.90 -16.34
CA LYS C 214 -25.18 -8.55 -15.69
C LYS C 214 -25.32 -9.15 -14.30
N GLU C 215 -24.84 -10.39 -14.14
CA GLU C 215 -24.85 -11.05 -12.83
C GLU C 215 -23.89 -10.32 -11.86
N ALA C 216 -22.73 -9.93 -12.37
CA ALA C 216 -21.75 -9.25 -11.53
C ALA C 216 -22.26 -7.89 -11.06
N GLU C 217 -22.92 -7.15 -11.94
CA GLU C 217 -23.46 -5.85 -11.56
C GLU C 217 -24.48 -5.95 -10.41
N LYS C 218 -25.03 -7.14 -10.17
CA LYS C 218 -25.98 -7.31 -9.08
C LYS C 218 -25.31 -7.81 -7.79
N ARG C 219 -24.21 -8.56 -7.94
CA ARG C 219 -23.68 -9.26 -6.77
C ARG C 219 -22.19 -9.15 -6.49
N ASN C 220 -21.41 -8.55 -7.38
CA ASN C 220 -19.99 -8.38 -7.10
C ASN C 220 -19.74 -7.52 -5.84
N LEU C 221 -19.11 -8.13 -4.83
CA LEU C 221 -18.84 -7.49 -3.52
C LEU C 221 -18.09 -6.15 -3.57
N SER C 222 -17.14 -5.98 -4.48
CA SER C 222 -16.46 -4.70 -4.57
C SER C 222 -17.47 -3.65 -4.96
N LEU C 223 -18.35 -3.98 -5.89
CA LEU C 223 -19.38 -3.04 -6.32
C LEU C 223 -20.42 -2.74 -5.21
N LEU C 224 -20.80 -3.76 -4.45
CA LEU C 224 -21.78 -3.60 -3.40
C LEU C 224 -21.24 -2.65 -2.34
N GLN C 225 -19.94 -2.76 -2.09
CA GLN C 225 -19.25 -1.90 -1.14
C GLN C 225 -19.11 -0.48 -1.66
N ALA C 226 -18.88 -0.30 -2.95
CA ALA C 226 -18.84 1.07 -3.46
C ALA C 226 -20.18 1.76 -3.27
N ARG C 227 -21.25 0.95 -3.28
CA ARG C 227 -22.61 1.48 -3.18
C ARG C 227 -22.94 1.79 -1.76
N LEU C 228 -22.70 0.82 -0.89
CA LEU C 228 -22.81 1.08 0.53
C LEU C 228 -22.02 2.36 0.94
N SER C 229 -20.85 2.56 0.33
CA SER C 229 -20.02 3.72 0.63
C SER C 229 -20.58 5.04 0.08
N GLN C 230 -21.16 5.02 -1.12
CA GLN C 230 -21.82 6.21 -1.64
C GLN C 230 -22.97 6.58 -0.68
N ASP C 231 -23.63 5.56 -0.18
CA ASP C 231 -24.72 5.74 0.73
C ASP C 231 -24.25 6.41 2.03
N LEU C 232 -23.10 5.96 2.53
CA LEU C 232 -22.43 6.62 3.68
C LEU C 232 -22.10 8.09 3.45
N ALA C 233 -21.64 8.45 2.27
CA ALA C 233 -21.34 9.85 2.04
C ALA C 233 -22.57 10.75 2.04
N ARG C 234 -23.70 10.18 1.75
CA ARG C 234 -24.94 10.93 1.60
C ARG C 234 -25.57 11.11 2.95
N GLU C 235 -25.46 10.08 3.77
CA GLU C 235 -25.89 10.18 5.16
C GLU C 235 -24.97 11.14 5.84
N GLN C 236 -23.71 11.19 5.39
CA GLN C 236 -22.73 12.12 5.96
C GLN C 236 -23.01 13.58 5.61
N ILE C 237 -23.67 13.82 4.48
CA ILE C 237 -24.12 15.15 4.12
C ILE C 237 -25.25 15.60 5.06
N ARG C 238 -26.14 14.70 5.40
CA ARG C 238 -27.21 15.03 6.33
C ARG C 238 -26.62 15.36 7.70
N GLN C 239 -25.53 14.68 8.04
CA GLN C 239 -24.90 14.88 9.33
C GLN C 239 -24.37 16.30 9.38
N ALA C 240 -23.74 16.71 8.29
CA ALA C 240 -23.27 18.08 8.18
C ALA C 240 -24.43 19.06 8.37
N GLN C 241 -25.56 18.75 7.75
CA GLN C 241 -26.73 19.62 7.80
C GLN C 241 -27.46 19.69 9.16
N ASP C 242 -27.17 18.72 10.02
CA ASP C 242 -27.81 18.65 11.34
C ASP C 242 -27.34 19.78 12.26
N GLY C 243 -26.21 20.40 11.92
CA GLY C 243 -25.65 21.48 12.71
C GLY C 243 -26.44 22.79 12.66
N HIS C 244 -27.54 22.79 11.94
CA HIS C 244 -28.45 23.92 11.89
C HIS C 244 -29.64 23.71 12.85
N LEU C 245 -29.89 22.46 13.24
CA LEU C 245 -31.02 22.14 14.07
C LEU C 245 -30.76 22.42 15.52
N PRO C 246 -31.83 22.71 16.28
CA PRO C 246 -31.74 22.96 17.72
C PRO C 246 -31.81 21.65 18.48
N THR C 247 -31.38 21.67 19.73
CA THR C 247 -31.32 20.48 20.55
C THR C 247 -32.05 20.73 21.87
N LEU C 248 -32.84 19.76 22.26
CA LEU C 248 -33.59 19.86 23.49
C LEU C 248 -33.19 18.67 24.36
N ASP C 249 -32.53 18.96 25.48
CA ASP C 249 -32.24 17.94 26.49
C ASP C 249 -33.02 18.15 27.80
N LEU C 250 -33.07 17.07 28.60
CA LEU C 250 -33.68 17.10 29.94
C LEU C 250 -32.61 16.82 30.97
N THR C 251 -32.71 17.45 32.15
CA THR C 251 -31.80 17.15 33.26
C THR C 251 -32.57 16.99 34.56
N ALA C 252 -32.05 16.16 35.47
CA ALA C 252 -32.69 16.00 36.79
C ALA C 252 -31.64 15.68 37.85
N SER C 253 -31.58 16.49 38.91
CA SER C 253 -30.62 16.27 39.98
C SER C 253 -31.34 15.98 41.29
N THR C 254 -30.58 15.53 42.29
CA THR C 254 -31.03 15.57 43.67
C THR C 254 -29.82 15.91 44.55
N GLY C 255 -29.62 17.20 44.81
CA GLY C 255 -28.44 17.69 45.46
C GLY C 255 -28.58 17.88 46.96
N ILE C 256 -27.45 18.13 47.62
CA ILE C 256 -27.39 18.24 49.06
C ILE C 256 -26.20 19.14 49.37
N SER C 257 -26.46 20.32 49.91
CA SER C 257 -25.39 21.28 50.20
C SER C 257 -25.26 21.50 51.72
N ASP C 258 -24.03 21.45 52.22
CA ASP C 258 -23.78 21.62 53.66
C ASP C 258 -22.66 22.62 53.97
N THR C 259 -22.98 23.90 53.88
CA THR C 259 -22.04 24.96 54.18
C THR C 259 -21.97 25.28 55.68
N SER C 260 -20.83 25.79 56.12
CA SER C 260 -20.64 26.17 57.52
C SER C 260 -19.53 27.22 57.57
N TYR C 261 -19.76 28.32 58.30
CA TYR C 261 -18.82 29.45 58.26
C TYR C 261 -17.95 29.56 59.50
N SER C 262 -16.90 30.38 59.39
CA SER C 262 -15.96 30.59 60.49
C SER C 262 -15.19 31.89 60.25
N GLY C 263 -14.09 32.07 60.97
CA GLY C 263 -13.34 33.32 60.89
C GLY C 263 -13.76 34.30 61.97
N SER C 264 -13.39 35.57 61.81
CA SER C 264 -13.69 36.61 62.79
C SER C 264 -15.03 37.32 62.56
N LYS C 265 -15.25 37.86 61.36
CA LYS C 265 -16.52 38.54 61.06
C LYS C 265 -17.72 37.60 61.00
N THR C 266 -17.61 36.47 61.69
CA THR C 266 -18.69 35.51 61.82
C THR C 266 -19.08 35.37 63.29
N ARG C 267 -18.31 36.05 64.15
CA ARG C 267 -18.42 35.89 65.60
C ARG C 267 -19.35 36.93 66.23
N GLY C 268 -20.55 37.06 65.67
CA GLY C 268 -21.53 37.98 66.21
C GLY C 268 -22.22 38.82 65.16
N ALA C 269 -22.02 38.45 63.90
CA ALA C 269 -22.73 39.11 62.82
C ALA C 269 -24.20 39.08 63.16
N ALA C 270 -24.61 38.00 63.82
CA ALA C 270 -25.98 37.85 64.33
C ALA C 270 -27.04 38.24 63.30
N GLY C 271 -26.71 38.07 62.03
CA GLY C 271 -27.68 38.27 60.97
C GLY C 271 -28.17 36.90 60.51
N THR C 272 -27.83 35.89 61.29
CA THR C 272 -28.08 34.48 60.93
C THR C 272 -27.81 34.18 59.45
N GLN C 273 -26.84 34.88 58.86
CA GLN C 273 -26.37 34.57 57.52
C GLN C 273 -25.29 33.53 57.62
N TYR C 274 -24.29 33.82 58.44
CA TYR C 274 -23.16 32.95 58.64
C TYR C 274 -23.51 31.78 59.57
N ASP C 275 -24.77 31.37 59.49
CA ASP C 275 -25.29 30.24 60.23
C ASP C 275 -25.32 29.03 59.31
N ASP C 276 -24.97 27.86 59.85
CA ASP C 276 -24.97 26.61 59.11
C ASP C 276 -26.21 26.41 58.22
N SER C 277 -25.96 26.31 56.91
CA SER C 277 -26.99 26.08 55.90
C SER C 277 -27.00 24.60 55.51
N ASN C 278 -28.19 24.04 55.32
CA ASN C 278 -28.33 22.64 54.96
C ASN C 278 -29.38 22.41 53.87
N MET C 279 -29.05 22.79 52.63
CA MET C 279 -29.99 22.71 51.52
C MET C 279 -30.22 21.28 51.00
N GLY C 280 -31.15 21.17 50.05
CA GLY C 280 -31.47 19.91 49.41
C GLY C 280 -32.45 20.17 48.28
N GLN C 281 -32.00 20.01 47.04
CA GLN C 281 -32.83 20.40 45.91
C GLN C 281 -33.13 19.21 45.00
N ASN C 282 -34.41 19.04 44.68
CA ASN C 282 -34.83 18.21 43.57
C ASN C 282 -35.09 19.06 42.34
N LYS C 283 -34.36 18.82 41.25
CA LYS C 283 -34.56 19.60 40.04
C LYS C 283 -34.94 18.72 38.85
N VAL C 284 -35.71 19.30 37.93
CA VAL C 284 -35.94 18.72 36.61
C VAL C 284 -36.03 19.92 35.68
N GLY C 285 -35.41 19.81 34.51
CA GLY C 285 -35.29 20.97 33.64
C GLY C 285 -35.04 20.63 32.19
N LEU C 286 -35.30 21.59 31.33
CA LEU C 286 -35.16 21.42 29.89
C LEU C 286 -34.25 22.50 29.36
N SER C 287 -33.17 22.10 28.70
CA SER C 287 -32.35 23.07 27.99
C SER C 287 -32.69 23.03 26.50
N PHE C 288 -32.97 24.19 25.93
CA PHE C 288 -33.12 24.32 24.50
C PHE C 288 -31.97 25.17 23.97
N SER C 289 -31.33 24.71 22.90
CA SER C 289 -30.20 25.42 22.29
C SER C 289 -30.32 25.50 20.77
N LEU C 290 -30.33 26.73 20.26
CA LEU C 290 -30.42 26.95 18.81
C LEU C 290 -29.23 27.76 18.28
N PRO C 291 -28.46 27.16 17.35
CA PRO C 291 -27.37 27.84 16.67
C PRO C 291 -27.97 28.79 15.64
N ILE C 292 -27.34 29.94 15.45
CA ILE C 292 -27.93 30.99 14.62
C ILE C 292 -26.93 31.47 13.59
N TYR C 293 -25.71 31.74 14.04
CA TYR C 293 -24.64 31.99 13.09
C TYR C 293 -23.31 31.61 13.69
N GLN C 294 -22.63 30.67 13.04
CA GLN C 294 -21.41 30.14 13.61
C GLN C 294 -20.16 30.35 12.76
N GLY C 295 -20.10 31.51 12.11
CA GLY C 295 -18.99 31.84 11.24
C GLY C 295 -19.04 31.12 9.91
N GLY C 296 -20.23 30.63 9.58
CA GLY C 296 -20.45 29.85 8.39
C GLY C 296 -19.77 28.48 8.43
N MET C 297 -19.48 27.99 9.63
CA MET C 297 -18.87 26.68 9.82
C MET C 297 -19.81 25.58 9.34
N VAL C 298 -21.11 25.81 9.50
CA VAL C 298 -22.06 24.76 9.19
C VAL C 298 -22.16 24.56 7.68
N ASN C 299 -22.19 25.66 6.94
CA ASN C 299 -22.29 25.61 5.49
C ASN C 299 -21.06 25.04 4.77
N SER C 300 -19.87 25.47 5.20
CA SER C 300 -18.65 24.88 4.70
C SER C 300 -18.58 23.40 5.02
N GLN C 301 -18.98 23.01 6.23
CA GLN C 301 -19.07 21.60 6.55
C GLN C 301 -20.00 20.85 5.58
N VAL C 302 -21.16 21.43 5.28
CA VAL C 302 -22.09 20.83 4.31
C VAL C 302 -21.49 20.73 2.88
N LYS C 303 -20.90 21.83 2.40
CA LYS C 303 -20.30 21.80 1.08
C LYS C 303 -19.27 20.70 1.03
N GLN C 304 -18.35 20.68 2.00
CA GLN C 304 -17.38 19.59 2.11
C GLN C 304 -18.07 18.21 1.95
N ALA C 305 -19.03 17.93 2.82
CA ALA C 305 -19.73 16.66 2.78
C ALA C 305 -20.27 16.32 1.38
N GLN C 306 -20.67 17.35 0.63
CA GLN C 306 -21.17 17.21 -0.76
C GLN C 306 -20.05 16.83 -1.76
N TYR C 307 -18.88 17.46 -1.64
CA TYR C 307 -17.76 17.06 -2.46
C TYR C 307 -17.41 15.62 -2.09
N ASN C 308 -17.40 15.29 -0.81
CA ASN C 308 -17.16 13.90 -0.41
C ASN C 308 -18.13 12.97 -1.16
N PHE C 309 -19.39 13.37 -1.28
CA PHE C 309 -20.33 12.56 -2.02
C PHE C 309 -19.94 12.47 -3.48
N VAL C 310 -19.45 13.55 -4.09
CA VAL C 310 -19.06 13.44 -5.48
C VAL C 310 -17.96 12.37 -5.60
N GLY C 311 -16.98 12.49 -4.73
CA GLY C 311 -15.91 11.52 -4.66
C GLY C 311 -16.38 10.09 -4.43
N ALA C 312 -17.42 9.92 -3.63
CA ALA C 312 -17.86 8.59 -3.30
C ALA C 312 -18.49 7.98 -4.54
N SER C 313 -18.95 8.89 -5.40
CA SER C 313 -19.71 8.56 -6.60
C SER C 313 -18.78 8.19 -7.73
N GLU C 314 -17.72 9.02 -7.88
CA GLU C 314 -16.63 8.78 -8.80
C GLU C 314 -16.05 7.44 -8.42
N GLN C 315 -15.87 7.23 -7.12
CA GLN C 315 -15.35 5.94 -6.67
C GLN C 315 -16.20 4.77 -7.19
N LEU C 316 -17.52 4.95 -7.10
CA LEU C 316 -18.49 4.00 -7.60
C LEU C 316 -18.35 3.75 -9.11
N GLU C 317 -18.20 4.81 -9.90
CA GLU C 317 -17.99 4.63 -11.33
C GLU C 317 -16.75 3.79 -11.54
N SER C 318 -15.70 4.10 -10.77
CA SER C 318 -14.45 3.35 -10.80
C SER C 318 -14.70 1.88 -10.52
N ALA C 319 -15.74 1.62 -9.74
CA ALA C 319 -16.08 0.25 -9.38
C ALA C 319 -16.73 -0.53 -10.53
N HIS C 320 -17.71 0.07 -11.22
CA HIS C 320 -18.34 -0.57 -12.39
C HIS C 320 -17.21 -0.85 -13.38
N ARG C 321 -16.40 0.17 -13.67
CA ARG C 321 -15.32 0.02 -14.66
C ARG C 321 -14.41 -1.15 -14.32
N SER C 322 -14.09 -1.27 -13.02
CA SER C 322 -13.34 -2.42 -12.55
C SER C 322 -14.12 -3.74 -12.75
N VAL C 323 -15.42 -3.77 -12.42
CA VAL C 323 -16.19 -5.00 -12.58
C VAL C 323 -16.32 -5.37 -14.06
N VAL C 324 -16.44 -4.36 -14.92
CA VAL C 324 -16.51 -4.60 -16.36
C VAL C 324 -15.25 -5.32 -16.83
N GLN C 325 -14.10 -4.65 -16.67
CA GLN C 325 -12.83 -5.19 -17.13
C GLN C 325 -12.52 -6.53 -16.43
N THR C 326 -12.82 -6.68 -15.14
CA THR C 326 -12.50 -7.95 -14.50
C THR C 326 -13.35 -9.09 -15.08
N VAL C 327 -14.64 -8.82 -15.30
CA VAL C 327 -15.54 -9.83 -15.78
C VAL C 327 -15.20 -10.18 -17.22
N ARG C 328 -14.83 -9.18 -18.01
CA ARG C 328 -14.47 -9.48 -19.38
C ARG C 328 -13.12 -10.21 -19.44
N SER C 329 -12.05 -9.54 -19.04
CA SER C 329 -10.75 -10.19 -18.95
C SER C 329 -10.86 -11.60 -18.41
N SER C 330 -11.72 -11.81 -17.44
CA SER C 330 -11.81 -13.13 -16.83
C SER C 330 -12.48 -14.18 -17.78
N PHE C 331 -13.50 -13.74 -18.53
CA PHE C 331 -14.13 -14.52 -19.60
C PHE C 331 -13.15 -14.78 -20.74
N ASN C 332 -12.60 -13.70 -21.29
CA ASN C 332 -11.51 -13.76 -22.25
C ASN C 332 -10.49 -14.84 -21.88
N ASN C 333 -10.05 -14.81 -20.63
CA ASN C 333 -8.97 -15.70 -20.19
C ASN C 333 -9.35 -17.18 -20.12
N ILE C 334 -10.55 -17.48 -19.63
CA ILE C 334 -11.00 -18.87 -19.62
C ILE C 334 -11.11 -19.49 -21.03
N ASN C 335 -11.50 -18.67 -22.01
CA ASN C 335 -11.59 -19.06 -23.41
C ASN C 335 -10.20 -19.31 -24.03
N ALA C 336 -9.29 -18.42 -23.73
CA ALA C 336 -7.96 -18.61 -24.28
C ALA C 336 -7.34 -19.81 -23.58
N SER C 337 -7.84 -20.12 -22.40
CA SER C 337 -7.31 -21.21 -21.62
C SER C 337 -7.84 -22.57 -22.15
N ILE C 338 -9.04 -22.55 -22.72
CA ILE C 338 -9.63 -23.76 -23.26
C ILE C 338 -8.89 -24.05 -24.57
N SER C 339 -8.83 -23.03 -25.43
CA SER C 339 -8.14 -23.10 -26.70
C SER C 339 -6.66 -23.41 -26.54
N SER C 340 -6.19 -23.36 -25.30
CA SER C 340 -4.79 -23.58 -25.01
C SER C 340 -4.61 -25.02 -24.60
N ILE C 341 -5.48 -25.49 -23.72
CA ILE C 341 -5.44 -26.88 -23.31
C ILE C 341 -5.54 -27.76 -24.57
N ASN C 342 -6.24 -27.26 -25.59
CA ASN C 342 -6.41 -28.00 -26.84
C ASN C 342 -5.11 -28.08 -27.64
N ALA C 343 -4.50 -26.93 -27.86
CA ALA C 343 -3.24 -26.84 -28.60
C ALA C 343 -2.10 -27.63 -27.96
N TYR C 344 -1.94 -27.54 -26.65
CA TYR C 344 -0.91 -28.31 -25.95
C TYR C 344 -1.28 -29.80 -25.89
N LYS C 345 -2.57 -30.10 -25.89
CA LYS C 345 -3.05 -31.48 -25.93
C LYS C 345 -2.53 -32.16 -27.19
N GLN C 346 -2.44 -31.38 -28.28
CA GLN C 346 -1.99 -31.90 -29.56
C GLN C 346 -0.48 -31.87 -29.73
N ALA C 347 0.16 -30.85 -29.17
CA ALA C 347 1.61 -30.69 -29.28
C ALA C 347 2.34 -31.78 -28.53
N VAL C 348 1.65 -32.40 -27.57
CA VAL C 348 2.21 -33.52 -26.83
C VAL C 348 2.19 -34.75 -27.73
N VAL C 349 1.07 -34.94 -28.43
CA VAL C 349 0.94 -36.03 -29.40
C VAL C 349 2.02 -35.93 -30.48
N SER C 350 2.17 -34.74 -31.04
CA SER C 350 3.22 -34.47 -32.01
C SER C 350 4.61 -34.75 -31.45
N ALA C 351 4.92 -34.12 -30.31
CA ALA C 351 6.23 -34.27 -29.67
C ALA C 351 6.54 -35.73 -29.37
N GLN C 352 5.48 -36.54 -29.25
CA GLN C 352 5.61 -37.96 -28.91
C GLN C 352 5.99 -38.83 -30.11
N SER C 353 5.23 -38.69 -31.20
CA SER C 353 5.53 -39.42 -32.43
C SER C 353 6.80 -38.90 -33.08
N SER C 354 7.08 -37.61 -32.87
CA SER C 354 8.32 -37.01 -33.34
C SER C 354 9.53 -37.57 -32.59
N LEU C 355 9.38 -37.85 -31.30
CA LEU C 355 10.45 -38.49 -30.55
C LEU C 355 10.61 -39.93 -31.01
N ASP C 356 9.52 -40.70 -30.94
CA ASP C 356 9.51 -42.09 -31.38
C ASP C 356 10.27 -42.30 -32.69
N ALA C 357 10.15 -41.34 -33.60
CA ALA C 357 10.82 -41.40 -34.90
C ALA C 357 12.33 -41.30 -34.76
N MET C 358 12.80 -40.29 -34.02
CA MET C 358 14.22 -40.02 -33.89
C MET C 358 14.93 -40.86 -32.83
N GLU C 359 14.21 -41.80 -32.23
CA GLU C 359 14.86 -42.83 -31.40
C GLU C 359 15.18 -44.03 -32.31
N ALA C 360 14.26 -44.32 -33.23
CA ALA C 360 14.50 -45.31 -34.26
C ALA C 360 15.60 -44.81 -35.21
N GLY C 361 15.54 -43.53 -35.56
CA GLY C 361 16.50 -42.93 -36.45
C GLY C 361 17.94 -42.90 -35.95
N PHE C 362 18.13 -42.67 -34.66
CA PHE C 362 19.46 -42.53 -34.08
C PHE C 362 20.16 -43.87 -33.83
N SER C 363 19.39 -44.86 -33.39
CA SER C 363 19.92 -46.21 -33.13
C SER C 363 20.25 -46.96 -34.43
N VAL C 364 19.96 -46.32 -35.57
CA VAL C 364 20.30 -46.88 -36.86
C VAL C 364 20.84 -45.82 -37.82
N GLY C 365 21.81 -45.04 -37.34
CA GLY C 365 22.55 -44.08 -38.17
C GLY C 365 21.87 -42.81 -38.67
N THR C 366 20.54 -42.86 -38.84
CA THR C 366 19.78 -41.81 -39.52
C THR C 366 19.89 -40.39 -38.92
N SER C 367 19.60 -40.25 -37.63
CA SER C 367 19.68 -38.94 -36.99
C SER C 367 20.51 -39.00 -35.70
N THR C 368 21.14 -37.89 -35.35
CA THR C 368 22.06 -37.85 -34.21
C THR C 368 21.35 -38.10 -32.89
N ILE C 369 22.13 -38.09 -31.82
CA ILE C 369 21.57 -38.11 -30.50
C ILE C 369 21.11 -36.70 -30.15
N VAL C 370 21.74 -35.71 -30.79
CA VAL C 370 21.36 -34.31 -30.62
C VAL C 370 20.06 -34.01 -31.39
N ASP C 371 19.61 -35.00 -32.16
CA ASP C 371 18.27 -34.94 -32.75
C ASP C 371 17.31 -35.58 -31.75
N VAL C 372 17.78 -36.64 -31.09
CA VAL C 372 16.96 -37.39 -30.14
C VAL C 372 16.78 -36.69 -28.78
N LEU C 373 17.78 -35.93 -28.37
CA LEU C 373 17.67 -35.19 -27.11
C LEU C 373 16.65 -34.06 -27.22
N ASP C 374 16.84 -33.19 -28.21
CA ASP C 374 15.91 -32.09 -28.48
C ASP C 374 14.45 -32.58 -28.56
N ALA C 375 14.21 -33.59 -29.38
CA ALA C 375 12.87 -34.13 -29.55
C ALA C 375 12.30 -34.64 -28.23
N THR C 376 13.19 -35.12 -27.36
CA THR C 376 12.81 -35.58 -26.02
C THR C 376 12.50 -34.38 -25.13
N THR C 377 13.49 -33.50 -25.00
CA THR C 377 13.30 -32.23 -24.30
C THR C 377 11.99 -31.58 -24.73
N THR C 378 11.75 -31.51 -26.03
CA THR C 378 10.53 -30.90 -26.56
C THR C 378 9.25 -31.57 -26.05
N LEU C 379 9.23 -32.90 -26.02
CA LEU C 379 8.06 -33.63 -25.50
C LEU C 379 7.71 -33.22 -24.08
N TYR C 380 8.69 -33.29 -23.19
CA TYR C 380 8.48 -33.00 -21.78
C TYR C 380 8.10 -31.54 -21.52
N ASN C 381 8.45 -30.64 -22.44
CA ASN C 381 8.00 -29.26 -22.36
C ASN C 381 6.51 -29.13 -22.68
N ALA C 382 6.04 -29.76 -23.73
CA ALA C 382 4.61 -29.80 -23.98
C ALA C 382 3.92 -30.59 -22.86
N LYS C 383 4.59 -31.60 -22.34
CA LYS C 383 4.04 -32.41 -21.24
C LYS C 383 3.71 -31.53 -20.03
N GLN C 384 4.63 -30.62 -19.72
CA GLN C 384 4.50 -29.69 -18.61
C GLN C 384 3.51 -28.60 -18.95
N GLU C 385 3.83 -27.85 -20.00
CA GLU C 385 3.02 -26.77 -20.50
C GLU C 385 1.53 -27.14 -20.54
N LEU C 386 1.25 -28.40 -20.85
CA LEU C 386 -0.12 -28.92 -20.83
C LEU C 386 -0.72 -28.94 -19.42
N ALA C 387 -0.14 -29.75 -18.53
CA ALA C 387 -0.69 -29.91 -17.18
C ALA C 387 -0.75 -28.59 -16.46
N ASN C 388 0.21 -27.72 -16.76
CA ASN C 388 0.17 -26.38 -16.24
C ASN C 388 -1.06 -25.63 -16.76
N ALA C 389 -1.29 -25.68 -18.06
CA ALA C 389 -2.43 -24.98 -18.65
C ALA C 389 -3.74 -25.47 -18.07
N ARG C 390 -3.81 -26.75 -17.73
CA ARG C 390 -5.02 -27.29 -17.13
C ARG C 390 -5.34 -26.61 -15.81
N TYR C 391 -4.35 -26.55 -14.93
CA TYR C 391 -4.53 -25.89 -13.65
C TYR C 391 -5.03 -24.46 -13.87
N ASN C 392 -4.41 -23.70 -14.77
CA ASN C 392 -4.83 -22.32 -15.02
C ASN C 392 -6.32 -22.20 -15.38
N TYR C 393 -6.82 -23.17 -16.13
CA TYR C 393 -8.23 -23.22 -16.47
C TYR C 393 -9.07 -23.37 -15.19
N LEU C 394 -8.69 -24.34 -14.36
CA LEU C 394 -9.32 -24.50 -13.05
C LEU C 394 -9.36 -23.20 -12.22
N ILE C 395 -8.21 -22.56 -12.07
CA ILE C 395 -8.11 -21.32 -11.32
C ILE C 395 -8.85 -20.18 -12.01
N ASN C 396 -8.96 -20.24 -13.33
CA ASN C 396 -9.66 -19.21 -14.08
C ASN C 396 -11.17 -19.35 -13.97
N GLN C 397 -11.62 -20.55 -13.62
CA GLN C 397 -13.06 -20.77 -13.38
C GLN C 397 -13.45 -20.09 -12.07
N LEU C 398 -12.46 -20.02 -11.18
CA LEU C 398 -12.65 -19.55 -9.85
C LEU C 398 -12.62 -18.04 -9.91
N ASN C 399 -11.76 -17.47 -10.76
CA ASN C 399 -11.74 -16.02 -10.95
C ASN C 399 -13.05 -15.49 -11.49
N ILE C 400 -13.73 -16.24 -12.37
CA ILE C 400 -15.03 -15.78 -12.87
C ILE C 400 -15.97 -15.69 -11.69
N LYS C 401 -15.91 -16.67 -10.81
CA LYS C 401 -16.81 -16.68 -9.67
C LYS C 401 -16.55 -15.51 -8.72
N SER C 402 -15.27 -15.17 -8.53
CA SER C 402 -14.90 -14.01 -7.72
C SER C 402 -15.43 -12.74 -8.37
N ALA C 403 -15.13 -12.53 -9.64
CA ALA C 403 -15.65 -11.37 -10.36
C ALA C 403 -17.16 -11.32 -10.30
N LEU C 404 -17.80 -12.49 -10.31
CA LEU C 404 -19.25 -12.55 -10.11
C LEU C 404 -19.71 -12.20 -8.68
N GLY C 405 -18.87 -12.48 -7.68
CA GLY C 405 -19.24 -12.33 -6.28
C GLY C 405 -19.94 -13.54 -5.69
N THR C 406 -19.88 -14.65 -6.41
CA THR C 406 -20.55 -15.86 -5.97
C THR C 406 -19.58 -16.93 -5.45
N LEU C 407 -18.28 -16.70 -5.61
CA LEU C 407 -17.30 -17.67 -5.11
C LEU C 407 -17.63 -18.17 -3.70
N ASN C 408 -17.87 -19.47 -3.58
CA ASN C 408 -18.30 -20.06 -2.33
C ASN C 408 -17.84 -21.50 -2.21
N GLU C 409 -18.23 -22.17 -1.13
CA GLU C 409 -17.74 -23.51 -0.82
C GLU C 409 -18.10 -24.56 -1.88
N GLN C 410 -19.26 -24.38 -2.52
CA GLN C 410 -19.75 -25.34 -3.52
C GLN C 410 -18.88 -25.35 -4.77
N ASP C 411 -18.37 -24.19 -5.15
CA ASP C 411 -17.46 -24.07 -6.28
C ASP C 411 -16.21 -24.94 -6.04
N LEU C 412 -15.80 -25.00 -4.78
CA LEU C 412 -14.72 -25.90 -4.37
C LEU C 412 -15.14 -27.37 -4.34
N LEU C 413 -16.33 -27.67 -3.80
CA LEU C 413 -16.82 -29.05 -3.73
C LEU C 413 -16.85 -29.72 -5.09
N ALA C 414 -17.28 -28.98 -6.11
CA ALA C 414 -17.37 -29.51 -7.46
C ALA C 414 -16.00 -29.77 -8.07
N LEU C 415 -15.08 -28.85 -7.79
CA LEU C 415 -13.72 -28.92 -8.30
C LEU C 415 -12.97 -30.08 -7.63
N ASN C 416 -13.42 -30.43 -6.43
CA ASN C 416 -12.88 -31.55 -5.69
C ASN C 416 -13.12 -32.86 -6.42
N ASN C 417 -14.32 -32.97 -6.99
CA ASN C 417 -14.74 -34.18 -7.68
C ASN C 417 -13.88 -34.51 -8.89
N ALA C 418 -13.20 -33.50 -9.42
CA ALA C 418 -12.42 -33.67 -10.65
C ALA C 418 -10.95 -34.01 -10.38
N LEU C 419 -10.65 -34.39 -9.15
CA LEU C 419 -9.33 -34.90 -8.80
C LEU C 419 -9.52 -36.10 -7.87
N SER C 420 -8.54 -36.99 -7.82
CA SER C 420 -8.72 -38.21 -7.05
C SER C 420 -7.43 -38.91 -6.62
N LYS C 421 -6.46 -38.98 -7.52
CA LYS C 421 -5.25 -39.73 -7.24
C LYS C 421 -4.39 -39.03 -6.20
N PRO C 422 -4.19 -39.68 -5.03
CA PRO C 422 -3.33 -39.14 -3.98
C PRO C 422 -1.85 -39.14 -4.35
N VAL C 423 -1.28 -37.94 -4.49
CA VAL C 423 0.11 -37.77 -4.91
C VAL C 423 0.94 -37.28 -3.74
N SER C 424 2.18 -37.73 -3.65
CA SER C 424 3.06 -37.33 -2.55
C SER C 424 3.60 -35.91 -2.74
N THR C 425 3.72 -35.14 -1.63
CA THR C 425 4.24 -33.77 -1.69
C THR C 425 5.73 -33.72 -1.34
N ASN C 426 6.30 -34.88 -1.07
CA ASN C 426 7.71 -35.01 -0.69
C ASN C 426 8.42 -36.18 -1.39
N PRO C 427 8.31 -36.27 -2.73
CA PRO C 427 8.86 -37.39 -3.49
C PRO C 427 10.32 -37.64 -3.16
N GLU C 428 10.67 -38.92 -2.96
CA GLU C 428 12.05 -39.31 -2.74
C GLU C 428 12.84 -39.14 -4.02
CL CL D . -22.14 2.41 31.12
C1B LMT E . -2.39 35.76 5.77
C2B LMT E . -0.93 36.23 5.87
C3B LMT E . -0.11 35.24 6.03
C4B LMT E . -0.63 34.21 7.19
C5B LMT E . -2.05 33.53 6.78
C6B LMT E . -3.03 33.57 8.05
O1B LMT E . -3.01 36.24 4.78
O2B LMT E . -0.54 37.09 4.69
O3B LMT E . 1.29 35.71 6.24
O4' LMT E . 0.24 33.30 7.47
O5B LMT E . -2.68 34.37 5.85
O6B LMT E . -4.34 33.22 7.83
C1' LMT E . -7.28 37.12 4.66
C2' LMT E . -6.30 37.85 5.71
C3' LMT E . -4.82 37.68 5.56
C4' LMT E . -4.43 36.36 5.16
C5' LMT E . -5.31 35.65 4.12
C6' LMT E . -5.09 34.28 4.51
O1' LMT E . -8.63 37.00 5.15
O2' LMT E . -6.61 39.24 5.91
O3' LMT E . -4.17 38.05 6.84
O5' LMT E . -6.82 35.88 4.14
O6' LMT E . -4.82 34.15 5.89
C1 LMT E . -9.73 37.15 4.25
C2 LMT E . -11.06 37.74 4.78
C3 LMT E . -12.25 36.82 5.10
C4 LMT E . -13.59 37.04 4.37
C5 LMT E . -14.64 35.92 4.43
C6 LMT E . -14.67 34.86 3.32
C7 LMT E . -15.43 35.13 2.04
C8 LMT E . -14.92 34.48 0.76
C9 LMT E . -15.30 35.04 -0.61
C10 LMT E . -15.14 36.53 -0.88
C11 LMT E . -15.59 37.07 -2.22
C12 LMT E . -15.93 38.56 -2.31
CL CL F . 3.69 23.21 29.85
CL CL G . -23.19 28.67 10.34
#